data_1RLH
# 
_entry.id   1RLH 
# 
_audit_conform.dict_name       mmcif_pdbx.dic 
_audit_conform.dict_version    5.386 
_audit_conform.dict_location   http://mmcif.pdb.org/dictionaries/ascii/mmcif_pdbx.dic 
# 
loop_
_database_2.database_id 
_database_2.database_code 
_database_2.pdbx_database_accession 
_database_2.pdbx_DOI 
PDB   1RLH         pdb_00001rlh 10.2210/pdb1rlh/pdb 
RCSB  RCSB020862   ?            ?                   
WWPDB D_1000020862 ?            ?                   
# 
loop_
_pdbx_audit_revision_history.ordinal 
_pdbx_audit_revision_history.data_content_type 
_pdbx_audit_revision_history.major_revision 
_pdbx_audit_revision_history.minor_revision 
_pdbx_audit_revision_history.revision_date 
1 'Structure model' 1 0 2004-05-04 
2 'Structure model' 1 1 2008-04-29 
3 'Structure model' 1 2 2011-07-13 
4 'Structure model' 1 3 2024-02-14 
# 
_pdbx_audit_revision_details.ordinal             1 
_pdbx_audit_revision_details.revision_ordinal    1 
_pdbx_audit_revision_details.data_content_type   'Structure model' 
_pdbx_audit_revision_details.provider            repository 
_pdbx_audit_revision_details.type                'Initial release' 
_pdbx_audit_revision_details.description         ? 
_pdbx_audit_revision_details.details             ? 
# 
loop_
_pdbx_audit_revision_group.ordinal 
_pdbx_audit_revision_group.revision_ordinal 
_pdbx_audit_revision_group.data_content_type 
_pdbx_audit_revision_group.group 
1 2 'Structure model' 'Version format compliance' 
2 3 'Structure model' 'Derived calculations'      
3 3 'Structure model' 'Version format compliance' 
4 4 'Structure model' 'Data collection'           
5 4 'Structure model' 'Database references'       
6 4 'Structure model' 'Derived calculations'      
# 
loop_
_pdbx_audit_revision_category.ordinal 
_pdbx_audit_revision_category.revision_ordinal 
_pdbx_audit_revision_category.data_content_type 
_pdbx_audit_revision_category.category 
1 4 'Structure model' chem_comp_atom         
2 4 'Structure model' chem_comp_bond         
3 4 'Structure model' database_2             
4 4 'Structure model' pdbx_struct_conn_angle 
5 4 'Structure model' struct_conn            
6 4 'Structure model' struct_ref_seq_dif     
7 4 'Structure model' struct_sheet           
8 4 'Structure model' struct_site            
# 
loop_
_pdbx_audit_revision_item.ordinal 
_pdbx_audit_revision_item.revision_ordinal 
_pdbx_audit_revision_item.data_content_type 
_pdbx_audit_revision_item.item 
1  4 'Structure model' '_database_2.pdbx_DOI'                        
2  4 'Structure model' '_database_2.pdbx_database_accession'         
3  4 'Structure model' '_pdbx_struct_conn_angle.ptnr1_auth_comp_id'  
4  4 'Structure model' '_pdbx_struct_conn_angle.ptnr1_auth_seq_id'   
5  4 'Structure model' '_pdbx_struct_conn_angle.ptnr1_label_asym_id' 
6  4 'Structure model' '_pdbx_struct_conn_angle.ptnr1_label_comp_id' 
7  4 'Structure model' '_pdbx_struct_conn_angle.ptnr1_label_seq_id'  
8  4 'Structure model' '_pdbx_struct_conn_angle.ptnr1_symmetry'      
9  4 'Structure model' '_pdbx_struct_conn_angle.ptnr3_auth_comp_id'  
10 4 'Structure model' '_pdbx_struct_conn_angle.ptnr3_auth_seq_id'   
11 4 'Structure model' '_pdbx_struct_conn_angle.ptnr3_label_asym_id' 
12 4 'Structure model' '_pdbx_struct_conn_angle.ptnr3_label_comp_id' 
13 4 'Structure model' '_pdbx_struct_conn_angle.ptnr3_label_seq_id'  
14 4 'Structure model' '_pdbx_struct_conn_angle.ptnr3_symmetry'      
15 4 'Structure model' '_pdbx_struct_conn_angle.value'               
16 4 'Structure model' '_struct_conn.pdbx_dist_value'                
17 4 'Structure model' '_struct_conn.ptnr1_auth_comp_id'             
18 4 'Structure model' '_struct_conn.ptnr1_auth_seq_id'              
19 4 'Structure model' '_struct_conn.ptnr1_label_asym_id'            
20 4 'Structure model' '_struct_conn.ptnr1_label_atom_id'            
21 4 'Structure model' '_struct_conn.ptnr1_label_comp_id'            
22 4 'Structure model' '_struct_conn.ptnr1_label_seq_id'             
23 4 'Structure model' '_struct_conn.ptnr1_symmetry'                 
24 4 'Structure model' '_struct_conn.ptnr2_auth_comp_id'             
25 4 'Structure model' '_struct_conn.ptnr2_auth_seq_id'              
26 4 'Structure model' '_struct_conn.ptnr2_label_asym_id'            
27 4 'Structure model' '_struct_conn.ptnr2_label_atom_id'            
28 4 'Structure model' '_struct_conn.ptnr2_label_comp_id'            
29 4 'Structure model' '_struct_conn.ptnr2_label_seq_id'             
30 4 'Structure model' '_struct_conn.ptnr2_symmetry'                 
31 4 'Structure model' '_struct_ref_seq_dif.details'                 
32 4 'Structure model' '_struct_sheet.number_strands'                
33 4 'Structure model' '_struct_site.pdbx_auth_asym_id'              
34 4 'Structure model' '_struct_site.pdbx_auth_comp_id'              
35 4 'Structure model' '_struct_site.pdbx_auth_seq_id'               
# 
_pdbx_database_status.status_code                     REL 
_pdbx_database_status.entry_id                        1RLH 
_pdbx_database_status.recvd_initial_deposition_date   2003-11-25 
_pdbx_database_status.deposit_site                    RCSB 
_pdbx_database_status.process_site                    RCSB 
_pdbx_database_status.SG_entry                        Y 
_pdbx_database_status.status_code_sf                  REL 
_pdbx_database_status.pdb_format_compatible           Y 
_pdbx_database_status.status_code_mr                  ? 
_pdbx_database_status.status_code_cs                  ? 
_pdbx_database_status.status_code_nmr_data            ? 
_pdbx_database_status.methods_development_category    ? 
# 
_pdbx_database_related.db_name        TargetDB 
_pdbx_database_related.db_id          APC5510 
_pdbx_database_related.details        . 
_pdbx_database_related.content_type   unspecified 
# 
loop_
_audit_author.name 
_audit_author.pdbx_ordinal 
'Cuff, M.E.'                                    1 
'Xu, X.'                                        2 
'Savchenko, A.'                                 3 
'Edwards, A.'                                   4 
'Joachimiak, A.'                                5 
'Midwest Center for Structural Genomics (MCSG)' 6 
# 
_citation.id                        primary 
_citation.title                     'Structure of a conserved protein from T. acidophilum' 
_citation.journal_abbrev            'To be Published' 
_citation.journal_volume            ? 
_citation.page_first                ? 
_citation.page_last                 ? 
_citation.year                      ? 
_citation.journal_id_ASTM           ? 
_citation.country                   ? 
_citation.journal_id_ISSN           ? 
_citation.journal_id_CSD            0353 
_citation.book_publisher            ? 
_citation.pdbx_database_id_PubMed   ? 
_citation.pdbx_database_id_DOI      ? 
# 
loop_
_citation_author.citation_id 
_citation_author.name 
_citation_author.ordinal 
_citation_author.identifier_ORCID 
primary 'Cuff, M.E.'     1 ? 
primary 'Xu, X.'         2 ? 
primary 'Savchenko, A.'  3 ? 
primary 'Edwards, A.'    4 ? 
primary 'Joachimiak, A.' 5 ? 
# 
loop_
_entity.id 
_entity.type 
_entity.src_method 
_entity.pdbx_description 
_entity.formula_weight 
_entity.pdbx_number_of_molecules 
_entity.pdbx_ec 
_entity.pdbx_mutation 
_entity.pdbx_fragment 
_entity.details 
1 polymer     man 'conserved hypothetical protein' 19116.742 1   ? ? ? ? 
2 non-polymer syn 'SODIUM ION'                     22.990    1   ? ? ? ? 
3 water       nat water                            18.015    238 ? ? ? ? 
# 
_entity_poly.entity_id                      1 
_entity_poly.type                           'polypeptide(L)' 
_entity_poly.nstd_linkage                   no 
_entity_poly.nstd_monomer                   no 
_entity_poly.pdbx_seq_one_letter_code       
;MGSSHHHHHHSSGLVPRGSHMVIPAEANIIVGYSHFIKTVEDLNEIIRTHVPGSKYGIGFSEASGDRLIRYDGNDDDLVK
ACIENIRRISAGHTFVILIRNAYPINILNAVKMCQEVGSIFAATANPLQIIVYKGERGNGVLGVIDGYSPVGVESDADIE
KRRQFLRRIGYKE
;
_entity_poly.pdbx_seq_one_letter_code_can   
;MGSSHHHHHHSSGLVPRGSHMVIPAEANIIVGYSHFIKTVEDLNEIIRTHVPGSKYGIGFSEASGDRLIRYDGNDDDLVK
ACIENIRRISAGHTFVILIRNAYPINILNAVKMCQEVGSIFAATANPLQIIVYKGERGNGVLGVIDGYSPVGVESDADIE
KRRQFLRRIGYKE
;
_entity_poly.pdbx_strand_id                 A 
_entity_poly.pdbx_target_identifier         APC5510 
# 
loop_
_pdbx_entity_nonpoly.entity_id 
_pdbx_entity_nonpoly.name 
_pdbx_entity_nonpoly.comp_id 
2 'SODIUM ION' NA  
3 water        HOH 
# 
loop_
_entity_poly_seq.entity_id 
_entity_poly_seq.num 
_entity_poly_seq.mon_id 
_entity_poly_seq.hetero 
1 1   MET n 
1 2   GLY n 
1 3   SER n 
1 4   SER n 
1 5   HIS n 
1 6   HIS n 
1 7   HIS n 
1 8   HIS n 
1 9   HIS n 
1 10  HIS n 
1 11  SER n 
1 12  SER n 
1 13  GLY n 
1 14  LEU n 
1 15  VAL n 
1 16  PRO n 
1 17  ARG n 
1 18  GLY n 
1 19  SER n 
1 20  HIS n 
1 21  MET n 
1 22  VAL n 
1 23  ILE n 
1 24  PRO n 
1 25  ALA n 
1 26  GLU n 
1 27  ALA n 
1 28  ASN n 
1 29  ILE n 
1 30  ILE n 
1 31  VAL n 
1 32  GLY n 
1 33  TYR n 
1 34  SER n 
1 35  HIS n 
1 36  PHE n 
1 37  ILE n 
1 38  LYS n 
1 39  THR n 
1 40  VAL n 
1 41  GLU n 
1 42  ASP n 
1 43  LEU n 
1 44  ASN n 
1 45  GLU n 
1 46  ILE n 
1 47  ILE n 
1 48  ARG n 
1 49  THR n 
1 50  HIS n 
1 51  VAL n 
1 52  PRO n 
1 53  GLY n 
1 54  SER n 
1 55  LYS n 
1 56  TYR n 
1 57  GLY n 
1 58  ILE n 
1 59  GLY n 
1 60  PHE n 
1 61  SER n 
1 62  GLU n 
1 63  ALA n 
1 64  SER n 
1 65  GLY n 
1 66  ASP n 
1 67  ARG n 
1 68  LEU n 
1 69  ILE n 
1 70  ARG n 
1 71  TYR n 
1 72  ASP n 
1 73  GLY n 
1 74  ASN n 
1 75  ASP n 
1 76  ASP n 
1 77  ASP n 
1 78  LEU n 
1 79  VAL n 
1 80  LYS n 
1 81  ALA n 
1 82  CYS n 
1 83  ILE n 
1 84  GLU n 
1 85  ASN n 
1 86  ILE n 
1 87  ARG n 
1 88  ARG n 
1 89  ILE n 
1 90  SER n 
1 91  ALA n 
1 92  GLY n 
1 93  HIS n 
1 94  THR n 
1 95  PHE n 
1 96  VAL n 
1 97  ILE n 
1 98  LEU n 
1 99  ILE n 
1 100 ARG n 
1 101 ASN n 
1 102 ALA n 
1 103 TYR n 
1 104 PRO n 
1 105 ILE n 
1 106 ASN n 
1 107 ILE n 
1 108 LEU n 
1 109 ASN n 
1 110 ALA n 
1 111 VAL n 
1 112 LYS n 
1 113 MET n 
1 114 CYS n 
1 115 GLN n 
1 116 GLU n 
1 117 VAL n 
1 118 GLY n 
1 119 SER n 
1 120 ILE n 
1 121 PHE n 
1 122 ALA n 
1 123 ALA n 
1 124 THR n 
1 125 ALA n 
1 126 ASN n 
1 127 PRO n 
1 128 LEU n 
1 129 GLN n 
1 130 ILE n 
1 131 ILE n 
1 132 VAL n 
1 133 TYR n 
1 134 LYS n 
1 135 GLY n 
1 136 GLU n 
1 137 ARG n 
1 138 GLY n 
1 139 ASN n 
1 140 GLY n 
1 141 VAL n 
1 142 LEU n 
1 143 GLY n 
1 144 VAL n 
1 145 ILE n 
1 146 ASP n 
1 147 GLY n 
1 148 TYR n 
1 149 SER n 
1 150 PRO n 
1 151 VAL n 
1 152 GLY n 
1 153 VAL n 
1 154 GLU n 
1 155 SER n 
1 156 ASP n 
1 157 ALA n 
1 158 ASP n 
1 159 ILE n 
1 160 GLU n 
1 161 LYS n 
1 162 ARG n 
1 163 ARG n 
1 164 GLN n 
1 165 PHE n 
1 166 LEU n 
1 167 ARG n 
1 168 ARG n 
1 169 ILE n 
1 170 GLY n 
1 171 TYR n 
1 172 LYS n 
1 173 GLU n 
# 
_entity_src_gen.entity_id                          1 
_entity_src_gen.pdbx_src_id                        1 
_entity_src_gen.pdbx_alt_source_flag               sample 
_entity_src_gen.pdbx_seq_type                      ? 
_entity_src_gen.pdbx_beg_seq_num                   ? 
_entity_src_gen.pdbx_end_seq_num                   ? 
_entity_src_gen.gene_src_common_name               ? 
_entity_src_gen.gene_src_genus                     Thermoplasma 
_entity_src_gen.pdbx_gene_src_gene                 CAC12474 
_entity_src_gen.gene_src_species                   ? 
_entity_src_gen.gene_src_strain                    ? 
_entity_src_gen.gene_src_tissue                    ? 
_entity_src_gen.gene_src_tissue_fraction           ? 
_entity_src_gen.gene_src_details                   ? 
_entity_src_gen.pdbx_gene_src_fragment             ? 
_entity_src_gen.pdbx_gene_src_scientific_name      'Thermoplasma acidophilum' 
_entity_src_gen.pdbx_gene_src_ncbi_taxonomy_id     2303 
_entity_src_gen.pdbx_gene_src_variant              ? 
_entity_src_gen.pdbx_gene_src_cell_line            ? 
_entity_src_gen.pdbx_gene_src_atcc                 ? 
_entity_src_gen.pdbx_gene_src_organ                ? 
_entity_src_gen.pdbx_gene_src_organelle            ? 
_entity_src_gen.pdbx_gene_src_cell                 ? 
_entity_src_gen.pdbx_gene_src_cellular_location    ? 
_entity_src_gen.host_org_common_name               ? 
_entity_src_gen.pdbx_host_org_scientific_name      'Escherichia coli' 
_entity_src_gen.pdbx_host_org_ncbi_taxonomy_id     562 
_entity_src_gen.host_org_genus                     Escherichia 
_entity_src_gen.pdbx_host_org_gene                 ? 
_entity_src_gen.pdbx_host_org_organ                ? 
_entity_src_gen.host_org_species                   ? 
_entity_src_gen.pdbx_host_org_tissue               ? 
_entity_src_gen.pdbx_host_org_tissue_fraction      ? 
_entity_src_gen.pdbx_host_org_strain               ? 
_entity_src_gen.pdbx_host_org_variant              ? 
_entity_src_gen.pdbx_host_org_cell_line            ? 
_entity_src_gen.pdbx_host_org_atcc                 ? 
_entity_src_gen.pdbx_host_org_culture_collection   ? 
_entity_src_gen.pdbx_host_org_cell                 ? 
_entity_src_gen.pdbx_host_org_organelle            ? 
_entity_src_gen.pdbx_host_org_cellular_location    ? 
_entity_src_gen.pdbx_host_org_vector_type          ? 
_entity_src_gen.pdbx_host_org_vector               ? 
_entity_src_gen.host_org_details                   ? 
_entity_src_gen.expression_system_id               ? 
_entity_src_gen.plasmid_name                       ? 
_entity_src_gen.plasmid_details                    ? 
_entity_src_gen.pdbx_description                   ? 
# 
loop_
_chem_comp.id 
_chem_comp.type 
_chem_comp.mon_nstd_flag 
_chem_comp.name 
_chem_comp.pdbx_synonyms 
_chem_comp.formula 
_chem_comp.formula_weight 
ALA 'L-peptide linking' y ALANINE         ? 'C3 H7 N O2'     89.093  
ARG 'L-peptide linking' y ARGININE        ? 'C6 H15 N4 O2 1' 175.209 
ASN 'L-peptide linking' y ASPARAGINE      ? 'C4 H8 N2 O3'    132.118 
ASP 'L-peptide linking' y 'ASPARTIC ACID' ? 'C4 H7 N O4'     133.103 
CYS 'L-peptide linking' y CYSTEINE        ? 'C3 H7 N O2 S'   121.158 
GLN 'L-peptide linking' y GLUTAMINE       ? 'C5 H10 N2 O3'   146.144 
GLU 'L-peptide linking' y 'GLUTAMIC ACID' ? 'C5 H9 N O4'     147.129 
GLY 'peptide linking'   y GLYCINE         ? 'C2 H5 N O2'     75.067  
HIS 'L-peptide linking' y HISTIDINE       ? 'C6 H10 N3 O2 1' 156.162 
HOH non-polymer         . WATER           ? 'H2 O'           18.015  
ILE 'L-peptide linking' y ISOLEUCINE      ? 'C6 H13 N O2'    131.173 
LEU 'L-peptide linking' y LEUCINE         ? 'C6 H13 N O2'    131.173 
LYS 'L-peptide linking' y LYSINE          ? 'C6 H15 N2 O2 1' 147.195 
MET 'L-peptide linking' y METHIONINE      ? 'C5 H11 N O2 S'  149.211 
NA  non-polymer         . 'SODIUM ION'    ? 'Na 1'           22.990  
PHE 'L-peptide linking' y PHENYLALANINE   ? 'C9 H11 N O2'    165.189 
PRO 'L-peptide linking' y PROLINE         ? 'C5 H9 N O2'     115.130 
SER 'L-peptide linking' y SERINE          ? 'C3 H7 N O3'     105.093 
THR 'L-peptide linking' y THREONINE       ? 'C4 H9 N O3'     119.119 
TYR 'L-peptide linking' y TYROSINE        ? 'C9 H11 N O3'    181.189 
VAL 'L-peptide linking' y VALINE          ? 'C5 H11 N O2'    117.146 
# 
loop_
_pdbx_poly_seq_scheme.asym_id 
_pdbx_poly_seq_scheme.entity_id 
_pdbx_poly_seq_scheme.seq_id 
_pdbx_poly_seq_scheme.mon_id 
_pdbx_poly_seq_scheme.ndb_seq_num 
_pdbx_poly_seq_scheme.pdb_seq_num 
_pdbx_poly_seq_scheme.auth_seq_num 
_pdbx_poly_seq_scheme.pdb_mon_id 
_pdbx_poly_seq_scheme.auth_mon_id 
_pdbx_poly_seq_scheme.pdb_strand_id 
_pdbx_poly_seq_scheme.pdb_ins_code 
_pdbx_poly_seq_scheme.hetero 
A 1 1   MET 1   -19 ?   ?   ?   A . n 
A 1 2   GLY 2   -18 ?   ?   ?   A . n 
A 1 3   SER 3   -17 ?   ?   ?   A . n 
A 1 4   SER 4   -16 ?   ?   ?   A . n 
A 1 5   HIS 5   -15 -15 HIS HIS A . n 
A 1 6   HIS 6   -14 -14 HIS HIS A . n 
A 1 7   HIS 7   -13 -13 HIS HIS A . n 
A 1 8   HIS 8   -12 -12 HIS HIS A . n 
A 1 9   HIS 9   -11 -11 HIS HIS A . n 
A 1 10  HIS 10  -10 -10 HIS HIS A . n 
A 1 11  SER 11  -9  -9  SER SER A . n 
A 1 12  SER 12  -8  -8  SER SER A . n 
A 1 13  GLY 13  -7  -7  GLY GLY A . n 
A 1 14  LEU 14  -6  -6  LEU LEU A . n 
A 1 15  VAL 15  -5  -5  VAL VAL A . n 
A 1 16  PRO 16  -4  -4  PRO PRO A . n 
A 1 17  ARG 17  -3  -3  ARG ARG A . n 
A 1 18  GLY 18  -2  -2  GLY GLY A . n 
A 1 19  SER 19  -1  -1  SER SER A . n 
A 1 20  HIS 20  0   0   HIS HIS A . n 
A 1 21  MET 21  1   1   MET MET A . n 
A 1 22  VAL 22  2   2   VAL VAL A . n 
A 1 23  ILE 23  3   3   ILE ILE A . n 
A 1 24  PRO 24  4   4   PRO PRO A . n 
A 1 25  ALA 25  5   5   ALA ALA A . n 
A 1 26  GLU 26  6   6   GLU GLU A . n 
A 1 27  ALA 27  7   7   ALA ALA A . n 
A 1 28  ASN 28  8   8   ASN ASN A . n 
A 1 29  ILE 29  9   9   ILE ILE A . n 
A 1 30  ILE 30  10  10  ILE ILE A . n 
A 1 31  VAL 31  11  11  VAL VAL A . n 
A 1 32  GLY 32  12  12  GLY GLY A . n 
A 1 33  TYR 33  13  13  TYR TYR A . n 
A 1 34  SER 34  14  14  SER SER A . n 
A 1 35  HIS 35  15  15  HIS HIS A . n 
A 1 36  PHE 36  16  16  PHE PHE A . n 
A 1 37  ILE 37  17  17  ILE ILE A . n 
A 1 38  LYS 38  18  18  LYS LYS A . n 
A 1 39  THR 39  19  19  THR THR A . n 
A 1 40  VAL 40  20  20  VAL VAL A . n 
A 1 41  GLU 41  21  21  GLU GLU A . n 
A 1 42  ASP 42  22  22  ASP ASP A . n 
A 1 43  LEU 43  23  23  LEU LEU A . n 
A 1 44  ASN 44  24  24  ASN ASN A . n 
A 1 45  GLU 45  25  25  GLU GLU A . n 
A 1 46  ILE 46  26  26  ILE ILE A . n 
A 1 47  ILE 47  27  27  ILE ILE A . n 
A 1 48  ARG 48  28  28  ARG ARG A . n 
A 1 49  THR 49  29  29  THR THR A . n 
A 1 50  HIS 50  30  30  HIS HIS A . n 
A 1 51  VAL 51  31  31  VAL VAL A . n 
A 1 52  PRO 52  32  32  PRO PRO A . n 
A 1 53  GLY 53  33  33  GLY GLY A . n 
A 1 54  SER 54  34  34  SER SER A . n 
A 1 55  LYS 55  35  35  LYS LYS A . n 
A 1 56  TYR 56  36  36  TYR TYR A . n 
A 1 57  GLY 57  37  37  GLY GLY A . n 
A 1 58  ILE 58  38  38  ILE ILE A . n 
A 1 59  GLY 59  39  39  GLY GLY A . n 
A 1 60  PHE 60  40  40  PHE PHE A . n 
A 1 61  SER 61  41  41  SER SER A . n 
A 1 62  GLU 62  42  42  GLU GLU A . n 
A 1 63  ALA 63  43  43  ALA ALA A . n 
A 1 64  SER 64  44  44  SER SER A . n 
A 1 65  GLY 65  45  45  GLY GLY A . n 
A 1 66  ASP 66  46  46  ASP ASP A . n 
A 1 67  ARG 67  47  47  ARG ARG A . n 
A 1 68  LEU 68  48  48  LEU LEU A . n 
A 1 69  ILE 69  49  49  ILE ILE A . n 
A 1 70  ARG 70  50  50  ARG ARG A . n 
A 1 71  TYR 71  51  51  TYR TYR A . n 
A 1 72  ASP 72  52  52  ASP ASP A . n 
A 1 73  GLY 73  53  53  GLY GLY A . n 
A 1 74  ASN 74  54  54  ASN ASN A . n 
A 1 75  ASP 75  55  55  ASP ASP A . n 
A 1 76  ASP 76  56  56  ASP ASP A . n 
A 1 77  ASP 77  57  57  ASP ASP A . n 
A 1 78  LEU 78  58  58  LEU LEU A . n 
A 1 79  VAL 79  59  59  VAL VAL A . n 
A 1 80  LYS 80  60  60  LYS LYS A . n 
A 1 81  ALA 81  61  61  ALA ALA A . n 
A 1 82  CYS 82  62  62  CYS CYS A . n 
A 1 83  ILE 83  63  63  ILE ILE A . n 
A 1 84  GLU 84  64  64  GLU GLU A . n 
A 1 85  ASN 85  65  65  ASN ASN A . n 
A 1 86  ILE 86  66  66  ILE ILE A . n 
A 1 87  ARG 87  67  67  ARG ARG A . n 
A 1 88  ARG 88  68  68  ARG ARG A . n 
A 1 89  ILE 89  69  69  ILE ILE A . n 
A 1 90  SER 90  70  70  SER SER A . n 
A 1 91  ALA 91  71  71  ALA ALA A . n 
A 1 92  GLY 92  72  72  GLY GLY A . n 
A 1 93  HIS 93  73  73  HIS HIS A . n 
A 1 94  THR 94  74  74  THR THR A . n 
A 1 95  PHE 95  75  75  PHE PHE A . n 
A 1 96  VAL 96  76  76  VAL VAL A . n 
A 1 97  ILE 97  77  77  ILE ILE A . n 
A 1 98  LEU 98  78  78  LEU LEU A . n 
A 1 99  ILE 99  79  79  ILE ILE A . n 
A 1 100 ARG 100 80  80  ARG ARG A . n 
A 1 101 ASN 101 81  81  ASN ASN A . n 
A 1 102 ALA 102 82  82  ALA ALA A . n 
A 1 103 TYR 103 83  83  TYR TYR A . n 
A 1 104 PRO 104 84  84  PRO PRO A . n 
A 1 105 ILE 105 85  85  ILE ILE A . n 
A 1 106 ASN 106 86  86  ASN ASN A . n 
A 1 107 ILE 107 87  87  ILE ILE A . n 
A 1 108 LEU 108 88  88  LEU LEU A . n 
A 1 109 ASN 109 89  89  ASN ASN A . n 
A 1 110 ALA 110 90  90  ALA ALA A . n 
A 1 111 VAL 111 91  91  VAL VAL A . n 
A 1 112 LYS 112 92  92  LYS LYS A . n 
A 1 113 MET 113 93  93  MET MET A . n 
A 1 114 CYS 114 94  94  CYS CYS A . n 
A 1 115 GLN 115 95  95  GLN GLN A . n 
A 1 116 GLU 116 96  96  GLU GLU A . n 
A 1 117 VAL 117 97  97  VAL VAL A . n 
A 1 118 GLY 118 98  98  GLY GLY A . n 
A 1 119 SER 119 99  99  SER SER A . n 
A 1 120 ILE 120 100 100 ILE ILE A . n 
A 1 121 PHE 121 101 101 PHE PHE A . n 
A 1 122 ALA 122 102 102 ALA ALA A . n 
A 1 123 ALA 123 103 103 ALA ALA A . n 
A 1 124 THR 124 104 104 THR THR A . n 
A 1 125 ALA 125 105 105 ALA ALA A . n 
A 1 126 ASN 126 106 106 ASN ASN A . n 
A 1 127 PRO 127 107 107 PRO PRO A . n 
A 1 128 LEU 128 108 108 LEU LEU A . n 
A 1 129 GLN 129 109 109 GLN GLN A . n 
A 1 130 ILE 130 110 110 ILE ILE A . n 
A 1 131 ILE 131 111 111 ILE ILE A . n 
A 1 132 VAL 132 112 112 VAL VAL A . n 
A 1 133 TYR 133 113 113 TYR TYR A . n 
A 1 134 LYS 134 114 114 LYS LYS A . n 
A 1 135 GLY 135 115 115 GLY GLY A . n 
A 1 136 GLU 136 116 116 GLU GLU A . n 
A 1 137 ARG 137 117 117 ARG ARG A . n 
A 1 138 GLY 138 118 118 GLY GLY A . n 
A 1 139 ASN 139 119 119 ASN ASN A . n 
A 1 140 GLY 140 120 120 GLY GLY A . n 
A 1 141 VAL 141 121 121 VAL VAL A . n 
A 1 142 LEU 142 122 122 LEU LEU A . n 
A 1 143 GLY 143 123 123 GLY GLY A . n 
A 1 144 VAL 144 124 124 VAL VAL A . n 
A 1 145 ILE 145 125 125 ILE ILE A . n 
A 1 146 ASP 146 126 126 ASP ASP A . n 
A 1 147 GLY 147 127 127 GLY GLY A . n 
A 1 148 TYR 148 128 128 TYR TYR A . n 
A 1 149 SER 149 129 129 SER SER A . n 
A 1 150 PRO 150 130 130 PRO PRO A . n 
A 1 151 VAL 151 131 131 VAL VAL A . n 
A 1 152 GLY 152 132 132 GLY GLY A . n 
A 1 153 VAL 153 133 133 VAL VAL A . n 
A 1 154 GLU 154 134 134 GLU GLU A . n 
A 1 155 SER 155 135 135 SER SER A . n 
A 1 156 ASP 156 136 ?   ?   ?   A . n 
A 1 157 ALA 157 137 ?   ?   ?   A . n 
A 1 158 ASP 158 138 ?   ?   ?   A . n 
A 1 159 ILE 159 139 ?   ?   ?   A . n 
A 1 160 GLU 160 140 ?   ?   ?   A . n 
A 1 161 LYS 161 141 ?   ?   ?   A . n 
A 1 162 ARG 162 142 ?   ?   ?   A . n 
A 1 163 ARG 163 143 ?   ?   ?   A . n 
A 1 164 GLN 164 144 ?   ?   ?   A . n 
A 1 165 PHE 165 145 ?   ?   ?   A . n 
A 1 166 LEU 166 146 ?   ?   ?   A . n 
A 1 167 ARG 167 147 ?   ?   ?   A . n 
A 1 168 ARG 168 148 ?   ?   ?   A . n 
A 1 169 ILE 169 149 ?   ?   ?   A . n 
A 1 170 GLY 170 150 ?   ?   ?   A . n 
A 1 171 TYR 171 151 ?   ?   ?   A . n 
A 1 172 LYS 172 152 ?   ?   ?   A . n 
A 1 173 GLU 173 153 ?   ?   ?   A . n 
# 
loop_
_pdbx_nonpoly_scheme.asym_id 
_pdbx_nonpoly_scheme.entity_id 
_pdbx_nonpoly_scheme.mon_id 
_pdbx_nonpoly_scheme.ndb_seq_num 
_pdbx_nonpoly_scheme.pdb_seq_num 
_pdbx_nonpoly_scheme.auth_seq_num 
_pdbx_nonpoly_scheme.pdb_mon_id 
_pdbx_nonpoly_scheme.auth_mon_id 
_pdbx_nonpoly_scheme.pdb_strand_id 
_pdbx_nonpoly_scheme.pdb_ins_code 
B 2 NA  1   522 522 NA  NA  A . 
C 3 HOH 1   523 1   HOH HOH A . 
C 3 HOH 2   524 2   HOH HOH A . 
C 3 HOH 3   525 3   HOH HOH A . 
C 3 HOH 4   526 4   HOH HOH A . 
C 3 HOH 5   527 5   HOH HOH A . 
C 3 HOH 6   528 6   HOH HOH A . 
C 3 HOH 7   529 7   HOH HOH A . 
C 3 HOH 8   530 8   HOH HOH A . 
C 3 HOH 9   531 9   HOH HOH A . 
C 3 HOH 10  532 10  HOH HOH A . 
C 3 HOH 11  533 11  HOH HOH A . 
C 3 HOH 12  534 12  HOH HOH A . 
C 3 HOH 13  535 13  HOH HOH A . 
C 3 HOH 14  536 14  HOH HOH A . 
C 3 HOH 15  537 15  HOH HOH A . 
C 3 HOH 16  538 16  HOH HOH A . 
C 3 HOH 17  539 17  HOH HOH A . 
C 3 HOH 18  540 18  HOH HOH A . 
C 3 HOH 19  541 19  HOH HOH A . 
C 3 HOH 20  542 20  HOH HOH A . 
C 3 HOH 21  543 21  HOH HOH A . 
C 3 HOH 22  544 22  HOH HOH A . 
C 3 HOH 23  545 23  HOH HOH A . 
C 3 HOH 24  546 24  HOH HOH A . 
C 3 HOH 25  547 25  HOH HOH A . 
C 3 HOH 26  548 26  HOH HOH A . 
C 3 HOH 27  549 27  HOH HOH A . 
C 3 HOH 28  550 28  HOH HOH A . 
C 3 HOH 29  551 29  HOH HOH A . 
C 3 HOH 30  552 30  HOH HOH A . 
C 3 HOH 31  553 31  HOH HOH A . 
C 3 HOH 32  554 32  HOH HOH A . 
C 3 HOH 33  555 33  HOH HOH A . 
C 3 HOH 34  556 34  HOH HOH A . 
C 3 HOH 35  557 35  HOH HOH A . 
C 3 HOH 36  558 36  HOH HOH A . 
C 3 HOH 37  559 37  HOH HOH A . 
C 3 HOH 38  560 38  HOH HOH A . 
C 3 HOH 39  561 39  HOH HOH A . 
C 3 HOH 40  562 40  HOH HOH A . 
C 3 HOH 41  563 41  HOH HOH A . 
C 3 HOH 42  564 42  HOH HOH A . 
C 3 HOH 43  565 43  HOH HOH A . 
C 3 HOH 44  566 44  HOH HOH A . 
C 3 HOH 45  567 45  HOH HOH A . 
C 3 HOH 46  568 46  HOH HOH A . 
C 3 HOH 47  569 47  HOH HOH A . 
C 3 HOH 48  570 48  HOH HOH A . 
C 3 HOH 49  571 49  HOH HOH A . 
C 3 HOH 50  572 50  HOH HOH A . 
C 3 HOH 51  573 51  HOH HOH A . 
C 3 HOH 52  574 52  HOH HOH A . 
C 3 HOH 53  575 53  HOH HOH A . 
C 3 HOH 54  576 54  HOH HOH A . 
C 3 HOH 55  577 55  HOH HOH A . 
C 3 HOH 56  578 56  HOH HOH A . 
C 3 HOH 57  579 57  HOH HOH A . 
C 3 HOH 58  580 58  HOH HOH A . 
C 3 HOH 59  581 59  HOH HOH A . 
C 3 HOH 60  582 60  HOH HOH A . 
C 3 HOH 61  583 61  HOH HOH A . 
C 3 HOH 62  584 62  HOH HOH A . 
C 3 HOH 63  585 63  HOH HOH A . 
C 3 HOH 64  586 64  HOH HOH A . 
C 3 HOH 65  587 65  HOH HOH A . 
C 3 HOH 66  588 66  HOH HOH A . 
C 3 HOH 67  589 67  HOH HOH A . 
C 3 HOH 68  590 68  HOH HOH A . 
C 3 HOH 69  591 69  HOH HOH A . 
C 3 HOH 70  592 70  HOH HOH A . 
C 3 HOH 71  593 71  HOH HOH A . 
C 3 HOH 72  594 72  HOH HOH A . 
C 3 HOH 73  595 73  HOH HOH A . 
C 3 HOH 74  596 74  HOH HOH A . 
C 3 HOH 75  597 75  HOH HOH A . 
C 3 HOH 76  598 76  HOH HOH A . 
C 3 HOH 77  599 77  HOH HOH A . 
C 3 HOH 78  600 78  HOH HOH A . 
C 3 HOH 79  601 79  HOH HOH A . 
C 3 HOH 80  602 80  HOH HOH A . 
C 3 HOH 81  603 81  HOH HOH A . 
C 3 HOH 82  604 82  HOH HOH A . 
C 3 HOH 83  605 83  HOH HOH A . 
C 3 HOH 84  606 84  HOH HOH A . 
C 3 HOH 85  607 85  HOH HOH A . 
C 3 HOH 86  608 86  HOH HOH A . 
C 3 HOH 87  609 87  HOH HOH A . 
C 3 HOH 88  610 88  HOH HOH A . 
C 3 HOH 89  611 89  HOH HOH A . 
C 3 HOH 90  612 90  HOH HOH A . 
C 3 HOH 91  613 91  HOH HOH A . 
C 3 HOH 92  614 92  HOH HOH A . 
C 3 HOH 93  615 93  HOH HOH A . 
C 3 HOH 94  616 94  HOH HOH A . 
C 3 HOH 95  617 95  HOH HOH A . 
C 3 HOH 96  618 96  HOH HOH A . 
C 3 HOH 97  619 97  HOH HOH A . 
C 3 HOH 98  620 98  HOH HOH A . 
C 3 HOH 99  621 99  HOH HOH A . 
C 3 HOH 100 622 100 HOH HOH A . 
C 3 HOH 101 623 101 HOH HOH A . 
C 3 HOH 102 624 102 HOH HOH A . 
C 3 HOH 103 625 103 HOH HOH A . 
C 3 HOH 104 626 104 HOH HOH A . 
C 3 HOH 105 627 105 HOH HOH A . 
C 3 HOH 106 628 106 HOH HOH A . 
C 3 HOH 107 629 107 HOH HOH A . 
C 3 HOH 108 630 108 HOH HOH A . 
C 3 HOH 109 631 109 HOH HOH A . 
C 3 HOH 110 632 110 HOH HOH A . 
C 3 HOH 111 633 111 HOH HOH A . 
C 3 HOH 112 634 112 HOH HOH A . 
C 3 HOH 113 635 113 HOH HOH A . 
C 3 HOH 114 636 114 HOH HOH A . 
C 3 HOH 115 637 115 HOH HOH A . 
C 3 HOH 116 638 116 HOH HOH A . 
C 3 HOH 117 639 117 HOH HOH A . 
C 3 HOH 118 640 118 HOH HOH A . 
C 3 HOH 119 641 119 HOH HOH A . 
C 3 HOH 120 642 120 HOH HOH A . 
C 3 HOH 121 643 121 HOH HOH A . 
C 3 HOH 122 644 122 HOH HOH A . 
C 3 HOH 123 645 123 HOH HOH A . 
C 3 HOH 124 646 124 HOH HOH A . 
C 3 HOH 125 647 125 HOH HOH A . 
C 3 HOH 126 648 126 HOH HOH A . 
C 3 HOH 127 649 127 HOH HOH A . 
C 3 HOH 128 650 128 HOH HOH A . 
C 3 HOH 129 651 129 HOH HOH A . 
C 3 HOH 130 652 130 HOH HOH A . 
C 3 HOH 131 653 131 HOH HOH A . 
C 3 HOH 132 654 132 HOH HOH A . 
C 3 HOH 133 655 133 HOH HOH A . 
C 3 HOH 134 656 134 HOH HOH A . 
C 3 HOH 135 657 135 HOH HOH A . 
C 3 HOH 136 658 136 HOH HOH A . 
C 3 HOH 137 659 137 HOH HOH A . 
C 3 HOH 138 660 138 HOH HOH A . 
C 3 HOH 139 661 139 HOH HOH A . 
C 3 HOH 140 662 140 HOH HOH A . 
C 3 HOH 141 663 141 HOH HOH A . 
C 3 HOH 142 664 142 HOH HOH A . 
C 3 HOH 143 665 143 HOH HOH A . 
C 3 HOH 144 666 144 HOH HOH A . 
C 3 HOH 145 667 145 HOH HOH A . 
C 3 HOH 146 668 146 HOH HOH A . 
C 3 HOH 147 669 147 HOH HOH A . 
C 3 HOH 148 670 148 HOH HOH A . 
C 3 HOH 149 671 149 HOH HOH A . 
C 3 HOH 150 672 150 HOH HOH A . 
C 3 HOH 151 673 151 HOH HOH A . 
C 3 HOH 152 674 152 HOH HOH A . 
C 3 HOH 153 675 153 HOH HOH A . 
C 3 HOH 154 676 154 HOH HOH A . 
C 3 HOH 155 677 155 HOH HOH A . 
C 3 HOH 156 678 156 HOH HOH A . 
C 3 HOH 157 679 157 HOH HOH A . 
C 3 HOH 158 680 158 HOH HOH A . 
C 3 HOH 159 681 159 HOH HOH A . 
C 3 HOH 160 682 160 HOH HOH A . 
C 3 HOH 161 683 161 HOH HOH A . 
C 3 HOH 162 684 162 HOH HOH A . 
C 3 HOH 163 685 163 HOH HOH A . 
C 3 HOH 164 686 164 HOH HOH A . 
C 3 HOH 165 687 165 HOH HOH A . 
C 3 HOH 166 688 166 HOH HOH A . 
C 3 HOH 167 689 167 HOH HOH A . 
C 3 HOH 168 690 168 HOH HOH A . 
C 3 HOH 169 691 169 HOH HOH A . 
C 3 HOH 170 692 170 HOH HOH A . 
C 3 HOH 171 693 171 HOH HOH A . 
C 3 HOH 172 694 172 HOH HOH A . 
C 3 HOH 173 695 173 HOH HOH A . 
C 3 HOH 174 696 174 HOH HOH A . 
C 3 HOH 175 697 175 HOH HOH A . 
C 3 HOH 176 698 176 HOH HOH A . 
C 3 HOH 177 699 177 HOH HOH A . 
C 3 HOH 178 700 178 HOH HOH A . 
C 3 HOH 179 701 179 HOH HOH A . 
C 3 HOH 180 702 180 HOH HOH A . 
C 3 HOH 181 703 181 HOH HOH A . 
C 3 HOH 182 704 182 HOH HOH A . 
C 3 HOH 183 705 183 HOH HOH A . 
C 3 HOH 184 706 184 HOH HOH A . 
C 3 HOH 185 707 185 HOH HOH A . 
C 3 HOH 186 708 186 HOH HOH A . 
C 3 HOH 187 709 187 HOH HOH A . 
C 3 HOH 188 710 188 HOH HOH A . 
C 3 HOH 189 711 189 HOH HOH A . 
C 3 HOH 190 712 190 HOH HOH A . 
C 3 HOH 191 713 191 HOH HOH A . 
C 3 HOH 192 714 192 HOH HOH A . 
C 3 HOH 193 715 193 HOH HOH A . 
C 3 HOH 194 716 194 HOH HOH A . 
C 3 HOH 195 717 195 HOH HOH A . 
C 3 HOH 196 718 196 HOH HOH A . 
C 3 HOH 197 719 197 HOH HOH A . 
C 3 HOH 198 720 198 HOH HOH A . 
C 3 HOH 199 721 199 HOH HOH A . 
C 3 HOH 200 722 200 HOH HOH A . 
C 3 HOH 201 723 201 HOH HOH A . 
C 3 HOH 202 724 202 HOH HOH A . 
C 3 HOH 203 725 203 HOH HOH A . 
C 3 HOH 204 726 204 HOH HOH A . 
C 3 HOH 205 727 205 HOH HOH A . 
C 3 HOH 206 728 206 HOH HOH A . 
C 3 HOH 207 729 207 HOH HOH A . 
C 3 HOH 208 730 208 HOH HOH A . 
C 3 HOH 209 731 209 HOH HOH A . 
C 3 HOH 210 732 210 HOH HOH A . 
C 3 HOH 211 733 211 HOH HOH A . 
C 3 HOH 212 734 212 HOH HOH A . 
C 3 HOH 213 735 213 HOH HOH A . 
C 3 HOH 214 736 214 HOH HOH A . 
C 3 HOH 215 737 215 HOH HOH A . 
C 3 HOH 216 738 216 HOH HOH A . 
C 3 HOH 217 739 217 HOH HOH A . 
C 3 HOH 218 740 218 HOH HOH A . 
C 3 HOH 219 741 219 HOH HOH A . 
C 3 HOH 220 742 220 HOH HOH A . 
C 3 HOH 221 743 221 HOH HOH A . 
C 3 HOH 222 744 222 HOH HOH A . 
C 3 HOH 223 745 223 HOH HOH A . 
C 3 HOH 224 746 224 HOH HOH A . 
C 3 HOH 225 747 225 HOH HOH A . 
C 3 HOH 226 748 226 HOH HOH A . 
C 3 HOH 227 749 227 HOH HOH A . 
C 3 HOH 228 750 228 HOH HOH A . 
C 3 HOH 229 751 229 HOH HOH A . 
C 3 HOH 230 752 230 HOH HOH A . 
C 3 HOH 231 753 231 HOH HOH A . 
C 3 HOH 232 754 232 HOH HOH A . 
C 3 HOH 233 755 233 HOH HOH A . 
C 3 HOH 234 756 234 HOH HOH A . 
C 3 HOH 235 757 235 HOH HOH A . 
C 3 HOH 236 758 236 HOH HOH A . 
C 3 HOH 237 759 237 HOH HOH A . 
C 3 HOH 238 760 238 HOH HOH A . 
# 
loop_
_software.name 
_software.classification 
_software.version 
_software.citation_id 
_software.pdbx_ordinal 
d*TREK   'data scaling'    .   ? 1 
HKL-2000 'data collection' .   ? 2 
HKL-2000 'data reduction'  .   ? 3 
SHARP    phasing           .   ? 4 
MOLREP   phasing           .   ? 5 
CNS      refinement        1.1 ? 6 
d*TREK   'data reduction'  .   ? 7 
HKL-2000 'data scaling'    .   ? 8 
# 
_cell.entry_id           1RLH 
_cell.length_a           74.329 
_cell.length_b           74.329 
_cell.length_c           50.840 
_cell.angle_alpha        90.00 
_cell.angle_beta         90.00 
_cell.angle_gamma        120.00 
_cell.Z_PDB              6 
_cell.pdbx_unique_axis   ? 
# 
_symmetry.entry_id                         1RLH 
_symmetry.space_group_name_H-M             'P 63' 
_symmetry.pdbx_full_space_group_name_H-M   ? 
_symmetry.cell_setting                     ? 
_symmetry.Int_Tables_number                173 
# 
_exptl.entry_id          1RLH 
_exptl.method            'X-RAY DIFFRACTION' 
_exptl.crystals_number   2 
# 
_exptl_crystal.id                    1 
_exptl_crystal.density_meas          ? 
_exptl_crystal.density_percent_sol   41.98 
_exptl_crystal.description           ? 
_exptl_crystal.density_Matthews      2.12 
# 
_exptl_crystal_grow.crystal_id      1 
_exptl_crystal_grow.method          'VAPOR DIFFUSION, HANGING DROP' 
_exptl_crystal_grow.temp            294 
_exptl_crystal_grow.temp_details    ? 
_exptl_crystal_grow.pH              5 
_exptl_crystal_grow.pdbx_details    'sodium acetate, NaCl, PEG 3350, glycerol, VAPOR DIFFUSION, HANGING DROP, temperature 294K' 
_exptl_crystal_grow.pdbx_pH_range   . 
# 
loop_
_diffrn.id 
_diffrn.ambient_temp 
_diffrn.ambient_temp_details 
_diffrn.crystal_id 
1   150 ? 1 
2   150 ? 1 
1,2 ?   ? 1 
# 
loop_
_diffrn_detector.diffrn_id 
_diffrn_detector.detector 
_diffrn_detector.type 
_diffrn_detector.pdbx_collection_date 
_diffrn_detector.details 
1 CCD CUSTOM-MADE 2002-07-15 ? 
2 CCD CUSTOM-MADE 2002-11-17 ? 
# 
loop_
_diffrn_radiation.diffrn_id 
_diffrn_radiation.wavelength_id 
_diffrn_radiation.pdbx_monochromatic_or_laue_m_l 
_diffrn_radiation.monochromator 
_diffrn_radiation.pdbx_diffrn_protocol 
_diffrn_radiation.pdbx_scattering_type 
1 1 M 'sagitally focused Si(111)' 'SINGLE WAVELENGTH' x-ray 
2 1 M 'sagitally focused Si(111)' MAD                 x-ray 
# 
loop_
_diffrn_radiation_wavelength.id 
_diffrn_radiation_wavelength.wavelength 
_diffrn_radiation_wavelength.wt 
1 1.03320 1.0 
2 0.97964 1.0 
3 0.97951 1.0 
4 0.96411 1.0 
# 
loop_
_diffrn_source.diffrn_id 
_diffrn_source.source 
_diffrn_source.type 
_diffrn_source.pdbx_synchrotron_site 
_diffrn_source.pdbx_synchrotron_beamline 
_diffrn_source.pdbx_wavelength 
_diffrn_source.pdbx_wavelength_list 
1 SYNCHROTRON 'APS BEAMLINE 19-ID' APS 19-ID ? 1.03320                 
2 SYNCHROTRON 'APS BEAMLINE 19-ID' APS 19-ID ? 0.97964,0.97951,0.96411 
# 
_reflns.entry_id                     1RLH 
_reflns.observed_criterion_sigma_F   0 
_reflns.observed_criterion_sigma_I   0 
_reflns.d_resolution_high            1.75 
_reflns.d_resolution_low             39.90 
_reflns.number_all                   14981 
_reflns.number_obs                   14981 
_reflns.percent_possible_obs         ? 
_reflns.pdbx_Rmerge_I_obs            ? 
_reflns.pdbx_Rsym_value              ? 
_reflns.pdbx_netI_over_sigmaI        ? 
_reflns.B_iso_Wilson_estimate        19.9 
_reflns.pdbx_redundancy              ? 
_reflns.R_free_details               ? 
_reflns.limit_h_max                  35 
_reflns.limit_h_min                  0 
_reflns.limit_k_max                  35 
_reflns.limit_k_min                  0 
_reflns.limit_l_max                  28 
_reflns.limit_l_min                  0 
_reflns.observed_criterion_F_max     1102536.72 
_reflns.observed_criterion_F_min     6.6 
_reflns.pdbx_ordinal                 1 
_reflns.pdbx_diffrn_id               1,2 
# 
_refine.entry_id                                 1RLH 
_refine.pdbx_ls_sigma_F                          0 
_refine.pdbx_ls_sigma_I                          0 
_refine.ls_number_reflns_all                     14946 
_refine.ls_number_reflns_obs                     14321 
_refine.ls_percent_reflns_obs                    95.8 
_refine.ls_d_res_high                            1.80 
_refine.ls_d_res_low                             39.90 
_refine.B_iso_min                                11.61 
_refine.B_iso_max                                70.44 
_refine.B_iso_mean                               30.27 
_refine.occupancy_min                            0.33 
_refine.occupancy_max                            1.00 
_refine.aniso_B[1][1]                            -1.17 
_refine.aniso_B[2][2]                            -1.17 
_refine.aniso_B[3][3]                            2.34 
_refine.aniso_B[1][2]                            -0.16 
_refine.aniso_B[1][3]                            0.00 
_refine.aniso_B[2][3]                            0.00 
_refine.solvent_model_param_bsol                 69.2453 
_refine.solvent_model_param_ksol                 0.373886 
_refine.solvent_model_details                    'CNS bulk solvent model used' 
_refine.ls_R_factor_R_work                       0.179 
_refine.ls_R_factor_R_free                       0.208 
_refine.ls_R_factor_R_free_error                 0.008 
_refine.ls_number_reflns_R_free                  715 
_refine.ls_percent_reflns_R_free                 5.0 
_refine.ls_R_factor_all                          0.1987 
_refine.ls_R_factor_obs                          0.196 
_refine.ls_redundancy_reflns_obs                 ? 
_refine.pdbx_data_cutoff_high_absF               ? 
_refine.pdbx_data_cutoff_low_absF                ? 
_refine.ls_number_parameters                     ? 
_refine.ls_number_restraints                     ? 
_refine.ls_R_factor_R_free_error_details         ? 
_refine.pdbx_method_to_determine_struct          'MAD + Molecular replacement' 
_refine.pdbx_starting_model                      ? 
_refine.pdbx_ls_cross_valid_method               THROUGHOUT 
_refine.pdbx_R_Free_selection_details            RANDOM 
_refine.pdbx_stereochem_target_val_spec_case     ? 
_refine.pdbx_stereochemistry_target_values       'Engh & Huber' 
_refine.pdbx_isotropic_thermal_model             Overall 
_refine.details                                  ? 
_refine.correlation_coeff_Fo_to_Fc               ? 
_refine.correlation_coeff_Fo_to_Fc_free          ? 
_refine.pdbx_solvent_vdw_probe_radii             ? 
_refine.pdbx_solvent_ion_probe_radii             ? 
_refine.pdbx_solvent_shrinkage_radii             ? 
_refine.overall_SU_R_Cruickshank_DPI             ? 
_refine.overall_SU_R_free                        ? 
_refine.overall_SU_B                             ? 
_refine.overall_SU_ML                            ? 
_refine.pdbx_overall_ESU_R                       ? 
_refine.pdbx_overall_ESU_R_Free                  ? 
_refine.pdbx_data_cutoff_high_rms_absF           ? 
_refine.pdbx_refine_id                           'X-RAY DIFFRACTION' 
_refine.pdbx_diffrn_id                           1 
_refine.pdbx_TLS_residual_ADP_flag               ? 
_refine.pdbx_overall_phase_error                 ? 
_refine.pdbx_overall_SU_R_free_Cruickshank_DPI   ? 
_refine.pdbx_overall_SU_R_Blow_DPI               ? 
_refine.pdbx_overall_SU_R_free_Blow_DPI          ? 
# 
_refine_analyze.entry_id                        1RLH 
_refine_analyze.Luzzati_coordinate_error_obs    0.17 
_refine_analyze.Luzzati_sigma_a_obs             0.19 
_refine_analyze.Luzzati_d_res_low_obs           5.00 
_refine_analyze.pdbx_Luzzati_d_res_high_obs     1.80 
_refine_analyze.Luzzati_coordinate_error_free   0.21 
_refine_analyze.Luzzati_sigma_a_free            0.19 
_refine_analyze.Luzzati_d_res_low_free          ? 
_refine_analyze.number_disordered_residues      ? 
_refine_analyze.occupancy_sum_non_hydrogen      ? 
_refine_analyze.occupancy_sum_hydrogen          ? 
_refine_analyze.pdbx_refine_id                  'X-RAY DIFFRACTION' 
# 
_refine_hist.pdbx_refine_id                   'X-RAY DIFFRACTION' 
_refine_hist.cycle_id                         LAST 
_refine_hist.pdbx_number_atoms_protein        1159 
_refine_hist.pdbx_number_atoms_nucleic_acid   0 
_refine_hist.pdbx_number_atoms_ligand         1 
_refine_hist.number_atoms_solvent             238 
_refine_hist.number_atoms_total               1398 
_refine_hist.d_res_high                       1.80 
_refine_hist.d_res_low                        39.90 
# 
loop_
_refine_ls_restr.type 
_refine_ls_restr.dev_ideal 
_refine_ls_restr.dev_ideal_target 
_refine_ls_restr.weight 
_refine_ls_restr.number 
_refine_ls_restr.pdbx_refine_id 
_refine_ls_restr.pdbx_restraint_function 
x_bond_d           0.004 ? ? ? 'X-RAY DIFFRACTION' ? 
x_angle_d          1.2   ? ? ? 'X-RAY DIFFRACTION' ? 
x_torsion_deg      24.6  ? ? ? 'X-RAY DIFFRACTION' ? 
x_torsion_impr_deg 0.66  ? ? ? 'X-RAY DIFFRACTION' ? 
# 
loop_
_refine_ls_shell.pdbx_total_number_of_bins_used 
_refine_ls_shell.d_res_high 
_refine_ls_shell.d_res_low 
_refine_ls_shell.number_reflns_all 
_refine_ls_shell.number_reflns_obs 
_refine_ls_shell.number_reflns_R_work 
_refine_ls_shell.percent_reflns_obs 
_refine_ls_shell.R_factor_R_work 
_refine_ls_shell.R_factor_R_free 
_refine_ls_shell.R_factor_R_free_error 
_refine_ls_shell.number_reflns_R_free 
_refine_ls_shell.percent_reflns_R_free 
_refine_ls_shell.redundancy_reflns_obs 
_refine_ls_shell.pdbx_refine_id 
_refine_ls_shell.R_factor_all 
8 1.80 1.88  1864 1393 1337 74.7  0.295 0.361 0.048 56  4.0 . 'X-RAY DIFFRACTION' . 
8 1.88 1.98  1827 1694 1595 92.7  0.234 0.241 0.024 99  5.8 . 'X-RAY DIFFRACTION' . 
8 1.98 2.11  1869 1862 1763 99.6  0.183 0.192 0.019 99  5.3 . 'X-RAY DIFFRACTION' . 
8 2.11 2.27  1869 1863 1767 99.7  0.186 0.239 0.024 96  5.2 . 'X-RAY DIFFRACTION' . 
8 2.27 2.50  1867 1866 1789 99.9  0.185 0.239 0.027 77  4.1 . 'X-RAY DIFFRACTION' . 
8 2.50 2.86  1876 1876 1773 100.0 0.166 0.229 0.023 103 5.5 . 'X-RAY DIFFRACTION' . 
8 2.86 3.60  1870 1870 1772 100.0 0.157 0.169 0.017 98  5.2 . 'X-RAY DIFFRACTION' . 
8 3.60 39.90 1921 1897 1810 98.7  0.172 0.192 0.021 87  4.6 . 'X-RAY DIFFRACTION' . 
# 
loop_
_pdbx_xplor_file.serial_no 
_pdbx_xplor_file.param_file 
_pdbx_xplor_file.topol_file 
_pdbx_xplor_file.pdbx_refine_id 
1 protein_rep.param  protein.top      'X-RAY DIFFRACTION' 
2 carbohydrate.param carbohydrate.top 'X-RAY DIFFRACTION' 
3 water_rep.param    water.top        'X-RAY DIFFRACTION' 
4 ion.param          ion.top          'X-RAY DIFFRACTION' 
# 
_struct.entry_id                  1RLH 
_struct.title                     'Structure of a conserved protein from Thermoplasma acidophilum' 
_struct.pdbx_model_details        ? 
_struct.pdbx_CASP_flag            ? 
_struct.pdbx_model_type_details   ? 
# 
_struct_keywords.entry_id        1RLH 
_struct_keywords.pdbx_keywords   'STRUCTURAL GENOMICS, UNKNOWN FUNCTION' 
_struct_keywords.text            
;Structural genomics, T. acidophilum, PSI, Protein Structure Initiative, Midwest Center for Structural Genomics, MCSG, UNKNOWN FUNCTION
;
# 
loop_
_struct_asym.id 
_struct_asym.pdbx_blank_PDB_chainid_flag 
_struct_asym.pdbx_modified 
_struct_asym.entity_id 
_struct_asym.details 
A N N 1 ? 
B N N 2 ? 
C N N 3 ? 
# 
_struct_ref.id                         1 
_struct_ref.db_name                    UNP 
_struct_ref.db_code                    Q9HII6_THEAC 
_struct_ref.pdbx_db_accession          Q9HII6 
_struct_ref.entity_id                  1 
_struct_ref.pdbx_seq_one_letter_code   
;MVIPAEANIIVGYSHFIKTVEDLNEIIRTHVPGSKYGIGFSEASGDRLIRYDGNDDDLVKACIENIRRISAGHTFVILIR
NAYPINILNAVKMCQEVGSIFAATANPLQIIVYKGERGNGVLGVIDGYSPVGVESDADIEKRRQFLRRIGYKE
;
_struct_ref.pdbx_align_begin           1 
_struct_ref.pdbx_db_isoform            ? 
# 
_struct_ref_seq.align_id                      1 
_struct_ref_seq.ref_id                        1 
_struct_ref_seq.pdbx_PDB_id_code              1RLH 
_struct_ref_seq.pdbx_strand_id                A 
_struct_ref_seq.seq_align_beg                 21 
_struct_ref_seq.pdbx_seq_align_beg_ins_code   ? 
_struct_ref_seq.seq_align_end                 173 
_struct_ref_seq.pdbx_seq_align_end_ins_code   ? 
_struct_ref_seq.pdbx_db_accession             Q9HII6 
_struct_ref_seq.db_align_beg                  1 
_struct_ref_seq.pdbx_db_align_beg_ins_code    ? 
_struct_ref_seq.db_align_end                  153 
_struct_ref_seq.pdbx_db_align_end_ins_code    ? 
_struct_ref_seq.pdbx_auth_seq_align_beg       1 
_struct_ref_seq.pdbx_auth_seq_align_end       153 
# 
loop_
_struct_ref_seq_dif.align_id 
_struct_ref_seq_dif.pdbx_pdb_id_code 
_struct_ref_seq_dif.mon_id 
_struct_ref_seq_dif.pdbx_pdb_strand_id 
_struct_ref_seq_dif.seq_num 
_struct_ref_seq_dif.pdbx_pdb_ins_code 
_struct_ref_seq_dif.pdbx_seq_db_name 
_struct_ref_seq_dif.pdbx_seq_db_accession_code 
_struct_ref_seq_dif.db_mon_id 
_struct_ref_seq_dif.pdbx_seq_db_seq_num 
_struct_ref_seq_dif.details 
_struct_ref_seq_dif.pdbx_auth_seq_num 
_struct_ref_seq_dif.pdbx_ordinal 
1 1RLH MET A 1  ? UNP Q9HII6 ? ? 'expression tag' -19 1  
1 1RLH GLY A 2  ? UNP Q9HII6 ? ? 'expression tag' -18 2  
1 1RLH SER A 3  ? UNP Q9HII6 ? ? 'expression tag' -17 3  
1 1RLH SER A 4  ? UNP Q9HII6 ? ? 'expression tag' -16 4  
1 1RLH HIS A 5  ? UNP Q9HII6 ? ? 'expression tag' -15 5  
1 1RLH HIS A 6  ? UNP Q9HII6 ? ? 'expression tag' -14 6  
1 1RLH HIS A 7  ? UNP Q9HII6 ? ? 'expression tag' -13 7  
1 1RLH HIS A 8  ? UNP Q9HII6 ? ? 'expression tag' -12 8  
1 1RLH HIS A 9  ? UNP Q9HII6 ? ? 'expression tag' -11 9  
1 1RLH HIS A 10 ? UNP Q9HII6 ? ? 'expression tag' -10 10 
1 1RLH SER A 11 ? UNP Q9HII6 ? ? 'expression tag' -9  11 
1 1RLH SER A 12 ? UNP Q9HII6 ? ? 'expression tag' -8  12 
1 1RLH GLY A 13 ? UNP Q9HII6 ? ? 'expression tag' -7  13 
1 1RLH LEU A 14 ? UNP Q9HII6 ? ? 'expression tag' -6  14 
1 1RLH VAL A 15 ? UNP Q9HII6 ? ? 'expression tag' -5  15 
1 1RLH PRO A 16 ? UNP Q9HII6 ? ? 'expression tag' -4  16 
1 1RLH ARG A 17 ? UNP Q9HII6 ? ? 'expression tag' -3  17 
1 1RLH GLY A 18 ? UNP Q9HII6 ? ? 'expression tag' -2  18 
1 1RLH SER A 19 ? UNP Q9HII6 ? ? 'expression tag' -1  19 
1 1RLH HIS A 20 ? UNP Q9HII6 ? ? 'expression tag' 0   20 
# 
loop_
_pdbx_struct_assembly.id 
_pdbx_struct_assembly.details 
_pdbx_struct_assembly.method_details 
_pdbx_struct_assembly.oligomeric_details 
_pdbx_struct_assembly.oligomeric_count 
1 author_defined_assembly   ?        monomeric 1 
2 software_defined_assembly PISA,PQS trimeric  3 
# 
loop_
_pdbx_struct_assembly_prop.biol_id 
_pdbx_struct_assembly_prop.type 
_pdbx_struct_assembly_prop.value 
_pdbx_struct_assembly_prop.details 
2 'ABSA (A^2)' 9200  ? 
2 MORE         -55   ? 
2 'SSA (A^2)'  18600 ? 
# 
loop_
_pdbx_struct_assembly_gen.assembly_id 
_pdbx_struct_assembly_gen.oper_expression 
_pdbx_struct_assembly_gen.asym_id_list 
1 1     A,B,C 
2 1,2,3 A,B,C 
# 
loop_
_pdbx_struct_oper_list.id 
_pdbx_struct_oper_list.type 
_pdbx_struct_oper_list.name 
_pdbx_struct_oper_list.symmetry_operation 
_pdbx_struct_oper_list.matrix[1][1] 
_pdbx_struct_oper_list.matrix[1][2] 
_pdbx_struct_oper_list.matrix[1][3] 
_pdbx_struct_oper_list.vector[1] 
_pdbx_struct_oper_list.matrix[2][1] 
_pdbx_struct_oper_list.matrix[2][2] 
_pdbx_struct_oper_list.matrix[2][3] 
_pdbx_struct_oper_list.vector[2] 
_pdbx_struct_oper_list.matrix[3][1] 
_pdbx_struct_oper_list.matrix[3][2] 
_pdbx_struct_oper_list.matrix[3][3] 
_pdbx_struct_oper_list.vector[3] 
1 'identity operation'         1_555 x,y,z        1.0000000000  0.0000000000  0.0000000000  0.0000000000  0.0000000000  1.0000000000 0.0000000000 0.0000000000   0.0000000000  0.0000000000 1.0000000000 0.0000000000  
2 'crystal symmetry operation' 2_665 -y+1,x-y+1,z -0.4054365729 0.2800718709  -0.8701614405 20.5636471513 -0.8274532319 0.2921306463 0.4795631705 -1.1152401538  0.3885129783  0.9144503446 0.1133059267 9.3420822914  
3 'crystal symmetry operation' 3_565 -x+y,-x+1,z  -0.4054365729 -0.8274532319 0.3885129783  3.7849253422  0.2800718709  0.2921306463 0.9144503446 -13.9763736729 -0.8701614405 0.4795631705 0.1133059267 17.3700076388 
# 
_struct_biol.id                    1 
_struct_biol.details               'The biologically assembly unknown, but monomer forms a very tight trimer in two crystal forms' 
_struct_biol.pdbx_parent_biol_id   ? 
# 
loop_
_struct_conf.conf_type_id 
_struct_conf.id 
_struct_conf.pdbx_PDB_helix_id 
_struct_conf.beg_label_comp_id 
_struct_conf.beg_label_asym_id 
_struct_conf.beg_label_seq_id 
_struct_conf.pdbx_beg_PDB_ins_code 
_struct_conf.end_label_comp_id 
_struct_conf.end_label_asym_id 
_struct_conf.end_label_seq_id 
_struct_conf.pdbx_end_PDB_ins_code 
_struct_conf.beg_auth_comp_id 
_struct_conf.beg_auth_asym_id 
_struct_conf.beg_auth_seq_id 
_struct_conf.end_auth_comp_id 
_struct_conf.end_auth_asym_id 
_struct_conf.end_auth_seq_id 
_struct_conf.pdbx_PDB_helix_class 
_struct_conf.details 
_struct_conf.pdbx_PDB_helix_length 
HELX_P HELX_P1 1 VAL A 40  ? ILE A 47  ? VAL A 20 ILE A 27 1 ? 8  
HELX_P HELX_P2 2 ARG A 48  ? VAL A 51  ? ARG A 28 VAL A 31 5 ? 4  
HELX_P HELX_P3 3 ASP A 75  ? SER A 90  ? ASP A 55 SER A 70 1 ? 16 
HELX_P HELX_P4 4 TYR A 103 ? GLU A 116 ? TYR A 83 GLU A 96 1 ? 14 
# 
_struct_conf_type.id          HELX_P 
_struct_conf_type.criteria    ? 
_struct_conf_type.reference   ? 
# 
loop_
_struct_conn.id 
_struct_conn.conn_type_id 
_struct_conn.pdbx_leaving_atom_flag 
_struct_conn.pdbx_PDB_id 
_struct_conn.ptnr1_label_asym_id 
_struct_conn.ptnr1_label_comp_id 
_struct_conn.ptnr1_label_seq_id 
_struct_conn.ptnr1_label_atom_id 
_struct_conn.pdbx_ptnr1_label_alt_id 
_struct_conn.pdbx_ptnr1_PDB_ins_code 
_struct_conn.pdbx_ptnr1_standard_comp_id 
_struct_conn.ptnr1_symmetry 
_struct_conn.ptnr2_label_asym_id 
_struct_conn.ptnr2_label_comp_id 
_struct_conn.ptnr2_label_seq_id 
_struct_conn.ptnr2_label_atom_id 
_struct_conn.pdbx_ptnr2_label_alt_id 
_struct_conn.pdbx_ptnr2_PDB_ins_code 
_struct_conn.ptnr1_auth_asym_id 
_struct_conn.ptnr1_auth_comp_id 
_struct_conn.ptnr1_auth_seq_id 
_struct_conn.ptnr2_auth_asym_id 
_struct_conn.ptnr2_auth_comp_id 
_struct_conn.ptnr2_auth_seq_id 
_struct_conn.ptnr2_symmetry 
_struct_conn.pdbx_ptnr3_label_atom_id 
_struct_conn.pdbx_ptnr3_label_seq_id 
_struct_conn.pdbx_ptnr3_label_comp_id 
_struct_conn.pdbx_ptnr3_label_asym_id 
_struct_conn.pdbx_ptnr3_label_alt_id 
_struct_conn.pdbx_ptnr3_PDB_ins_code 
_struct_conn.details 
_struct_conn.pdbx_dist_value 
_struct_conn.pdbx_value_order 
_struct_conn.pdbx_role 
metalc1 metalc ? ? A LEU 142 O  ? ? ? 1_555 B NA  . NA ? ? A LEU 122 A NA  522 1_555 ? ? ? ? ? ? ? 2.310 ? ? 
metalc2 metalc ? ? A LEU 142 O  ? ? ? 3_565 B NA  . NA ? ? A LEU 122 A NA  522 1_555 ? ? ? ? ? ? ? 2.384 ? ? 
metalc3 metalc ? ? A LEU 142 O  ? ? ? 2_665 B NA  . NA ? ? A LEU 122 A NA  522 1_555 ? ? ? ? ? ? ? 2.332 ? ? 
metalc4 metalc ? ? B NA  .   NA ? ? ? 1_555 C HOH . O  ? ? A NA  522 A HOH 539 1_555 ? ? ? ? ? ? ? 2.458 ? ? 
metalc5 metalc ? ? B NA  .   NA ? ? ? 1_555 C HOH . O  ? ? A NA  522 A HOH 539 2_665 ? ? ? ? ? ? ? 2.536 ? ? 
metalc6 metalc ? ? B NA  .   NA ? ? ? 1_555 C HOH . O  ? ? A NA  522 A HOH 539 3_565 ? ? ? ? ? ? ? 2.515 ? ? 
# 
_struct_conn_type.id          metalc 
_struct_conn_type.criteria    ? 
_struct_conn_type.reference   ? 
# 
loop_
_pdbx_struct_conn_angle.id 
_pdbx_struct_conn_angle.ptnr1_label_atom_id 
_pdbx_struct_conn_angle.ptnr1_label_alt_id 
_pdbx_struct_conn_angle.ptnr1_label_asym_id 
_pdbx_struct_conn_angle.ptnr1_label_comp_id 
_pdbx_struct_conn_angle.ptnr1_label_seq_id 
_pdbx_struct_conn_angle.ptnr1_auth_atom_id 
_pdbx_struct_conn_angle.ptnr1_auth_asym_id 
_pdbx_struct_conn_angle.ptnr1_auth_comp_id 
_pdbx_struct_conn_angle.ptnr1_auth_seq_id 
_pdbx_struct_conn_angle.ptnr1_PDB_ins_code 
_pdbx_struct_conn_angle.ptnr1_symmetry 
_pdbx_struct_conn_angle.ptnr2_label_atom_id 
_pdbx_struct_conn_angle.ptnr2_label_alt_id 
_pdbx_struct_conn_angle.ptnr2_label_asym_id 
_pdbx_struct_conn_angle.ptnr2_label_comp_id 
_pdbx_struct_conn_angle.ptnr2_label_seq_id 
_pdbx_struct_conn_angle.ptnr2_auth_atom_id 
_pdbx_struct_conn_angle.ptnr2_auth_asym_id 
_pdbx_struct_conn_angle.ptnr2_auth_comp_id 
_pdbx_struct_conn_angle.ptnr2_auth_seq_id 
_pdbx_struct_conn_angle.ptnr2_PDB_ins_code 
_pdbx_struct_conn_angle.ptnr2_symmetry 
_pdbx_struct_conn_angle.ptnr3_label_atom_id 
_pdbx_struct_conn_angle.ptnr3_label_alt_id 
_pdbx_struct_conn_angle.ptnr3_label_asym_id 
_pdbx_struct_conn_angle.ptnr3_label_comp_id 
_pdbx_struct_conn_angle.ptnr3_label_seq_id 
_pdbx_struct_conn_angle.ptnr3_auth_atom_id 
_pdbx_struct_conn_angle.ptnr3_auth_asym_id 
_pdbx_struct_conn_angle.ptnr3_auth_comp_id 
_pdbx_struct_conn_angle.ptnr3_auth_seq_id 
_pdbx_struct_conn_angle.ptnr3_PDB_ins_code 
_pdbx_struct_conn_angle.ptnr3_symmetry 
_pdbx_struct_conn_angle.value 
_pdbx_struct_conn_angle.value_esd 
1  O ? A LEU 142 ? A LEU 122 ? 1_555 NA ? B NA . ? A NA 522 ? 1_555 O ? A LEU 142 ? A LEU 122 ? 3_565 87.6  ? 
2  O ? A LEU 142 ? A LEU 122 ? 1_555 NA ? B NA . ? A NA 522 ? 1_555 O ? A LEU 142 ? A LEU 122 ? 2_665 88.9  ? 
3  O ? A LEU 142 ? A LEU 122 ? 3_565 NA ? B NA . ? A NA 522 ? 1_555 O ? A LEU 142 ? A LEU 122 ? 2_665 87.1  ? 
4  O ? A LEU 142 ? A LEU 122 ? 1_555 NA ? B NA . ? A NA 522 ? 1_555 O ? C HOH .   ? A HOH 539 ? 1_555 89.6  ? 
5  O ? A LEU 142 ? A LEU 122 ? 3_565 NA ? B NA . ? A NA 522 ? 1_555 O ? C HOH .   ? A HOH 539 ? 1_555 176.5 ? 
6  O ? A LEU 142 ? A LEU 122 ? 2_665 NA ? B NA . ? A NA 522 ? 1_555 O ? C HOH .   ? A HOH 539 ? 1_555 90.7  ? 
7  O ? A LEU 142 ? A LEU 122 ? 1_555 NA ? B NA . ? A NA 522 ? 1_555 O ? C HOH .   ? A HOH 539 ? 2_665 174.0 ? 
8  O ? A LEU 142 ? A LEU 122 ? 3_565 NA ? B NA . ? A NA 522 ? 1_555 O ? C HOH .   ? A HOH 539 ? 2_665 87.7  ? 
9  O ? A LEU 142 ? A LEU 122 ? 2_665 NA ? B NA . ? A NA 522 ? 1_555 O ? C HOH .   ? A HOH 539 ? 2_665 87.2  ? 
10 O ? C HOH .   ? A HOH 539 ? 1_555 NA ? B NA . ? A NA 522 ? 1_555 O ? C HOH .   ? A HOH 539 ? 2_665 95.0  ? 
11 O ? A LEU 142 ? A LEU 122 ? 1_555 NA ? B NA . ? A NA 522 ? 1_555 O ? C HOH .   ? A HOH 539 ? 3_565 89.8  ? 
12 O ? A LEU 142 ? A LEU 122 ? 3_565 NA ? B NA . ? A NA 522 ? 1_555 O ? C HOH .   ? A HOH 539 ? 3_565 86.6  ? 
13 O ? A LEU 142 ? A LEU 122 ? 2_665 NA ? B NA . ? A NA 522 ? 1_555 O ? C HOH .   ? A HOH 539 ? 3_565 173.6 ? 
14 O ? C HOH .   ? A HOH 539 ? 1_555 NA ? B NA . ? A NA 522 ? 1_555 O ? C HOH .   ? A HOH 539 ? 3_565 95.5  ? 
15 O ? C HOH .   ? A HOH 539 ? 2_665 NA ? B NA . ? A NA 522 ? 1_555 O ? C HOH .   ? A HOH 539 ? 3_565 93.6  ? 
# 
loop_
_struct_sheet.id 
_struct_sheet.type 
_struct_sheet.number_strands 
_struct_sheet.details 
A ? 1 ? 
B ? 2 ? 
C ? 5 ? 
# 
loop_
_struct_sheet_order.sheet_id 
_struct_sheet_order.range_id_1 
_struct_sheet_order.range_id_2 
_struct_sheet_order.offset 
_struct_sheet_order.sense 
B 1 2 ? anti-parallel 
C 1 2 ? anti-parallel 
C 2 3 ? anti-parallel 
C 3 4 ? anti-parallel 
C 4 5 ? anti-parallel 
# 
loop_
_struct_sheet_range.sheet_id 
_struct_sheet_range.id 
_struct_sheet_range.beg_label_comp_id 
_struct_sheet_range.beg_label_asym_id 
_struct_sheet_range.beg_label_seq_id 
_struct_sheet_range.pdbx_beg_PDB_ins_code 
_struct_sheet_range.end_label_comp_id 
_struct_sheet_range.end_label_asym_id 
_struct_sheet_range.end_label_seq_id 
_struct_sheet_range.pdbx_end_PDB_ins_code 
_struct_sheet_range.beg_auth_comp_id 
_struct_sheet_range.beg_auth_asym_id 
_struct_sheet_range.beg_auth_seq_id 
_struct_sheet_range.end_auth_comp_id 
_struct_sheet_range.end_auth_asym_id 
_struct_sheet_range.end_auth_seq_id 
A 1 LEU A 128 ? LYS A 134 ? LEU A 108 LYS A 114 
B 1 LEU A 128 ? LYS A 134 ? LEU A 108 LYS A 114 
B 2 ASN A 139 ? ASP A 146 ? ASN A 119 ASP A 126 
C 1 ILE A 69  ? GLY A 73  ? ILE A 49  GLY A 53  
C 2 LYS A 55  ? SER A 61  ? LYS A 35  SER A 41  
C 3 THR A 94  ? ARG A 100 ? THR A 74  ARG A 80  
C 4 ASN A 28  ? SER A 34  ? ASN A 8   SER A 14  
C 5 GLY A 118 ? THR A 124 ? GLY A 98  THR A 104 
# 
loop_
_pdbx_struct_sheet_hbond.sheet_id 
_pdbx_struct_sheet_hbond.range_id_1 
_pdbx_struct_sheet_hbond.range_id_2 
_pdbx_struct_sheet_hbond.range_1_label_atom_id 
_pdbx_struct_sheet_hbond.range_1_label_comp_id 
_pdbx_struct_sheet_hbond.range_1_label_asym_id 
_pdbx_struct_sheet_hbond.range_1_label_seq_id 
_pdbx_struct_sheet_hbond.range_1_PDB_ins_code 
_pdbx_struct_sheet_hbond.range_1_auth_atom_id 
_pdbx_struct_sheet_hbond.range_1_auth_comp_id 
_pdbx_struct_sheet_hbond.range_1_auth_asym_id 
_pdbx_struct_sheet_hbond.range_1_auth_seq_id 
_pdbx_struct_sheet_hbond.range_2_label_atom_id 
_pdbx_struct_sheet_hbond.range_2_label_comp_id 
_pdbx_struct_sheet_hbond.range_2_label_asym_id 
_pdbx_struct_sheet_hbond.range_2_label_seq_id 
_pdbx_struct_sheet_hbond.range_2_PDB_ins_code 
_pdbx_struct_sheet_hbond.range_2_auth_atom_id 
_pdbx_struct_sheet_hbond.range_2_auth_comp_id 
_pdbx_struct_sheet_hbond.range_2_auth_asym_id 
_pdbx_struct_sheet_hbond.range_2_auth_seq_id 
B 1 2 N ILE A 131 ? N ILE A 111 O GLY A 143 ? O GLY A 123 
C 1 2 O ARG A 70  ? O ARG A 50  N PHE A 60  ? N PHE A 40  
C 2 3 N SER A 61  ? N SER A 41  O THR A 94  ? O THR A 74  
C 3 4 O ILE A 97  ? O ILE A 77  N ILE A 30  ? N ILE A 10  
C 4 5 N VAL A 31  ? N VAL A 11  O PHE A 121 ? O PHE A 101 
# 
_struct_site.id                   AC1 
_struct_site.pdbx_evidence_code   Software 
_struct_site.pdbx_auth_asym_id    A 
_struct_site.pdbx_auth_comp_id    NA 
_struct_site.pdbx_auth_seq_id     522 
_struct_site.pdbx_auth_ins_code   ? 
_struct_site.pdbx_num_residues    6 
_struct_site.details              'BINDING SITE FOR RESIDUE NA A 522' 
# 
loop_
_struct_site_gen.id 
_struct_site_gen.site_id 
_struct_site_gen.pdbx_num_res 
_struct_site_gen.label_comp_id 
_struct_site_gen.label_asym_id 
_struct_site_gen.label_seq_id 
_struct_site_gen.pdbx_auth_ins_code 
_struct_site_gen.auth_comp_id 
_struct_site_gen.auth_asym_id 
_struct_site_gen.auth_seq_id 
_struct_site_gen.label_atom_id 
_struct_site_gen.label_alt_id 
_struct_site_gen.symmetry 
_struct_site_gen.details 
1 AC1 6 LEU A 142 ? LEU A 122 . ? 3_565 ? 
2 AC1 6 LEU A 142 ? LEU A 122 . ? 1_555 ? 
3 AC1 6 LEU A 142 ? LEU A 122 . ? 2_665 ? 
4 AC1 6 HOH C .   ? HOH A 539 . ? 3_565 ? 
5 AC1 6 HOH C .   ? HOH A 539 . ? 1_555 ? 
6 AC1 6 HOH C .   ? HOH A 539 . ? 2_665 ? 
# 
_pdbx_SG_project.id                    1 
_pdbx_SG_project.project_name          'PSI, Protein Structure Initiative' 
_pdbx_SG_project.full_name_of_center   'Midwest Center for Structural Genomics' 
_pdbx_SG_project.initial_of_center     MCSG 
# 
loop_
_pdbx_struct_special_symmetry.id 
_pdbx_struct_special_symmetry.PDB_model_num 
_pdbx_struct_special_symmetry.auth_asym_id 
_pdbx_struct_special_symmetry.auth_comp_id 
_pdbx_struct_special_symmetry.auth_seq_id 
_pdbx_struct_special_symmetry.PDB_ins_code 
_pdbx_struct_special_symmetry.label_asym_id 
_pdbx_struct_special_symmetry.label_comp_id 
_pdbx_struct_special_symmetry.label_seq_id 
1 1 A NA  522 ? B NA  . 
2 1 A HOH 567 ? C HOH . 
# 
_pdbx_database_remark.id     300 
_pdbx_database_remark.text   
;BIOMOLECULE: 1
THIS ENTRY CONTAINS THE CRYSTALLOGRAPHIC ASYMMETRIC UNIT
WHICH CONSISTS OF 1 CHAIN(S). THE BIOLOGICAL UNIT IS
UNKNOWN.
;
# 
loop_
_pdbx_unobs_or_zero_occ_residues.id 
_pdbx_unobs_or_zero_occ_residues.PDB_model_num 
_pdbx_unobs_or_zero_occ_residues.polymer_flag 
_pdbx_unobs_or_zero_occ_residues.occupancy_flag 
_pdbx_unobs_or_zero_occ_residues.auth_asym_id 
_pdbx_unobs_or_zero_occ_residues.auth_comp_id 
_pdbx_unobs_or_zero_occ_residues.auth_seq_id 
_pdbx_unobs_or_zero_occ_residues.PDB_ins_code 
_pdbx_unobs_or_zero_occ_residues.label_asym_id 
_pdbx_unobs_or_zero_occ_residues.label_comp_id 
_pdbx_unobs_or_zero_occ_residues.label_seq_id 
1  1 Y 1 A MET -19 ? A MET 1   
2  1 Y 1 A GLY -18 ? A GLY 2   
3  1 Y 1 A SER -17 ? A SER 3   
4  1 Y 1 A SER -16 ? A SER 4   
5  1 Y 1 A ASP 136 ? A ASP 156 
6  1 Y 1 A ALA 137 ? A ALA 157 
7  1 Y 1 A ASP 138 ? A ASP 158 
8  1 Y 1 A ILE 139 ? A ILE 159 
9  1 Y 1 A GLU 140 ? A GLU 160 
10 1 Y 1 A LYS 141 ? A LYS 161 
11 1 Y 1 A ARG 142 ? A ARG 162 
12 1 Y 1 A ARG 143 ? A ARG 163 
13 1 Y 1 A GLN 144 ? A GLN 164 
14 1 Y 1 A PHE 145 ? A PHE 165 
15 1 Y 1 A LEU 146 ? A LEU 166 
16 1 Y 1 A ARG 147 ? A ARG 167 
17 1 Y 1 A ARG 148 ? A ARG 168 
18 1 Y 1 A ILE 149 ? A ILE 169 
19 1 Y 1 A GLY 150 ? A GLY 170 
20 1 Y 1 A TYR 151 ? A TYR 171 
21 1 Y 1 A LYS 152 ? A LYS 172 
22 1 Y 1 A GLU 153 ? A GLU 173 
# 
loop_
_chem_comp_atom.comp_id 
_chem_comp_atom.atom_id 
_chem_comp_atom.type_symbol 
_chem_comp_atom.pdbx_aromatic_flag 
_chem_comp_atom.pdbx_stereo_config 
_chem_comp_atom.pdbx_ordinal 
ALA N    N  N N 1   
ALA CA   C  N S 2   
ALA C    C  N N 3   
ALA O    O  N N 4   
ALA CB   C  N N 5   
ALA OXT  O  N N 6   
ALA H    H  N N 7   
ALA H2   H  N N 8   
ALA HA   H  N N 9   
ALA HB1  H  N N 10  
ALA HB2  H  N N 11  
ALA HB3  H  N N 12  
ALA HXT  H  N N 13  
ARG N    N  N N 14  
ARG CA   C  N S 15  
ARG C    C  N N 16  
ARG O    O  N N 17  
ARG CB   C  N N 18  
ARG CG   C  N N 19  
ARG CD   C  N N 20  
ARG NE   N  N N 21  
ARG CZ   C  N N 22  
ARG NH1  N  N N 23  
ARG NH2  N  N N 24  
ARG OXT  O  N N 25  
ARG H    H  N N 26  
ARG H2   H  N N 27  
ARG HA   H  N N 28  
ARG HB2  H  N N 29  
ARG HB3  H  N N 30  
ARG HG2  H  N N 31  
ARG HG3  H  N N 32  
ARG HD2  H  N N 33  
ARG HD3  H  N N 34  
ARG HE   H  N N 35  
ARG HH11 H  N N 36  
ARG HH12 H  N N 37  
ARG HH21 H  N N 38  
ARG HH22 H  N N 39  
ARG HXT  H  N N 40  
ASN N    N  N N 41  
ASN CA   C  N S 42  
ASN C    C  N N 43  
ASN O    O  N N 44  
ASN CB   C  N N 45  
ASN CG   C  N N 46  
ASN OD1  O  N N 47  
ASN ND2  N  N N 48  
ASN OXT  O  N N 49  
ASN H    H  N N 50  
ASN H2   H  N N 51  
ASN HA   H  N N 52  
ASN HB2  H  N N 53  
ASN HB3  H  N N 54  
ASN HD21 H  N N 55  
ASN HD22 H  N N 56  
ASN HXT  H  N N 57  
ASP N    N  N N 58  
ASP CA   C  N S 59  
ASP C    C  N N 60  
ASP O    O  N N 61  
ASP CB   C  N N 62  
ASP CG   C  N N 63  
ASP OD1  O  N N 64  
ASP OD2  O  N N 65  
ASP OXT  O  N N 66  
ASP H    H  N N 67  
ASP H2   H  N N 68  
ASP HA   H  N N 69  
ASP HB2  H  N N 70  
ASP HB3  H  N N 71  
ASP HD2  H  N N 72  
ASP HXT  H  N N 73  
CYS N    N  N N 74  
CYS CA   C  N R 75  
CYS C    C  N N 76  
CYS O    O  N N 77  
CYS CB   C  N N 78  
CYS SG   S  N N 79  
CYS OXT  O  N N 80  
CYS H    H  N N 81  
CYS H2   H  N N 82  
CYS HA   H  N N 83  
CYS HB2  H  N N 84  
CYS HB3  H  N N 85  
CYS HG   H  N N 86  
CYS HXT  H  N N 87  
GLN N    N  N N 88  
GLN CA   C  N S 89  
GLN C    C  N N 90  
GLN O    O  N N 91  
GLN CB   C  N N 92  
GLN CG   C  N N 93  
GLN CD   C  N N 94  
GLN OE1  O  N N 95  
GLN NE2  N  N N 96  
GLN OXT  O  N N 97  
GLN H    H  N N 98  
GLN H2   H  N N 99  
GLN HA   H  N N 100 
GLN HB2  H  N N 101 
GLN HB3  H  N N 102 
GLN HG2  H  N N 103 
GLN HG3  H  N N 104 
GLN HE21 H  N N 105 
GLN HE22 H  N N 106 
GLN HXT  H  N N 107 
GLU N    N  N N 108 
GLU CA   C  N S 109 
GLU C    C  N N 110 
GLU O    O  N N 111 
GLU CB   C  N N 112 
GLU CG   C  N N 113 
GLU CD   C  N N 114 
GLU OE1  O  N N 115 
GLU OE2  O  N N 116 
GLU OXT  O  N N 117 
GLU H    H  N N 118 
GLU H2   H  N N 119 
GLU HA   H  N N 120 
GLU HB2  H  N N 121 
GLU HB3  H  N N 122 
GLU HG2  H  N N 123 
GLU HG3  H  N N 124 
GLU HE2  H  N N 125 
GLU HXT  H  N N 126 
GLY N    N  N N 127 
GLY CA   C  N N 128 
GLY C    C  N N 129 
GLY O    O  N N 130 
GLY OXT  O  N N 131 
GLY H    H  N N 132 
GLY H2   H  N N 133 
GLY HA2  H  N N 134 
GLY HA3  H  N N 135 
GLY HXT  H  N N 136 
HIS N    N  N N 137 
HIS CA   C  N S 138 
HIS C    C  N N 139 
HIS O    O  N N 140 
HIS CB   C  N N 141 
HIS CG   C  Y N 142 
HIS ND1  N  Y N 143 
HIS CD2  C  Y N 144 
HIS CE1  C  Y N 145 
HIS NE2  N  Y N 146 
HIS OXT  O  N N 147 
HIS H    H  N N 148 
HIS H2   H  N N 149 
HIS HA   H  N N 150 
HIS HB2  H  N N 151 
HIS HB3  H  N N 152 
HIS HD1  H  N N 153 
HIS HD2  H  N N 154 
HIS HE1  H  N N 155 
HIS HE2  H  N N 156 
HIS HXT  H  N N 157 
HOH O    O  N N 158 
HOH H1   H  N N 159 
HOH H2   H  N N 160 
ILE N    N  N N 161 
ILE CA   C  N S 162 
ILE C    C  N N 163 
ILE O    O  N N 164 
ILE CB   C  N S 165 
ILE CG1  C  N N 166 
ILE CG2  C  N N 167 
ILE CD1  C  N N 168 
ILE OXT  O  N N 169 
ILE H    H  N N 170 
ILE H2   H  N N 171 
ILE HA   H  N N 172 
ILE HB   H  N N 173 
ILE HG12 H  N N 174 
ILE HG13 H  N N 175 
ILE HG21 H  N N 176 
ILE HG22 H  N N 177 
ILE HG23 H  N N 178 
ILE HD11 H  N N 179 
ILE HD12 H  N N 180 
ILE HD13 H  N N 181 
ILE HXT  H  N N 182 
LEU N    N  N N 183 
LEU CA   C  N S 184 
LEU C    C  N N 185 
LEU O    O  N N 186 
LEU CB   C  N N 187 
LEU CG   C  N N 188 
LEU CD1  C  N N 189 
LEU CD2  C  N N 190 
LEU OXT  O  N N 191 
LEU H    H  N N 192 
LEU H2   H  N N 193 
LEU HA   H  N N 194 
LEU HB2  H  N N 195 
LEU HB3  H  N N 196 
LEU HG   H  N N 197 
LEU HD11 H  N N 198 
LEU HD12 H  N N 199 
LEU HD13 H  N N 200 
LEU HD21 H  N N 201 
LEU HD22 H  N N 202 
LEU HD23 H  N N 203 
LEU HXT  H  N N 204 
LYS N    N  N N 205 
LYS CA   C  N S 206 
LYS C    C  N N 207 
LYS O    O  N N 208 
LYS CB   C  N N 209 
LYS CG   C  N N 210 
LYS CD   C  N N 211 
LYS CE   C  N N 212 
LYS NZ   N  N N 213 
LYS OXT  O  N N 214 
LYS H    H  N N 215 
LYS H2   H  N N 216 
LYS HA   H  N N 217 
LYS HB2  H  N N 218 
LYS HB3  H  N N 219 
LYS HG2  H  N N 220 
LYS HG3  H  N N 221 
LYS HD2  H  N N 222 
LYS HD3  H  N N 223 
LYS HE2  H  N N 224 
LYS HE3  H  N N 225 
LYS HZ1  H  N N 226 
LYS HZ2  H  N N 227 
LYS HZ3  H  N N 228 
LYS HXT  H  N N 229 
MET N    N  N N 230 
MET CA   C  N S 231 
MET C    C  N N 232 
MET O    O  N N 233 
MET CB   C  N N 234 
MET CG   C  N N 235 
MET SD   S  N N 236 
MET CE   C  N N 237 
MET OXT  O  N N 238 
MET H    H  N N 239 
MET H2   H  N N 240 
MET HA   H  N N 241 
MET HB2  H  N N 242 
MET HB3  H  N N 243 
MET HG2  H  N N 244 
MET HG3  H  N N 245 
MET HE1  H  N N 246 
MET HE2  H  N N 247 
MET HE3  H  N N 248 
MET HXT  H  N N 249 
NA  NA   NA N N 250 
PHE N    N  N N 251 
PHE CA   C  N S 252 
PHE C    C  N N 253 
PHE O    O  N N 254 
PHE CB   C  N N 255 
PHE CG   C  Y N 256 
PHE CD1  C  Y N 257 
PHE CD2  C  Y N 258 
PHE CE1  C  Y N 259 
PHE CE2  C  Y N 260 
PHE CZ   C  Y N 261 
PHE OXT  O  N N 262 
PHE H    H  N N 263 
PHE H2   H  N N 264 
PHE HA   H  N N 265 
PHE HB2  H  N N 266 
PHE HB3  H  N N 267 
PHE HD1  H  N N 268 
PHE HD2  H  N N 269 
PHE HE1  H  N N 270 
PHE HE2  H  N N 271 
PHE HZ   H  N N 272 
PHE HXT  H  N N 273 
PRO N    N  N N 274 
PRO CA   C  N S 275 
PRO C    C  N N 276 
PRO O    O  N N 277 
PRO CB   C  N N 278 
PRO CG   C  N N 279 
PRO CD   C  N N 280 
PRO OXT  O  N N 281 
PRO H    H  N N 282 
PRO HA   H  N N 283 
PRO HB2  H  N N 284 
PRO HB3  H  N N 285 
PRO HG2  H  N N 286 
PRO HG3  H  N N 287 
PRO HD2  H  N N 288 
PRO HD3  H  N N 289 
PRO HXT  H  N N 290 
SER N    N  N N 291 
SER CA   C  N S 292 
SER C    C  N N 293 
SER O    O  N N 294 
SER CB   C  N N 295 
SER OG   O  N N 296 
SER OXT  O  N N 297 
SER H    H  N N 298 
SER H2   H  N N 299 
SER HA   H  N N 300 
SER HB2  H  N N 301 
SER HB3  H  N N 302 
SER HG   H  N N 303 
SER HXT  H  N N 304 
THR N    N  N N 305 
THR CA   C  N S 306 
THR C    C  N N 307 
THR O    O  N N 308 
THR CB   C  N R 309 
THR OG1  O  N N 310 
THR CG2  C  N N 311 
THR OXT  O  N N 312 
THR H    H  N N 313 
THR H2   H  N N 314 
THR HA   H  N N 315 
THR HB   H  N N 316 
THR HG1  H  N N 317 
THR HG21 H  N N 318 
THR HG22 H  N N 319 
THR HG23 H  N N 320 
THR HXT  H  N N 321 
TYR N    N  N N 322 
TYR CA   C  N S 323 
TYR C    C  N N 324 
TYR O    O  N N 325 
TYR CB   C  N N 326 
TYR CG   C  Y N 327 
TYR CD1  C  Y N 328 
TYR CD2  C  Y N 329 
TYR CE1  C  Y N 330 
TYR CE2  C  Y N 331 
TYR CZ   C  Y N 332 
TYR OH   O  N N 333 
TYR OXT  O  N N 334 
TYR H    H  N N 335 
TYR H2   H  N N 336 
TYR HA   H  N N 337 
TYR HB2  H  N N 338 
TYR HB3  H  N N 339 
TYR HD1  H  N N 340 
TYR HD2  H  N N 341 
TYR HE1  H  N N 342 
TYR HE2  H  N N 343 
TYR HH   H  N N 344 
TYR HXT  H  N N 345 
VAL N    N  N N 346 
VAL CA   C  N S 347 
VAL C    C  N N 348 
VAL O    O  N N 349 
VAL CB   C  N N 350 
VAL CG1  C  N N 351 
VAL CG2  C  N N 352 
VAL OXT  O  N N 353 
VAL H    H  N N 354 
VAL H2   H  N N 355 
VAL HA   H  N N 356 
VAL HB   H  N N 357 
VAL HG11 H  N N 358 
VAL HG12 H  N N 359 
VAL HG13 H  N N 360 
VAL HG21 H  N N 361 
VAL HG22 H  N N 362 
VAL HG23 H  N N 363 
VAL HXT  H  N N 364 
# 
loop_
_chem_comp_bond.comp_id 
_chem_comp_bond.atom_id_1 
_chem_comp_bond.atom_id_2 
_chem_comp_bond.value_order 
_chem_comp_bond.pdbx_aromatic_flag 
_chem_comp_bond.pdbx_stereo_config 
_chem_comp_bond.pdbx_ordinal 
ALA N   CA   sing N N 1   
ALA N   H    sing N N 2   
ALA N   H2   sing N N 3   
ALA CA  C    sing N N 4   
ALA CA  CB   sing N N 5   
ALA CA  HA   sing N N 6   
ALA C   O    doub N N 7   
ALA C   OXT  sing N N 8   
ALA CB  HB1  sing N N 9   
ALA CB  HB2  sing N N 10  
ALA CB  HB3  sing N N 11  
ALA OXT HXT  sing N N 12  
ARG N   CA   sing N N 13  
ARG N   H    sing N N 14  
ARG N   H2   sing N N 15  
ARG CA  C    sing N N 16  
ARG CA  CB   sing N N 17  
ARG CA  HA   sing N N 18  
ARG C   O    doub N N 19  
ARG C   OXT  sing N N 20  
ARG CB  CG   sing N N 21  
ARG CB  HB2  sing N N 22  
ARG CB  HB3  sing N N 23  
ARG CG  CD   sing N N 24  
ARG CG  HG2  sing N N 25  
ARG CG  HG3  sing N N 26  
ARG CD  NE   sing N N 27  
ARG CD  HD2  sing N N 28  
ARG CD  HD3  sing N N 29  
ARG NE  CZ   sing N N 30  
ARG NE  HE   sing N N 31  
ARG CZ  NH1  sing N N 32  
ARG CZ  NH2  doub N N 33  
ARG NH1 HH11 sing N N 34  
ARG NH1 HH12 sing N N 35  
ARG NH2 HH21 sing N N 36  
ARG NH2 HH22 sing N N 37  
ARG OXT HXT  sing N N 38  
ASN N   CA   sing N N 39  
ASN N   H    sing N N 40  
ASN N   H2   sing N N 41  
ASN CA  C    sing N N 42  
ASN CA  CB   sing N N 43  
ASN CA  HA   sing N N 44  
ASN C   O    doub N N 45  
ASN C   OXT  sing N N 46  
ASN CB  CG   sing N N 47  
ASN CB  HB2  sing N N 48  
ASN CB  HB3  sing N N 49  
ASN CG  OD1  doub N N 50  
ASN CG  ND2  sing N N 51  
ASN ND2 HD21 sing N N 52  
ASN ND2 HD22 sing N N 53  
ASN OXT HXT  sing N N 54  
ASP N   CA   sing N N 55  
ASP N   H    sing N N 56  
ASP N   H2   sing N N 57  
ASP CA  C    sing N N 58  
ASP CA  CB   sing N N 59  
ASP CA  HA   sing N N 60  
ASP C   O    doub N N 61  
ASP C   OXT  sing N N 62  
ASP CB  CG   sing N N 63  
ASP CB  HB2  sing N N 64  
ASP CB  HB3  sing N N 65  
ASP CG  OD1  doub N N 66  
ASP CG  OD2  sing N N 67  
ASP OD2 HD2  sing N N 68  
ASP OXT HXT  sing N N 69  
CYS N   CA   sing N N 70  
CYS N   H    sing N N 71  
CYS N   H2   sing N N 72  
CYS CA  C    sing N N 73  
CYS CA  CB   sing N N 74  
CYS CA  HA   sing N N 75  
CYS C   O    doub N N 76  
CYS C   OXT  sing N N 77  
CYS CB  SG   sing N N 78  
CYS CB  HB2  sing N N 79  
CYS CB  HB3  sing N N 80  
CYS SG  HG   sing N N 81  
CYS OXT HXT  sing N N 82  
GLN N   CA   sing N N 83  
GLN N   H    sing N N 84  
GLN N   H2   sing N N 85  
GLN CA  C    sing N N 86  
GLN CA  CB   sing N N 87  
GLN CA  HA   sing N N 88  
GLN C   O    doub N N 89  
GLN C   OXT  sing N N 90  
GLN CB  CG   sing N N 91  
GLN CB  HB2  sing N N 92  
GLN CB  HB3  sing N N 93  
GLN CG  CD   sing N N 94  
GLN CG  HG2  sing N N 95  
GLN CG  HG3  sing N N 96  
GLN CD  OE1  doub N N 97  
GLN CD  NE2  sing N N 98  
GLN NE2 HE21 sing N N 99  
GLN NE2 HE22 sing N N 100 
GLN OXT HXT  sing N N 101 
GLU N   CA   sing N N 102 
GLU N   H    sing N N 103 
GLU N   H2   sing N N 104 
GLU CA  C    sing N N 105 
GLU CA  CB   sing N N 106 
GLU CA  HA   sing N N 107 
GLU C   O    doub N N 108 
GLU C   OXT  sing N N 109 
GLU CB  CG   sing N N 110 
GLU CB  HB2  sing N N 111 
GLU CB  HB3  sing N N 112 
GLU CG  CD   sing N N 113 
GLU CG  HG2  sing N N 114 
GLU CG  HG3  sing N N 115 
GLU CD  OE1  doub N N 116 
GLU CD  OE2  sing N N 117 
GLU OE2 HE2  sing N N 118 
GLU OXT HXT  sing N N 119 
GLY N   CA   sing N N 120 
GLY N   H    sing N N 121 
GLY N   H2   sing N N 122 
GLY CA  C    sing N N 123 
GLY CA  HA2  sing N N 124 
GLY CA  HA3  sing N N 125 
GLY C   O    doub N N 126 
GLY C   OXT  sing N N 127 
GLY OXT HXT  sing N N 128 
HIS N   CA   sing N N 129 
HIS N   H    sing N N 130 
HIS N   H2   sing N N 131 
HIS CA  C    sing N N 132 
HIS CA  CB   sing N N 133 
HIS CA  HA   sing N N 134 
HIS C   O    doub N N 135 
HIS C   OXT  sing N N 136 
HIS CB  CG   sing N N 137 
HIS CB  HB2  sing N N 138 
HIS CB  HB3  sing N N 139 
HIS CG  ND1  sing Y N 140 
HIS CG  CD2  doub Y N 141 
HIS ND1 CE1  doub Y N 142 
HIS ND1 HD1  sing N N 143 
HIS CD2 NE2  sing Y N 144 
HIS CD2 HD2  sing N N 145 
HIS CE1 NE2  sing Y N 146 
HIS CE1 HE1  sing N N 147 
HIS NE2 HE2  sing N N 148 
HIS OXT HXT  sing N N 149 
HOH O   H1   sing N N 150 
HOH O   H2   sing N N 151 
ILE N   CA   sing N N 152 
ILE N   H    sing N N 153 
ILE N   H2   sing N N 154 
ILE CA  C    sing N N 155 
ILE CA  CB   sing N N 156 
ILE CA  HA   sing N N 157 
ILE C   O    doub N N 158 
ILE C   OXT  sing N N 159 
ILE CB  CG1  sing N N 160 
ILE CB  CG2  sing N N 161 
ILE CB  HB   sing N N 162 
ILE CG1 CD1  sing N N 163 
ILE CG1 HG12 sing N N 164 
ILE CG1 HG13 sing N N 165 
ILE CG2 HG21 sing N N 166 
ILE CG2 HG22 sing N N 167 
ILE CG2 HG23 sing N N 168 
ILE CD1 HD11 sing N N 169 
ILE CD1 HD12 sing N N 170 
ILE CD1 HD13 sing N N 171 
ILE OXT HXT  sing N N 172 
LEU N   CA   sing N N 173 
LEU N   H    sing N N 174 
LEU N   H2   sing N N 175 
LEU CA  C    sing N N 176 
LEU CA  CB   sing N N 177 
LEU CA  HA   sing N N 178 
LEU C   O    doub N N 179 
LEU C   OXT  sing N N 180 
LEU CB  CG   sing N N 181 
LEU CB  HB2  sing N N 182 
LEU CB  HB3  sing N N 183 
LEU CG  CD1  sing N N 184 
LEU CG  CD2  sing N N 185 
LEU CG  HG   sing N N 186 
LEU CD1 HD11 sing N N 187 
LEU CD1 HD12 sing N N 188 
LEU CD1 HD13 sing N N 189 
LEU CD2 HD21 sing N N 190 
LEU CD2 HD22 sing N N 191 
LEU CD2 HD23 sing N N 192 
LEU OXT HXT  sing N N 193 
LYS N   CA   sing N N 194 
LYS N   H    sing N N 195 
LYS N   H2   sing N N 196 
LYS CA  C    sing N N 197 
LYS CA  CB   sing N N 198 
LYS CA  HA   sing N N 199 
LYS C   O    doub N N 200 
LYS C   OXT  sing N N 201 
LYS CB  CG   sing N N 202 
LYS CB  HB2  sing N N 203 
LYS CB  HB3  sing N N 204 
LYS CG  CD   sing N N 205 
LYS CG  HG2  sing N N 206 
LYS CG  HG3  sing N N 207 
LYS CD  CE   sing N N 208 
LYS CD  HD2  sing N N 209 
LYS CD  HD3  sing N N 210 
LYS CE  NZ   sing N N 211 
LYS CE  HE2  sing N N 212 
LYS CE  HE3  sing N N 213 
LYS NZ  HZ1  sing N N 214 
LYS NZ  HZ2  sing N N 215 
LYS NZ  HZ3  sing N N 216 
LYS OXT HXT  sing N N 217 
MET N   CA   sing N N 218 
MET N   H    sing N N 219 
MET N   H2   sing N N 220 
MET CA  C    sing N N 221 
MET CA  CB   sing N N 222 
MET CA  HA   sing N N 223 
MET C   O    doub N N 224 
MET C   OXT  sing N N 225 
MET CB  CG   sing N N 226 
MET CB  HB2  sing N N 227 
MET CB  HB3  sing N N 228 
MET CG  SD   sing N N 229 
MET CG  HG2  sing N N 230 
MET CG  HG3  sing N N 231 
MET SD  CE   sing N N 232 
MET CE  HE1  sing N N 233 
MET CE  HE2  sing N N 234 
MET CE  HE3  sing N N 235 
MET OXT HXT  sing N N 236 
PHE N   CA   sing N N 237 
PHE N   H    sing N N 238 
PHE N   H2   sing N N 239 
PHE CA  C    sing N N 240 
PHE CA  CB   sing N N 241 
PHE CA  HA   sing N N 242 
PHE C   O    doub N N 243 
PHE C   OXT  sing N N 244 
PHE CB  CG   sing N N 245 
PHE CB  HB2  sing N N 246 
PHE CB  HB3  sing N N 247 
PHE CG  CD1  doub Y N 248 
PHE CG  CD2  sing Y N 249 
PHE CD1 CE1  sing Y N 250 
PHE CD1 HD1  sing N N 251 
PHE CD2 CE2  doub Y N 252 
PHE CD2 HD2  sing N N 253 
PHE CE1 CZ   doub Y N 254 
PHE CE1 HE1  sing N N 255 
PHE CE2 CZ   sing Y N 256 
PHE CE2 HE2  sing N N 257 
PHE CZ  HZ   sing N N 258 
PHE OXT HXT  sing N N 259 
PRO N   CA   sing N N 260 
PRO N   CD   sing N N 261 
PRO N   H    sing N N 262 
PRO CA  C    sing N N 263 
PRO CA  CB   sing N N 264 
PRO CA  HA   sing N N 265 
PRO C   O    doub N N 266 
PRO C   OXT  sing N N 267 
PRO CB  CG   sing N N 268 
PRO CB  HB2  sing N N 269 
PRO CB  HB3  sing N N 270 
PRO CG  CD   sing N N 271 
PRO CG  HG2  sing N N 272 
PRO CG  HG3  sing N N 273 
PRO CD  HD2  sing N N 274 
PRO CD  HD3  sing N N 275 
PRO OXT HXT  sing N N 276 
SER N   CA   sing N N 277 
SER N   H    sing N N 278 
SER N   H2   sing N N 279 
SER CA  C    sing N N 280 
SER CA  CB   sing N N 281 
SER CA  HA   sing N N 282 
SER C   O    doub N N 283 
SER C   OXT  sing N N 284 
SER CB  OG   sing N N 285 
SER CB  HB2  sing N N 286 
SER CB  HB3  sing N N 287 
SER OG  HG   sing N N 288 
SER OXT HXT  sing N N 289 
THR N   CA   sing N N 290 
THR N   H    sing N N 291 
THR N   H2   sing N N 292 
THR CA  C    sing N N 293 
THR CA  CB   sing N N 294 
THR CA  HA   sing N N 295 
THR C   O    doub N N 296 
THR C   OXT  sing N N 297 
THR CB  OG1  sing N N 298 
THR CB  CG2  sing N N 299 
THR CB  HB   sing N N 300 
THR OG1 HG1  sing N N 301 
THR CG2 HG21 sing N N 302 
THR CG2 HG22 sing N N 303 
THR CG2 HG23 sing N N 304 
THR OXT HXT  sing N N 305 
TYR N   CA   sing N N 306 
TYR N   H    sing N N 307 
TYR N   H2   sing N N 308 
TYR CA  C    sing N N 309 
TYR CA  CB   sing N N 310 
TYR CA  HA   sing N N 311 
TYR C   O    doub N N 312 
TYR C   OXT  sing N N 313 
TYR CB  CG   sing N N 314 
TYR CB  HB2  sing N N 315 
TYR CB  HB3  sing N N 316 
TYR CG  CD1  doub Y N 317 
TYR CG  CD2  sing Y N 318 
TYR CD1 CE1  sing Y N 319 
TYR CD1 HD1  sing N N 320 
TYR CD2 CE2  doub Y N 321 
TYR CD2 HD2  sing N N 322 
TYR CE1 CZ   doub Y N 323 
TYR CE1 HE1  sing N N 324 
TYR CE2 CZ   sing Y N 325 
TYR CE2 HE2  sing N N 326 
TYR CZ  OH   sing N N 327 
TYR OH  HH   sing N N 328 
TYR OXT HXT  sing N N 329 
VAL N   CA   sing N N 330 
VAL N   H    sing N N 331 
VAL N   H2   sing N N 332 
VAL CA  C    sing N N 333 
VAL CA  CB   sing N N 334 
VAL CA  HA   sing N N 335 
VAL C   O    doub N N 336 
VAL C   OXT  sing N N 337 
VAL CB  CG1  sing N N 338 
VAL CB  CG2  sing N N 339 
VAL CB  HB   sing N N 340 
VAL CG1 HG11 sing N N 341 
VAL CG1 HG12 sing N N 342 
VAL CG1 HG13 sing N N 343 
VAL CG2 HG21 sing N N 344 
VAL CG2 HG22 sing N N 345 
VAL CG2 HG23 sing N N 346 
VAL OXT HXT  sing N N 347 
# 
_atom_sites.entry_id                    1RLH 
_atom_sites.fract_transf_matrix[1][1]   -0.01131381 
_atom_sites.fract_transf_matrix[1][2]   0.00455685 
_atom_sites.fract_transf_matrix[1][3]   -0.00962129 
_atom_sites.fract_transf_matrix[2][1]   0.00292209 
_atom_sites.fract_transf_matrix[2][2]   0.01063571 
_atom_sites.fract_transf_matrix[2][3]   -0.01093981 
_atom_sites.fract_transf_matrix[3][1]   0.00493879 
_atom_sites.fract_transf_matrix[3][2]   -0.01429411 
_atom_sites.fract_transf_matrix[3][3]   -0.01257759 
_atom_sites.fract_transf_vector[1]      0.533729 
_atom_sites.fract_transf_vector[2]      0.793862 
_atom_sites.fract_transf_vector[3]      -0.058519 
# 
loop_
_atom_type.symbol 
C  
N  
NA 
O  
S  
# 
loop_
_atom_site.group_PDB 
_atom_site.id 
_atom_site.type_symbol 
_atom_site.label_atom_id 
_atom_site.label_alt_id 
_atom_site.label_comp_id 
_atom_site.label_asym_id 
_atom_site.label_entity_id 
_atom_site.label_seq_id 
_atom_site.pdbx_PDB_ins_code 
_atom_site.Cartn_x 
_atom_site.Cartn_y 
_atom_site.Cartn_z 
_atom_site.occupancy 
_atom_site.B_iso_or_equiv 
_atom_site.pdbx_formal_charge 
_atom_site.auth_seq_id 
_atom_site.auth_comp_id 
_atom_site.auth_asym_id 
_atom_site.auth_atom_id 
_atom_site.pdbx_PDB_model_num 
ATOM   1    N  N   . HIS A 1 5   ? 23.464  18.932  11.217  1.00 38.70 ? -15 HIS A N   1 
ATOM   2    C  CA  . HIS A 1 5   ? 22.346  19.741  11.784  1.00 37.72 ? -15 HIS A CA  1 
ATOM   3    C  C   . HIS A 1 5   ? 21.010  19.283  11.216  1.00 37.08 ? -15 HIS A C   1 
ATOM   4    O  O   . HIS A 1 5   ? 20.816  19.264  10.003  1.00 39.13 ? -15 HIS A O   1 
ATOM   5    C  CB  . HIS A 1 5   ? 22.540  21.223  11.455  1.00 36.57 ? -15 HIS A CB  1 
ATOM   6    C  CG  . HIS A 1 5   ? 21.499  22.112  12.059  1.00 35.13 ? -15 HIS A CG  1 
ATOM   7    N  ND1 . HIS A 1 5   ? 20.959  23.189  11.391  1.00 33.52 ? -15 HIS A ND1 1 
ATOM   8    C  CD2 . HIS A 1 5   ? 20.903  22.087  13.275  1.00 33.67 ? -15 HIS A CD2 1 
ATOM   9    C  CE1 . HIS A 1 5   ? 20.073  23.788  12.168  1.00 34.01 ? -15 HIS A CE1 1 
ATOM   10   N  NE2 . HIS A 1 5   ? 20.021  23.139  13.317  1.00 34.19 ? -15 HIS A NE2 1 
ATOM   11   N  N   . HIS A 1 6   ? 20.085  18.927  12.098  1.00 35.04 ? -14 HIS A N   1 
ATOM   12   C  CA  . HIS A 1 6   ? 18.771  18.473  11.672  1.00 34.34 ? -14 HIS A CA  1 
ATOM   13   C  C   . HIS A 1 6   ? 17.689  19.425  12.151  1.00 33.47 ? -14 HIS A C   1 
ATOM   14   O  O   . HIS A 1 6   ? 17.862  20.136  13.140  1.00 35.36 ? -14 HIS A O   1 
ATOM   15   C  CB  . HIS A 1 6   ? 18.515  17.060  12.198  1.00 35.07 ? -14 HIS A CB  1 
ATOM   16   C  CG  . HIS A 1 6   ? 19.496  16.051  11.690  1.00 35.04 ? -14 HIS A CG  1 
ATOM   17   N  ND1 . HIS A 1 6   ? 19.599  15.720  10.356  1.00 35.72 ? -14 HIS A ND1 1 
ATOM   18   C  CD2 . HIS A 1 6   ? 20.444  15.326  12.331  1.00 35.25 ? -14 HIS A CD2 1 
ATOM   19   C  CE1 . HIS A 1 6   ? 20.568  14.837  10.196  1.00 35.69 ? -14 HIS A CE1 1 
ATOM   20   N  NE2 . HIS A 1 6   ? 21.096  14.581  11.379  1.00 36.52 ? -14 HIS A NE2 1 
ATOM   21   N  N   . HIS A 1 7   ? 16.571  19.437  11.441  1.00 30.48 ? -13 HIS A N   1 
ATOM   22   C  CA  . HIS A 1 7   ? 15.471  20.322  11.791  1.00 29.85 ? -13 HIS A CA  1 
ATOM   23   C  C   . HIS A 1 7   ? 14.316  19.563  12.411  1.00 31.65 ? -13 HIS A C   1 
ATOM   24   O  O   . HIS A 1 7   ? 13.911  18.519  11.907  1.00 33.60 ? -13 HIS A O   1 
ATOM   25   C  CB  . HIS A 1 7   ? 15.007  21.069  10.545  1.00 27.82 ? -13 HIS A CB  1 
ATOM   26   C  CG  . HIS A 1 7   ? 16.103  21.831  9.871   1.00 28.27 ? -13 HIS A CG  1 
ATOM   27   N  ND1 . HIS A 1 7   ? 16.717  22.919  10.455  1.00 27.36 ? -13 HIS A ND1 1 
ATOM   28   C  CD2 . HIS A 1 7   ? 16.737  21.629  8.691   1.00 27.58 ? -13 HIS A CD2 1 
ATOM   29   C  CE1 . HIS A 1 7   ? 17.682  23.353  9.664   1.00 28.10 ? -13 HIS A CE1 1 
ATOM   30   N  NE2 . HIS A 1 7   ? 17.715  22.587  8.587   1.00 27.23 ? -13 HIS A NE2 1 
ATOM   31   N  N   . HIS A 1 8   ? 13.793  20.083  13.515  1.00 31.23 ? -12 HIS A N   1 
ATOM   32   C  CA  . HIS A 1 8   ? 12.673  19.438  14.183  1.00 33.54 ? -12 HIS A CA  1 
ATOM   33   C  C   . HIS A 1 8   ? 11.478  20.374  14.306  1.00 31.53 ? -12 HIS A C   1 
ATOM   34   O  O   . HIS A 1 8   ? 11.629  21.566  14.571  1.00 28.44 ? -12 HIS A O   1 
ATOM   35   C  CB  . HIS A 1 8   ? 13.091  18.946  15.573  1.00 36.89 ? -12 HIS A CB  1 
ATOM   36   C  CG  . HIS A 1 8   ? 11.976  18.312  16.349  1.00 42.47 ? -12 HIS A CG  1 
ATOM   37   N  ND1 . HIS A 1 8   ? 11.349  18.943  17.402  1.00 45.07 ? -12 HIS A ND1 1 
ATOM   38   C  CD2 . HIS A 1 8   ? 11.358  17.115  16.205  1.00 43.89 ? -12 HIS A CD2 1 
ATOM   39   C  CE1 . HIS A 1 8   ? 10.391  18.164  17.873  1.00 46.29 ? -12 HIS A CE1 1 
ATOM   40   N  NE2 . HIS A 1 8   ? 10.376  17.049  17.165  1.00 45.48 ? -12 HIS A NE2 1 
ATOM   41   N  N   . HIS A 1 9   ? 10.289  19.823  14.090  1.00 30.93 ? -11 HIS A N   1 
ATOM   42   C  CA  . HIS A 1 9   ? 9.047   20.575  14.190  1.00 31.24 ? -11 HIS A CA  1 
ATOM   43   C  C   . HIS A 1 9   ? 8.176   19.842  15.200  1.00 32.05 ? -11 HIS A C   1 
ATOM   44   O  O   . HIS A 1 9   ? 8.108   18.614  15.188  1.00 29.10 ? -11 HIS A O   1 
ATOM   45   C  CB  . HIS A 1 9   ? 8.345   20.632  12.832  1.00 31.62 ? -11 HIS A CB  1 
ATOM   46   C  CG  . HIS A 1 9   ? 9.023   21.521  11.834  1.00 33.52 ? -11 HIS A CG  1 
ATOM   47   N  ND1 . HIS A 1 9   ? 8.795   22.879  11.770  1.00 34.87 ? -11 HIS A ND1 1 
ATOM   48   C  CD2 . HIS A 1 9   ? 9.930   21.246  10.866  1.00 33.35 ? -11 HIS A CD2 1 
ATOM   49   C  CE1 . HIS A 1 9   ? 9.531   23.401  10.804  1.00 34.92 ? -11 HIS A CE1 1 
ATOM   50   N  NE2 . HIS A 1 9   ? 10.228  22.432  10.242  1.00 34.52 ? -11 HIS A NE2 1 
ATOM   51   N  N   . HIS A 1 10  ? 7.518   20.589  16.077  1.00 32.98 ? -10 HIS A N   1 
ATOM   52   C  CA  . HIS A 1 10  ? 6.666   19.978  17.089  1.00 35.51 ? -10 HIS A CA  1 
ATOM   53   C  C   . HIS A 1 10  ? 5.481   19.231  16.488  1.00 35.24 ? -10 HIS A C   1 
ATOM   54   O  O   . HIS A 1 10  ? 4.777   18.512  17.190  1.00 35.66 ? -10 HIS A O   1 
ATOM   55   C  CB  . HIS A 1 10  ? 6.179   21.044  18.073  1.00 38.29 ? -10 HIS A CB  1 
ATOM   56   C  CG  . HIS A 1 10  ? 7.283   21.680  18.859  1.00 42.13 ? -10 HIS A CG  1 
ATOM   57   N  ND1 . HIS A 1 10  ? 8.097   20.963  19.710  1.00 44.21 ? -10 HIS A ND1 1 
ATOM   58   C  CD2 . HIS A 1 10  ? 7.735   22.956  18.895  1.00 44.16 ? -10 HIS A CD2 1 
ATOM   59   C  CE1 . HIS A 1 10  ? 9.002   21.769  20.235  1.00 44.56 ? -10 HIS A CE1 1 
ATOM   60   N  NE2 . HIS A 1 10  ? 8.805   22.984  19.757  1.00 45.04 ? -10 HIS A NE2 1 
ATOM   61   N  N   . SER A 1 11  ? 5.269   19.394  15.186  1.00 35.56 ? -9  SER A N   1 
ATOM   62   C  CA  . SER A 1 11  ? 4.163   18.724  14.508  1.00 35.98 ? -9  SER A CA  1 
ATOM   63   C  C   . SER A 1 11  ? 4.514   17.280  14.147  1.00 36.38 ? -9  SER A C   1 
ATOM   64   O  O   . SER A 1 11  ? 3.648   16.502  13.742  1.00 36.65 ? -9  SER A O   1 
ATOM   65   C  CB  . SER A 1 11  ? 3.784   19.493  13.240  1.00 37.24 ? -9  SER A CB  1 
ATOM   66   O  OG  . SER A 1 11  ? 4.878   19.565  12.343  1.00 36.38 ? -9  SER A OG  1 
ATOM   67   N  N   . SER A 1 12  ? 5.788   16.929  14.296  1.00 35.65 ? -8  SER A N   1 
ATOM   68   C  CA  . SER A 1 12  ? 6.253   15.584  13.983  1.00 35.07 ? -8  SER A CA  1 
ATOM   69   C  C   . SER A 1 12  ? 5.891   14.583  15.068  1.00 35.21 ? -8  SER A C   1 
ATOM   70   O  O   . SER A 1 12  ? 5.714   14.942  16.232  1.00 34.85 ? -8  SER A O   1 
ATOM   71   C  CB  . SER A 1 12  ? 7.767   15.573  13.777  1.00 35.56 ? -8  SER A CB  1 
ATOM   72   O  OG  . SER A 1 12  ? 8.113   16.229  12.574  1.00 35.72 ? -8  SER A OG  1 
ATOM   73   N  N   . GLY A 1 13  ? 5.790   13.320  14.673  1.00 32.72 ? -7  GLY A N   1 
ATOM   74   C  CA  . GLY A 1 13  ? 5.453   12.279  15.623  1.00 33.79 ? -7  GLY A CA  1 
ATOM   75   C  C   . GLY A 1 13  ? 4.347   11.385  15.106  1.00 33.67 ? -7  GLY A C   1 
ATOM   76   O  O   . GLY A 1 13  ? 3.892   11.530  13.968  1.00 29.68 ? -7  GLY A O   1 
ATOM   77   N  N   . LEU A 1 14  ? 3.916   10.456  15.950  1.00 35.81 ? -6  LEU A N   1 
ATOM   78   C  CA  . LEU A 1 14  ? 2.857   9.528   15.592  1.00 39.87 ? -6  LEU A CA  1 
ATOM   79   C  C   . LEU A 1 14  ? 1.595   10.308  15.257  1.00 41.63 ? -6  LEU A C   1 
ATOM   80   O  O   . LEU A 1 14  ? 1.184   11.181  16.016  1.00 41.31 ? -6  LEU A O   1 
ATOM   81   C  CB  . LEU A 1 14  ? 2.577   8.580   16.762  1.00 40.98 ? -6  LEU A CB  1 
ATOM   82   C  CG  . LEU A 1 14  ? 2.632   7.082   16.460  1.00 42.50 ? -6  LEU A CG  1 
ATOM   83   C  CD1 . LEU A 1 14  ? 2.383   6.294   17.734  1.00 43.62 ? -6  LEU A CD1 1 
ATOM   84   C  CD2 . LEU A 1 14  ? 1.601   6.738   15.405  1.00 42.09 ? -6  LEU A CD2 1 
ATOM   85   N  N   . VAL A 1 15  ? 0.994   10.008  14.110  1.00 43.87 ? -5  VAL A N   1 
ATOM   86   C  CA  . VAL A 1 15  ? -0.235  10.680  13.706  1.00 45.38 ? -5  VAL A CA  1 
ATOM   87   C  C   . VAL A 1 15  ? -1.366  10.016  14.489  1.00 47.38 ? -5  VAL A C   1 
ATOM   88   O  O   . VAL A 1 15  ? -1.702  8.857   14.243  1.00 45.57 ? -5  VAL A O   1 
ATOM   89   C  CB  . VAL A 1 15  ? -0.491  10.531  12.192  1.00 45.98 ? -5  VAL A CB  1 
ATOM   90   C  CG1 . VAL A 1 15  ? -1.795  11.219  11.813  1.00 45.49 ? -5  VAL A CG1 1 
ATOM   91   C  CG2 . VAL A 1 15  ? 0.671   11.131  11.409  1.00 45.48 ? -5  VAL A CG2 1 
ATOM   92   N  N   . PRO A 1 16  ? -1.959  10.752  15.446  1.00 48.89 ? -4  PRO A N   1 
ATOM   93   C  CA  . PRO A 1 16  ? -3.054  10.317  16.320  1.00 50.06 ? -4  PRO A CA  1 
ATOM   94   C  C   . PRO A 1 16  ? -4.068  9.367   15.695  1.00 50.36 ? -4  PRO A C   1 
ATOM   95   O  O   . PRO A 1 16  ? -4.285  8.267   16.195  1.00 52.09 ? -4  PRO A O   1 
ATOM   96   C  CB  . PRO A 1 16  ? -3.683  11.636  16.753  1.00 50.76 ? -4  PRO A CB  1 
ATOM   97   C  CG  . PRO A 1 16  ? -2.491  12.518  16.879  1.00 50.71 ? -4  PRO A CG  1 
ATOM   98   C  CD  . PRO A 1 16  ? -1.710  12.195  15.619  1.00 49.33 ? -4  PRO A CD  1 
ATOM   99   N  N   . ARG A 1 17  ? -4.692  9.792   14.604  1.00 49.42 ? -3  ARG A N   1 
ATOM   100  C  CA  . ARG A 1 17  ? -5.683  8.959   13.941  1.00 48.74 ? -3  ARG A CA  1 
ATOM   101  C  C   . ARG A 1 17  ? -5.077  8.305   12.703  1.00 47.30 ? -3  ARG A C   1 
ATOM   102  O  O   . ARG A 1 17  ? -4.877  8.959   11.679  1.00 48.21 ? -3  ARG A O   1 
ATOM   103  C  CB  . ARG A 1 17  ? -6.901  9.809   13.568  1.00 50.55 ? -3  ARG A CB  1 
ATOM   104  C  CG  . ARG A 1 17  ? -7.423  10.631  14.744  1.00 52.79 ? -3  ARG A CG  1 
ATOM   105  C  CD  . ARG A 1 17  ? -8.670  11.433  14.408  1.00 56.05 ? -3  ARG A CD  1 
ATOM   106  N  NE  . ARG A 1 17  ? -8.989  12.381  15.474  1.00 58.95 ? -3  ARG A NE  1 
ATOM   107  C  CZ  . ARG A 1 17  ? -10.140 13.038  15.580  1.00 60.32 ? -3  ARG A CZ  1 
ATOM   108  N  NH1 . ARG A 1 17  ? -11.099 12.853  14.683  1.00 60.14 ? -3  ARG A NH1 1 
ATOM   109  N  NH2 . ARG A 1 17  ? -10.329 13.885  16.584  1.00 60.65 ? -3  ARG A NH2 1 
ATOM   110  N  N   . GLY A 1 18  ? -4.774  7.013   12.814  1.00 44.61 ? -2  GLY A N   1 
ATOM   111  C  CA  . GLY A 1 18  ? -4.191  6.282   11.703  1.00 38.31 ? -2  GLY A CA  1 
ATOM   112  C  C   . GLY A 1 18  ? -4.905  6.595   10.404  1.00 35.62 ? -2  GLY A C   1 
ATOM   113  O  O   . GLY A 1 18  ? -6.044  7.065   10.417  1.00 37.59 ? -2  GLY A O   1 
ATOM   114  N  N   . SER A 1 19  ? -4.246  6.336   9.281   1.00 29.78 ? -1  SER A N   1 
ATOM   115  C  CA  . SER A 1 19  ? -4.840  6.604   7.980   1.00 27.26 ? -1  SER A CA  1 
ATOM   116  C  C   . SER A 1 19  ? -5.661  5.418   7.502   1.00 25.46 ? -1  SER A C   1 
ATOM   117  O  O   . SER A 1 19  ? -5.142  4.318   7.321   1.00 23.18 ? -1  SER A O   1 
ATOM   118  C  CB  . SER A 1 19  ? -3.754  6.911   6.947   1.00 27.70 ? -1  SER A CB  1 
ATOM   119  O  OG  . SER A 1 19  ? -2.951  7.999   7.365   1.00 31.43 ? -1  SER A OG  1 
ATOM   120  N  N   . HIS A 1 20  ? -6.949  5.651   7.298   1.00 23.31 ? 0   HIS A N   1 
ATOM   121  C  CA  . HIS A 1 20  ? -7.833  4.602   6.831   1.00 22.01 ? 0   HIS A CA  1 
ATOM   122  C  C   . HIS A 1 20  ? -7.617  4.407   5.341   1.00 20.49 ? 0   HIS A C   1 
ATOM   123  O  O   . HIS A 1 20  ? -7.492  5.373   4.591   1.00 20.63 ? 0   HIS A O   1 
ATOM   124  C  CB  . HIS A 1 20  ? -9.281  4.986   7.121   1.00 24.32 ? 0   HIS A CB  1 
ATOM   125  C  CG  . HIS A 1 20  ? -9.607  5.014   8.580   1.00 24.92 ? 0   HIS A CG  1 
ATOM   126  N  ND1 . HIS A 1 20  ? -9.969  3.883   9.282   1.00 27.24 ? 0   HIS A ND1 1 
ATOM   127  C  CD2 . HIS A 1 20  ? -9.578  6.023   9.481   1.00 26.29 ? 0   HIS A CD2 1 
ATOM   128  C  CE1 . HIS A 1 20  ? -10.148 4.196   10.553  1.00 27.97 ? 0   HIS A CE1 1 
ATOM   129  N  NE2 . HIS A 1 20  ? -9.918  5.489   10.700  1.00 28.20 ? 0   HIS A NE2 1 
ATOM   130  N  N   . MET A 1 21  ? -7.558  3.151   4.918   1.00 18.52 ? 1   MET A N   1 
ATOM   131  C  CA  . MET A 1 21  ? -7.353  2.835   3.515   1.00 17.65 ? 1   MET A CA  1 
ATOM   132  C  C   . MET A 1 21  ? -8.673  2.688   2.776   1.00 18.53 ? 1   MET A C   1 
ATOM   133  O  O   . MET A 1 21  ? -9.627  2.107   3.296   1.00 19.74 ? 1   MET A O   1 
ATOM   134  C  CB  . MET A 1 21  ? -6.562  1.530   3.377   1.00 17.75 ? 1   MET A CB  1 
ATOM   135  C  CG  . MET A 1 21  ? -5.144  1.609   3.913   1.00 14.70 ? 1   MET A CG  1 
ATOM   136  S  SD  . MET A 1 21  ? -4.108  2.615   2.851   1.00 17.83 ? 1   MET A SD  1 
ATOM   137  C  CE  . MET A 1 21  ? -4.212  4.216   3.652   1.00 15.91 ? 1   MET A CE  1 
ATOM   138  N  N   . VAL A 1 22  ? -8.717  3.225   1.563   1.00 18.15 ? 2   VAL A N   1 
ATOM   139  C  CA  . VAL A 1 22  ? -9.896  3.117   0.723   1.00 19.74 ? 2   VAL A CA  1 
ATOM   140  C  C   . VAL A 1 22  ? -9.802  1.751   0.055   1.00 20.10 ? 2   VAL A C   1 
ATOM   141  O  O   . VAL A 1 22  ? -8.871  1.484   -0.706  1.00 19.12 ? 2   VAL A O   1 
ATOM   142  C  CB  . VAL A 1 22  ? -9.919  4.208   -0.375  1.00 20.21 ? 2   VAL A CB  1 
ATOM   143  C  CG1 . VAL A 1 22  ? -11.116 4.000   -1.293  1.00 19.46 ? 2   VAL A CG1 1 
ATOM   144  C  CG2 . VAL A 1 22  ? -9.979  5.587   0.266   1.00 20.75 ? 2   VAL A CG2 1 
ATOM   145  N  N   . ILE A 1 23  ? -10.750 0.878   0.369   1.00 20.19 ? 3   ILE A N   1 
ATOM   146  C  CA  . ILE A 1 23  ? -10.776 -0.455  -0.211  1.00 20.41 ? 3   ILE A CA  1 
ATOM   147  C  C   . ILE A 1 23  ? -12.141 -0.657  -0.855  1.00 21.60 ? 3   ILE A C   1 
ATOM   148  O  O   . ILE A 1 23  ? -13.123 -0.950  -0.172  1.00 21.53 ? 3   ILE A O   1 
ATOM   149  C  CB  . ILE A 1 23  ? -10.546 -1.544  0.868   1.00 21.53 ? 3   ILE A CB  1 
ATOM   150  C  CG1 . ILE A 1 23  ? -9.224  -1.281  1.598   1.00 21.10 ? 3   ILE A CG1 1 
ATOM   151  C  CG2 . ILE A 1 23  ? -10.518 -2.920  0.224   1.00 21.35 ? 3   ILE A CG2 1 
ATOM   152  C  CD1 . ILE A 1 23  ? -8.954  -2.244  2.738   1.00 21.68 ? 3   ILE A CD1 1 
ATOM   153  N  N   . PRO A 1 24  ? -12.226 -0.479  -2.183  1.00 23.18 ? 4   PRO A N   1 
ATOM   154  C  CA  . PRO A 1 24  ? -13.494 -0.651  -2.899  1.00 24.48 ? 4   PRO A CA  1 
ATOM   155  C  C   . PRO A 1 24  ? -14.077 -2.043  -2.671  1.00 26.08 ? 4   PRO A C   1 
ATOM   156  O  O   . PRO A 1 24  ? -13.341 -3.002  -2.440  1.00 24.56 ? 4   PRO A O   1 
ATOM   157  C  CB  . PRO A 1 24  ? -13.100 -0.411  -4.355  1.00 23.96 ? 4   PRO A CB  1 
ATOM   158  C  CG  . PRO A 1 24  ? -11.994 0.600   -4.228  1.00 25.22 ? 4   PRO A CG  1 
ATOM   159  C  CD  . PRO A 1 24  ? -11.178 0.019   -3.090  1.00 23.54 ? 4   PRO A CD  1 
ATOM   160  N  N   . ALA A 1 25  ? -15.402 -2.146  -2.741  1.00 26.26 ? 5   ALA A N   1 
ATOM   161  C  CA  . ALA A 1 25  ? -16.088 -3.415  -2.521  1.00 26.83 ? 5   ALA A CA  1 
ATOM   162  C  C   . ALA A 1 25  ? -15.424 -4.608  -3.208  1.00 26.28 ? 5   ALA A C   1 
ATOM   163  O  O   . ALA A 1 25  ? -15.080 -4.546  -4.386  1.00 27.88 ? 5   ALA A O   1 
ATOM   164  C  CB  . ALA A 1 25  ? -17.544 -3.300  -2.973  1.00 28.04 ? 5   ALA A CB  1 
ATOM   165  N  N   . GLU A 1 26  ? -15.253 -5.689  -2.450  1.00 27.41 ? 6   GLU A N   1 
ATOM   166  C  CA  . GLU A 1 26  ? -14.656 -6.931  -2.939  1.00 29.14 ? 6   GLU A CA  1 
ATOM   167  C  C   . GLU A 1 26  ? -13.193 -6.846  -3.361  1.00 27.83 ? 6   GLU A C   1 
ATOM   168  O  O   . GLU A 1 26  ? -12.674 -7.779  -3.970  1.00 27.37 ? 6   GLU A O   1 
ATOM   169  C  CB  . GLU A 1 26  ? -15.476 -7.495  -4.106  1.00 33.03 ? 6   GLU A CB  1 
ATOM   170  C  CG  . GLU A 1 26  ? -16.914 -7.855  -3.751  1.00 38.69 ? 6   GLU A CG  1 
ATOM   171  C  CD  . GLU A 1 26  ? -17.602 -8.654  -4.844  1.00 42.64 ? 6   GLU A CD  1 
ATOM   172  O  OE1 . GLU A 1 26  ? -17.628 -8.189  -6.004  1.00 44.86 ? 6   GLU A OE1 1 
ATOM   173  O  OE2 . GLU A 1 26  ? -18.121 -9.752  -4.543  1.00 45.01 ? 6   GLU A OE2 1 
ATOM   174  N  N   . ALA A 1 27  ? -12.523 -5.743  -3.046  1.00 25.50 ? 7   ALA A N   1 
ATOM   175  C  CA  . ALA A 1 27  ? -11.123 -5.606  -3.425  1.00 22.95 ? 7   ALA A CA  1 
ATOM   176  C  C   . ALA A 1 27  ? -10.181 -6.088  -2.327  1.00 21.93 ? 7   ALA A C   1 
ATOM   177  O  O   . ALA A 1 27  ? -10.518 -6.069  -1.146  1.00 20.31 ? 7   ALA A O   1 
ATOM   178  C  CB  . ALA A 1 27  ? -10.810 -4.157  -3.766  1.00 19.84 ? 7   ALA A CB  1 
ATOM   179  N  N   . ASN A 1 28  ? -9.002  -6.537  -2.741  1.00 20.43 ? 8   ASN A N   1 
ATOM   180  C  CA  . ASN A 1 28  ? -7.977  -6.993  -1.817  1.00 19.64 ? 8   ASN A CA  1 
ATOM   181  C  C   . ASN A 1 28  ? -6.875  -5.960  -1.930  1.00 17.00 ? 8   ASN A C   1 
ATOM   182  O  O   . ASN A 1 28  ? -6.546  -5.519  -3.029  1.00 17.79 ? 8   ASN A O   1 
ATOM   183  C  CB  . ASN A 1 28  ? -7.442  -8.366  -2.225  1.00 20.73 ? 8   ASN A CB  1 
ATOM   184  C  CG  . ASN A 1 28  ? -8.509  -9.437  -2.176  1.00 26.12 ? 8   ASN A CG  1 
ATOM   185  O  OD1 . ASN A 1 28  ? -9.214  -9.680  -3.158  1.00 29.64 ? 8   ASN A OD1 1 
ATOM   186  N  ND2 . ASN A 1 28  ? -8.645  -10.068 -1.025  1.00 24.76 ? 8   ASN A ND2 1 
ATOM   187  N  N   . ILE A 1 29  ? -6.302  -5.577  -0.798  1.00 15.88 ? 9   ILE A N   1 
ATOM   188  C  CA  . ILE A 1 29  ? -5.258  -4.573  -0.804  1.00 13.72 ? 9   ILE A CA  1 
ATOM   189  C  C   . ILE A 1 29  ? -3.926  -5.091  -0.292  1.00 16.31 ? 9   ILE A C   1 
ATOM   190  O  O   . ILE A 1 29  ? -3.871  -5.959  0.581   1.00 15.88 ? 9   ILE A O   1 
ATOM   191  C  CB  . ILE A 1 29  ? -5.682  -3.349  0.051   1.00 14.46 ? 9   ILE A CB  1 
ATOM   192  C  CG1 . ILE A 1 29  ? -4.742  -2.168  -0.207  1.00 13.69 ? 9   ILE A CG1 1 
ATOM   193  C  CG2 . ILE A 1 29  ? -5.676  -3.713  1.542   1.00 14.28 ? 9   ILE A CG2 1 
ATOM   194  C  CD1 . ILE A 1 29  ? -5.237  -0.871  0.441   1.00 15.52 ? 9   ILE A CD1 1 
ATOM   195  N  N   . ILE A 1 30  ? -2.855  -4.570  -0.878  1.00 13.98 ? 10  ILE A N   1 
ATOM   196  C  CA  . ILE A 1 30  ? -1.501  -4.900  -0.464  1.00 14.67 ? 10  ILE A CA  1 
ATOM   197  C  C   . ILE A 1 30  ? -0.797  -3.562  -0.270  1.00 13.73 ? 10  ILE A C   1 
ATOM   198  O  O   . ILE A 1 30  ? -0.796  -2.717  -1.166  1.00 14.75 ? 10  ILE A O   1 
ATOM   199  C  CB  . ILE A 1 30  ? -0.720  -5.686  -1.537  1.00 14.66 ? 10  ILE A CB  1 
ATOM   200  C  CG1 . ILE A 1 30  ? -1.417  -7.015  -1.842  1.00 14.91 ? 10  ILE A CG1 1 
ATOM   201  C  CG2 . ILE A 1 30  ? 0.705   -5.942  -1.038  1.00 15.92 ? 10  ILE A CG2 1 
ATOM   202  C  CD1 . ILE A 1 30  ? -0.876  -7.708  -3.078  1.00 18.63 ? 10  ILE A CD1 1 
ATOM   203  N  N   . VAL A 1 31  ? -0.225  -3.360  0.910   1.00 14.72 ? 11  VAL A N   1 
ATOM   204  C  CA  . VAL A 1 31  ? 0.501   -2.129  1.197   1.00 13.11 ? 11  VAL A CA  1 
ATOM   205  C  C   . VAL A 1 31  ? 1.906   -2.562  1.577   1.00 13.19 ? 11  VAL A C   1 
ATOM   206  O  O   . VAL A 1 31  ? 2.083   -3.449  2.407   1.00 12.40 ? 11  VAL A O   1 
ATOM   207  C  CB  . VAL A 1 31  ? -0.125  -1.340  2.368   1.00 14.39 ? 11  VAL A CB  1 
ATOM   208  C  CG1 . VAL A 1 31  ? 0.641   -0.039  2.573   1.00 13.93 ? 11  VAL A CG1 1 
ATOM   209  C  CG2 . VAL A 1 31  ? -1.602  -1.041  2.073   1.00 14.31 ? 11  VAL A CG2 1 
ATOM   210  N  N   . GLY A 1 32  ? 2.909   -1.954  0.961   1.00 12.76 ? 12  GLY A N   1 
ATOM   211  C  CA  . GLY A 1 32  ? 4.267   -2.351  1.279   1.00 13.51 ? 12  GLY A CA  1 
ATOM   212  C  C   . GLY A 1 32  ? 5.309   -1.271  1.108   1.00 13.61 ? 12  GLY A C   1 
ATOM   213  O  O   . GLY A 1 32  ? 4.994   -0.118  0.805   1.00 13.05 ? 12  GLY A O   1 
ATOM   214  N  N   . TYR A 1 33  ? 6.559   -1.672  1.313   1.00 12.48 ? 13  TYR A N   1 
ATOM   215  C  CA  . TYR A 1 33  ? 7.722   -0.796  1.207   1.00 14.44 ? 13  TYR A CA  1 
ATOM   216  C  C   . TYR A 1 33  ? 8.620   -1.360  0.105   1.00 15.20 ? 13  TYR A C   1 
ATOM   217  O  O   . TYR A 1 33  ? 9.032   -2.514  0.185   1.00 16.08 ? 13  TYR A O   1 
ATOM   218  C  CB  . TYR A 1 33  ? 8.477   -0.803  2.543   1.00 15.49 ? 13  TYR A CB  1 
ATOM   219  C  CG  . TYR A 1 33  ? 9.818   -0.105  2.511   1.00 14.95 ? 13  TYR A CG  1 
ATOM   220  C  CD1 . TYR A 1 33  ? 9.904   1.283   2.410   1.00 15.57 ? 13  TYR A CD1 1 
ATOM   221  C  CD2 . TYR A 1 33  ? 11.003  -0.839  2.556   1.00 15.94 ? 13  TYR A CD2 1 
ATOM   222  C  CE1 . TYR A 1 33  ? 11.140  1.925   2.351   1.00 16.31 ? 13  TYR A CE1 1 
ATOM   223  C  CE2 . TYR A 1 33  ? 12.240  -0.210  2.498   1.00 15.05 ? 13  TYR A CE2 1 
ATOM   224  C  CZ  . TYR A 1 33  ? 12.302  1.169   2.395   1.00 16.19 ? 13  TYR A CZ  1 
ATOM   225  O  OH  . TYR A 1 33  ? 13.526  1.789   2.335   1.00 15.69 ? 13  TYR A OH  1 
ATOM   226  N  N   . SER A 1 34  ? 8.921   -0.561  -0.917  1.00 14.82 ? 14  SER A N   1 
ATOM   227  C  CA  . SER A 1 34  ? 9.765   -1.030  -2.014  1.00 17.30 ? 14  SER A CA  1 
ATOM   228  C  C   . SER A 1 34  ? 11.256  -0.960  -1.675  1.00 19.08 ? 14  SER A C   1 
ATOM   229  O  O   . SER A 1 34  ? 11.685  -0.109  -0.895  1.00 19.89 ? 14  SER A O   1 
ATOM   230  C  CB  . SER A 1 34  ? 9.488   -0.208  -3.279  1.00 19.64 ? 14  SER A CB  1 
ATOM   231  O  OG  . SER A 1 34  ? 9.645   1.177   -3.024  1.00 22.51 ? 14  SER A OG  1 
ATOM   232  N  N   . HIS A 1 35  ? 12.037  -1.866  -2.262  1.00 18.81 ? 15  HIS A N   1 
ATOM   233  C  CA  . HIS A 1 35  ? 13.484  -1.917  -2.045  1.00 20.44 ? 15  HIS A CA  1 
ATOM   234  C  C   . HIS A 1 35  ? 14.211  -1.469  -3.307  1.00 23.72 ? 15  HIS A C   1 
ATOM   235  O  O   . HIS A 1 35  ? 14.184  -2.167  -4.324  1.00 23.45 ? 15  HIS A O   1 
ATOM   236  C  CB  . HIS A 1 35  ? 13.941  -3.344  -1.719  1.00 20.03 ? 15  HIS A CB  1 
ATOM   237  C  CG  . HIS A 1 35  ? 13.315  -3.924  -0.490  1.00 19.72 ? 15  HIS A CG  1 
ATOM   238  N  ND1 . HIS A 1 35  ? 13.351  -5.274  -0.210  1.00 19.77 ? 15  HIS A ND1 1 
ATOM   239  C  CD2 . HIS A 1 35  ? 12.641  -3.346  0.532   1.00 20.25 ? 15  HIS A CD2 1 
ATOM   240  C  CE1 . HIS A 1 35  ? 12.724  -5.501  0.931   1.00 19.15 ? 15  HIS A CE1 1 
ATOM   241  N  NE2 . HIS A 1 35  ? 12.284  -4.349  1.402   1.00 19.24 ? 15  HIS A NE2 1 
ATOM   242  N  N   . PHE A 1 36  ? 14.864  -0.314  -3.230  1.00 25.62 ? 16  PHE A N   1 
ATOM   243  C  CA  . PHE A 1 36  ? 15.620  0.241   -4.348  1.00 30.89 ? 16  PHE A CA  1 
ATOM   244  C  C   . PHE A 1 36  ? 14.847  0.376   -5.658  1.00 33.97 ? 16  PHE A C   1 
ATOM   245  O  O   . PHE A 1 36  ? 15.448  0.451   -6.733  1.00 36.46 ? 16  PHE A O   1 
ATOM   246  C  CB  . PHE A 1 36  ? 16.889  -0.585  -4.587  1.00 29.37 ? 16  PHE A CB  1 
ATOM   247  C  CG  . PHE A 1 36  ? 17.843  -0.567  -3.430  1.00 30.07 ? 16  PHE A CG  1 
ATOM   248  C  CD1 . PHE A 1 36  ? 18.011  -1.691  -2.630  1.00 29.95 ? 16  PHE A CD1 1 
ATOM   249  C  CD2 . PHE A 1 36  ? 18.555  0.586   -3.122  1.00 30.99 ? 16  PHE A CD2 1 
ATOM   250  C  CE1 . PHE A 1 36  ? 18.877  -1.667  -1.535  1.00 32.14 ? 16  PHE A CE1 1 
ATOM   251  C  CE2 . PHE A 1 36  ? 19.420  0.621   -2.030  1.00 29.40 ? 16  PHE A CE2 1 
ATOM   252  C  CZ  . PHE A 1 36  ? 19.582  -0.505  -1.234  1.00 30.36 ? 16  PHE A CZ  1 
ATOM   253  N  N   . ILE A 1 37  ? 13.521  0.406   -5.571  1.00 35.69 ? 17  ILE A N   1 
ATOM   254  C  CA  . ILE A 1 37  ? 12.684  0.564   -6.758  1.00 37.17 ? 17  ILE A CA  1 
ATOM   255  C  C   . ILE A 1 37  ? 12.525  2.059   -7.016  1.00 38.33 ? 17  ILE A C   1 
ATOM   256  O  O   . ILE A 1 37  ? 12.293  2.833   -6.086  1.00 37.89 ? 17  ILE A O   1 
ATOM   257  C  CB  . ILE A 1 37  ? 11.284  -0.055  -6.554  1.00 37.41 ? 17  ILE A CB  1 
ATOM   258  C  CG1 . ILE A 1 37  ? 11.408  -1.565  -6.342  1.00 37.79 ? 17  ILE A CG1 1 
ATOM   259  C  CG2 . ILE A 1 37  ? 10.395  0.253   -7.752  1.00 37.17 ? 17  ILE A CG2 1 
ATOM   260  C  CD1 . ILE A 1 37  ? 12.105  -2.292  -7.474  1.00 39.76 ? 17  ILE A CD1 1 
ATOM   261  N  N   . LYS A 1 38  ? 12.653  2.460   -8.278  1.00 39.68 ? 18  LYS A N   1 
ATOM   262  C  CA  . LYS A 1 38  ? 12.537  3.869   -8.646  1.00 40.56 ? 18  LYS A CA  1 
ATOM   263  C  C   . LYS A 1 38  ? 11.281  4.144   -9.460  1.00 38.60 ? 18  LYS A C   1 
ATOM   264  O  O   . LYS A 1 38  ? 10.832  5.287   -9.552  1.00 38.89 ? 18  LYS A O   1 
ATOM   265  C  CB  . LYS A 1 38  ? 13.756  4.308   -9.461  1.00 43.40 ? 18  LYS A CB  1 
ATOM   266  C  CG  . LYS A 1 38  ? 15.096  4.083   -8.776  1.00 47.20 ? 18  LYS A CG  1 
ATOM   267  C  CD  . LYS A 1 38  ? 16.247  4.549   -9.662  1.00 50.48 ? 18  LYS A CD  1 
ATOM   268  C  CE  . LYS A 1 38  ? 16.291  3.777   -10.974 1.00 52.63 ? 18  LYS A CE  1 
ATOM   269  N  NZ  . LYS A 1 38  ? 17.380  4.252   -11.872 1.00 55.14 ? 18  LYS A NZ  1 
ATOM   270  N  N   . THR A 1 39  ? 10.721  3.094   -10.056 1.00 36.81 ? 19  THR A N   1 
ATOM   271  C  CA  . THR A 1 39  ? 9.525   3.234   -10.878 1.00 35.15 ? 19  THR A CA  1 
ATOM   272  C  C   . THR A 1 39  ? 8.469   2.174   -10.577 1.00 33.22 ? 19  THR A C   1 
ATOM   273  O  O   . THR A 1 39  ? 8.790   1.035   -10.239 1.00 32.41 ? 19  THR A O   1 
ATOM   274  C  CB  . THR A 1 39  ? 9.878   3.169   -12.376 1.00 36.35 ? 19  THR A CB  1 
ATOM   275  O  OG1 . THR A 1 39  ? 8.676   3.099   -13.153 1.00 37.26 ? 19  THR A OG1 1 
ATOM   276  C  CG2 . THR A 1 39  ? 10.745  1.956   -12.663 1.00 38.13 ? 19  THR A CG2 1 
ATOM   277  N  N   . VAL A 1 40  ? 7.207   2.564   -10.708 1.00 31.06 ? 20  VAL A N   1 
ATOM   278  C  CA  . VAL A 1 40  ? 6.094   1.666   -10.446 1.00 29.55 ? 20  VAL A CA  1 
ATOM   279  C  C   . VAL A 1 40  ? 5.982   0.572   -11.509 1.00 29.93 ? 20  VAL A C   1 
ATOM   280  O  O   . VAL A 1 40  ? 5.266   -0.410  -11.318 1.00 28.90 ? 20  VAL A O   1 
ATOM   281  C  CB  . VAL A 1 40  ? 4.760   2.453   -10.370 1.00 28.41 ? 20  VAL A CB  1 
ATOM   282  C  CG1 . VAL A 1 40  ? 4.435   3.056   -11.719 1.00 27.02 ? 20  VAL A CG1 1 
ATOM   283  C  CG2 . VAL A 1 40  ? 3.636   1.544   -9.890  1.00 28.91 ? 20  VAL A CG2 1 
ATOM   284  N  N   . GLU A 1 41  ? 6.694   0.734   -12.621 1.00 30.72 ? 21  GLU A N   1 
ATOM   285  C  CA  . GLU A 1 41  ? 6.644   -0.261  -13.692 1.00 33.25 ? 21  GLU A CA  1 
ATOM   286  C  C   . GLU A 1 41  ? 7.178   -1.604  -13.201 1.00 31.74 ? 21  GLU A C   1 
ATOM   287  O  O   . GLU A 1 41  ? 6.718   -2.657  -13.634 1.00 30.31 ? 21  GLU A O   1 
ATOM   288  C  CB  . GLU A 1 41  ? 7.459   0.190   -14.909 1.00 38.19 ? 21  GLU A CB  1 
ATOM   289  C  CG  . GLU A 1 41  ? 8.966   0.058   -14.739 1.00 45.45 ? 21  GLU A CG  1 
ATOM   290  C  CD  . GLU A 1 41  ? 9.667   -0.355  -16.025 1.00 50.05 ? 21  GLU A CD  1 
ATOM   291  O  OE1 . GLU A 1 41  ? 10.914  -0.453  -16.023 1.00 52.07 ? 21  GLU A OE1 1 
ATOM   292  O  OE2 . GLU A 1 41  ? 8.971   -0.587  -17.037 1.00 52.04 ? 21  GLU A OE2 1 
ATOM   293  N  N   . ASP A 1 42  ? 8.155   -1.559  -12.300 1.00 33.09 ? 22  ASP A N   1 
ATOM   294  C  CA  . ASP A 1 42  ? 8.740   -2.774  -11.739 1.00 34.82 ? 22  ASP A CA  1 
ATOM   295  C  C   . ASP A 1 42  ? 7.647   -3.597  -11.069 1.00 34.49 ? 22  ASP A C   1 
ATOM   296  O  O   . ASP A 1 42  ? 7.554   -4.809  -11.265 1.00 33.37 ? 22  ASP A O   1 
ATOM   297  C  CB  . ASP A 1 42  ? 9.813   -2.418  -10.708 1.00 36.73 ? 22  ASP A CB  1 
ATOM   298  C  CG  . ASP A 1 42  ? 11.048  -1.810  -11.334 1.00 39.64 ? 22  ASP A CG  1 
ATOM   299  O  OD1 . ASP A 1 42  ? 10.909  -1.040  -12.305 1.00 43.47 ? 22  ASP A OD1 1 
ATOM   300  O  OD2 . ASP A 1 42  ? 12.161  -2.092  -10.845 1.00 42.61 ? 22  ASP A OD2 1 
ATOM   301  N  N   . LEU A 1 43  ? 6.821   -2.927  -10.273 1.00 32.87 ? 23  LEU A N   1 
ATOM   302  C  CA  . LEU A 1 43  ? 5.728   -3.594  -9.578  1.00 32.53 ? 23  LEU A CA  1 
ATOM   303  C  C   . LEU A 1 43  ? 4.659   -4.030  -10.568 1.00 31.23 ? 23  LEU A C   1 
ATOM   304  O  O   . LEU A 1 43  ? 4.136   -5.139  -10.485 1.00 30.49 ? 23  LEU A O   1 
ATOM   305  C  CB  . LEU A 1 43  ? 5.105   -2.656  -8.541  1.00 31.77 ? 23  LEU A CB  1 
ATOM   306  C  CG  . LEU A 1 43  ? 5.998   -2.245  -7.372  1.00 33.95 ? 23  LEU A CG  1 
ATOM   307  C  CD1 . LEU A 1 43  ? 5.297   -1.169  -6.558  1.00 32.63 ? 23  LEU A CD1 1 
ATOM   308  C  CD2 . LEU A 1 43  ? 6.318   -3.461  -6.512  1.00 31.68 ? 23  LEU A CD2 1 
ATOM   309  N  N   . ASN A 1 44  ? 4.338   -3.146  -11.506 1.00 31.07 ? 24  ASN A N   1 
ATOM   310  C  CA  . ASN A 1 44  ? 3.328   -3.443  -12.512 1.00 32.96 ? 24  ASN A CA  1 
ATOM   311  C  C   . ASN A 1 44  ? 3.683   -4.718  -13.271 1.00 34.06 ? 24  ASN A C   1 
ATOM   312  O  O   . ASN A 1 44  ? 2.818   -5.547  -13.553 1.00 33.81 ? 24  ASN A O   1 
ATOM   313  C  CB  . ASN A 1 44  ? 3.217   -2.288  -13.508 1.00 32.34 ? 24  ASN A CB  1 
ATOM   314  C  CG  . ASN A 1 44  ? 1.993   -2.401  -14.392 1.00 33.19 ? 24  ASN A CG  1 
ATOM   315  O  OD1 . ASN A 1 44  ? 2.056   -2.160  -15.598 1.00 35.24 ? 24  ASN A OD1 1 
ATOM   316  N  ND2 . ASN A 1 44  ? 0.866   -2.761  -13.792 1.00 32.69 ? 24  ASN A ND2 1 
ATOM   317  N  N   . GLU A 1 45  ? 4.962   -4.874  -13.587 1.00 35.38 ? 25  GLU A N   1 
ATOM   318  C  CA  . GLU A 1 45  ? 5.422   -6.031  -14.341 1.00 39.30 ? 25  GLU A CA  1 
ATOM   319  C  C   . GLU A 1 45  ? 5.532   -7.308  -13.513 1.00 40.14 ? 25  GLU A C   1 
ATOM   320  O  O   . GLU A 1 45  ? 5.102   -8.375  -13.948 1.00 39.13 ? 25  GLU A O   1 
ATOM   321  C  CB  . GLU A 1 45  ? 6.776   -5.729  -14.982 1.00 41.45 ? 25  GLU A CB  1 
ATOM   322  C  CG  . GLU A 1 45  ? 6.983   -6.430  -16.310 1.00 48.03 ? 25  GLU A CG  1 
ATOM   323  C  CD  . GLU A 1 45  ? 5.998   -5.959  -17.365 1.00 49.67 ? 25  GLU A CD  1 
ATOM   324  O  OE1 . GLU A 1 45  ? 5.973   -4.745  -17.657 1.00 52.76 ? 25  GLU A OE1 1 
ATOM   325  O  OE2 . GLU A 1 45  ? 5.246   -6.797  -17.903 1.00 52.32 ? 25  GLU A OE2 1 
ATOM   326  N  N   . ILE A 1 46  ? 6.102   -7.197  -12.319 1.00 40.64 ? 26  ILE A N   1 
ATOM   327  C  CA  . ILE A 1 46  ? 6.286   -8.361  -11.465 1.00 42.55 ? 26  ILE A CA  1 
ATOM   328  C  C   . ILE A 1 46  ? 4.973   -9.047  -11.090 1.00 42.10 ? 26  ILE A C   1 
ATOM   329  O  O   . ILE A 1 46  ? 4.949   -10.251 -10.837 1.00 41.75 ? 26  ILE A O   1 
ATOM   330  C  CB  . ILE A 1 46  ? 7.071   -7.992  -10.180 1.00 44.35 ? 26  ILE A CB  1 
ATOM   331  C  CG1 . ILE A 1 46  ? 7.677   -9.256  -9.568  1.00 46.50 ? 26  ILE A CG1 1 
ATOM   332  C  CG2 . ILE A 1 46  ? 6.156   -7.311  -9.176  1.00 45.60 ? 26  ILE A CG2 1 
ATOM   333  C  CD1 . ILE A 1 46  ? 8.676   -8.985  -8.466  1.00 47.27 ? 26  ILE A CD1 1 
ATOM   334  N  N   . ILE A 1 47  ? 3.879   -8.291  -11.068 1.00 41.34 ? 27  ILE A N   1 
ATOM   335  C  CA  . ILE A 1 47  ? 2.581   -8.868  -10.723 1.00 42.91 ? 27  ILE A CA  1 
ATOM   336  C  C   . ILE A 1 47  ? 1.674   -8.998  -11.941 1.00 43.32 ? 27  ILE A C   1 
ATOM   337  O  O   . ILE A 1 47  ? 0.546   -9.482  -11.832 1.00 42.39 ? 27  ILE A O   1 
ATOM   338  C  CB  . ILE A 1 47  ? 1.828   -8.012  -9.680  1.00 42.57 ? 27  ILE A CB  1 
ATOM   339  C  CG1 . ILE A 1 47  ? 1.356   -6.706  -10.323 1.00 43.01 ? 27  ILE A CG1 1 
ATOM   340  C  CG2 . ILE A 1 47  ? 2.726   -7.733  -8.482  1.00 42.79 ? 27  ILE A CG2 1 
ATOM   341  C  CD1 . ILE A 1 47  ? 0.406   -5.903  -9.458  1.00 42.59 ? 27  ILE A CD1 1 
ATOM   342  N  N   . ARG A 1 48  ? 2.164   -8.565  -13.097 1.00 44.24 ? 28  ARG A N   1 
ATOM   343  C  CA  . ARG A 1 48  ? 1.369   -8.609  -14.317 1.00 45.89 ? 28  ARG A CA  1 
ATOM   344  C  C   . ARG A 1 48  ? 0.787   -9.987  -14.625 1.00 44.87 ? 28  ARG A C   1 
ATOM   345  O  O   . ARG A 1 48  ? -0.409  -10.114 -14.877 1.00 44.08 ? 28  ARG A O   1 
ATOM   346  C  CB  . ARG A 1 48  ? 2.201   -8.132  -15.509 1.00 49.02 ? 28  ARG A CB  1 
ATOM   347  C  CG  . ARG A 1 48  ? 1.355   -7.575  -16.644 1.00 53.09 ? 28  ARG A CG  1 
ATOM   348  C  CD  . ARG A 1 48  ? 2.207   -7.121  -17.821 1.00 56.69 ? 28  ARG A CD  1 
ATOM   349  N  NE  . ARG A 1 48  ? 1.557   -6.060  -18.592 1.00 60.32 ? 28  ARG A NE  1 
ATOM   350  C  CZ  . ARG A 1 48  ? 0.359   -6.159  -19.158 1.00 61.94 ? 28  ARG A CZ  1 
ATOM   351  N  NH1 . ARG A 1 48  ? -0.342  -7.278  -19.049 1.00 63.64 ? 28  ARG A NH1 1 
ATOM   352  N  NH2 . ARG A 1 48  ? -0.141  -5.134  -19.837 1.00 62.76 ? 28  ARG A NH2 1 
ATOM   353  N  N   . THR A 1 49  ? 1.629   -11.016 -14.600 1.00 44.14 ? 29  THR A N   1 
ATOM   354  C  CA  . THR A 1 49  ? 1.184   -12.374 -14.901 1.00 44.55 ? 29  THR A CA  1 
ATOM   355  C  C   . THR A 1 49  ? 0.202   -12.942 -13.884 1.00 44.01 ? 29  THR A C   1 
ATOM   356  O  O   . THR A 1 49  ? -0.514  -13.900 -14.175 1.00 43.62 ? 29  THR A O   1 
ATOM   357  C  CB  . THR A 1 49  ? 2.376   -13.345 -15.001 1.00 45.85 ? 29  THR A CB  1 
ATOM   358  O  OG1 . THR A 1 49  ? 3.030   -13.438 -13.730 1.00 45.94 ? 29  THR A OG1 1 
ATOM   359  C  CG2 . THR A 1 49  ? 3.369   -12.858 -16.043 1.00 46.70 ? 29  THR A CG2 1 
ATOM   360  N  N   . HIS A 1 50  ? 0.158   -12.350 -12.695 1.00 43.05 ? 30  HIS A N   1 
ATOM   361  C  CA  . HIS A 1 50  ? -0.736  -12.826 -11.645 1.00 41.99 ? 30  HIS A CA  1 
ATOM   362  C  C   . HIS A 1 50  ? -2.084  -12.111 -11.622 1.00 41.99 ? 30  HIS A C   1 
ATOM   363  O  O   . HIS A 1 50  ? -3.052  -12.610 -11.049 1.00 42.00 ? 30  HIS A O   1 
ATOM   364  C  CB  . HIS A 1 50  ? -0.041  -12.691 -10.292 1.00 41.86 ? 30  HIS A CB  1 
ATOM   365  C  CG  . HIS A 1 50  ? 1.263   -13.422 -10.220 1.00 40.76 ? 30  HIS A CG  1 
ATOM   366  N  ND1 . HIS A 1 50  ? 1.350   -14.793 -10.338 1.00 40.95 ? 30  HIS A ND1 1 
ATOM   367  C  CD2 . HIS A 1 50  ? 2.533   -12.972 -10.094 1.00 40.48 ? 30  HIS A CD2 1 
ATOM   368  C  CE1 . HIS A 1 50  ? 2.621   -15.155 -10.289 1.00 40.80 ? 30  HIS A CE1 1 
ATOM   369  N  NE2 . HIS A 1 50  ? 3.358   -14.070 -10.142 1.00 40.39 ? 30  HIS A NE2 1 
ATOM   370  N  N   . VAL A 1 51  ? -2.149  -10.946 -12.253 1.00 42.61 ? 31  VAL A N   1 
ATOM   371  C  CA  . VAL A 1 51  ? -3.386  -10.179 -12.300 1.00 43.89 ? 31  VAL A CA  1 
ATOM   372  C  C   . VAL A 1 51  ? -4.186  -10.282 -13.606 1.00 43.82 ? 31  VAL A C   1 
ATOM   373  O  O   . VAL A 1 51  ? -5.216  -9.625  -13.747 1.00 42.41 ? 31  VAL A O   1 
ATOM   374  C  CB  . VAL A 1 51  ? -3.123  -8.684  -12.012 1.00 44.73 ? 31  VAL A CB  1 
ATOM   375  C  CG1 . VAL A 1 51  ? -2.686  -8.494  -10.568 1.00 44.99 ? 31  VAL A CG1 1 
ATOM   376  C  CG2 . VAL A 1 51  ? -2.061  -8.155  -12.959 1.00 44.93 ? 31  VAL A CG2 1 
ATOM   377  N  N   . PRO A 1 52  ? -3.732  -11.103 -14.575 1.00 44.68 ? 32  PRO A N   1 
ATOM   378  C  CA  . PRO A 1 52  ? -4.495  -11.203 -15.823 1.00 44.40 ? 32  PRO A CA  1 
ATOM   379  C  C   . PRO A 1 52  ? -5.909  -11.695 -15.573 1.00 44.12 ? 32  PRO A C   1 
ATOM   380  O  O   . PRO A 1 52  ? -6.127  -12.579 -14.747 1.00 44.20 ? 32  PRO A O   1 
ATOM   381  C  CB  . PRO A 1 52  ? -3.691  -12.206 -16.645 1.00 45.73 ? 32  PRO A CB  1 
ATOM   382  C  CG  . PRO A 1 52  ? -2.306  -12.009 -16.159 1.00 46.55 ? 32  PRO A CG  1 
ATOM   383  C  CD  . PRO A 1 52  ? -2.519  -11.929 -14.666 1.00 46.38 ? 32  PRO A CD  1 
ATOM   384  N  N   . GLY A 1 53  ? -6.867  -11.122 -16.288 1.00 43.84 ? 33  GLY A N   1 
ATOM   385  C  CA  . GLY A 1 53  ? -8.245  -11.534 -16.118 1.00 42.97 ? 33  GLY A CA  1 
ATOM   386  C  C   . GLY A 1 53  ? -8.926  -10.837 -14.960 1.00 42.38 ? 33  GLY A C   1 
ATOM   387  O  O   . GLY A 1 53  ? -10.146 -10.931 -14.806 1.00 44.17 ? 33  GLY A O   1 
ATOM   388  N  N   . SER A 1 54  ? -8.144  -10.136 -14.144 1.00 39.39 ? 34  SER A N   1 
ATOM   389  C  CA  . SER A 1 54  ? -8.694  -9.421  -13.000 1.00 36.98 ? 34  SER A CA  1 
ATOM   390  C  C   . SER A 1 54  ? -8.534  -7.917  -13.181 1.00 34.66 ? 34  SER A C   1 
ATOM   391  O  O   . SER A 1 54  ? -7.869  -7.458  -14.109 1.00 33.32 ? 34  SER A O   1 
ATOM   392  C  CB  . SER A 1 54  ? -7.987  -9.848  -11.714 1.00 38.78 ? 34  SER A CB  1 
ATOM   393  O  OG  . SER A 1 54  ? -6.677  -9.312  -11.658 1.00 41.16 ? 34  SER A OG  1 
ATOM   394  N  N   . LYS A 1 55  ? -9.163  -7.154  -12.295 1.00 31.87 ? 35  LYS A N   1 
ATOM   395  C  CA  . LYS A 1 55  ? -9.078  -5.702  -12.335 1.00 29.76 ? 35  LYS A CA  1 
ATOM   396  C  C   . LYS A 1 55  ? -8.128  -5.302  -11.218 1.00 27.92 ? 35  LYS A C   1 
ATOM   397  O  O   . LYS A 1 55  ? -8.205  -5.839  -10.112 1.00 27.49 ? 35  LYS A O   1 
ATOM   398  C  CB  . LYS A 1 55  ? -10.456 -5.076  -12.110 1.00 32.39 ? 35  LYS A CB  1 
ATOM   399  C  CG  . LYS A 1 55  ? -11.471 -5.411  -13.193 1.00 33.82 ? 35  LYS A CG  1 
ATOM   400  C  CD  . LYS A 1 55  ? -11.022 -4.887  -14.549 1.00 37.92 ? 35  LYS A CD  1 
ATOM   401  C  CE  . LYS A 1 55  ? -12.034 -5.217  -15.638 1.00 41.47 ? 35  LYS A CE  1 
ATOM   402  N  NZ  . LYS A 1 55  ? -11.604 -4.699  -16.967 1.00 43.09 ? 35  LYS A NZ  1 
ATOM   403  N  N   . TYR A 1 56  ? -7.231  -4.365  -11.497 1.00 24.77 ? 36  TYR A N   1 
ATOM   404  C  CA  . TYR A 1 56  ? -6.273  -3.959  -10.480 1.00 23.40 ? 36  TYR A CA  1 
ATOM   405  C  C   . TYR A 1 56  ? -5.795  -2.529  -10.646 1.00 23.66 ? 36  TYR A C   1 
ATOM   406  O  O   . TYR A 1 56  ? -6.039  -1.880  -11.663 1.00 24.41 ? 36  TYR A O   1 
ATOM   407  C  CB  . TYR A 1 56  ? -5.060  -4.896  -10.511 1.00 22.34 ? 36  TYR A CB  1 
ATOM   408  C  CG  . TYR A 1 56  ? -4.068  -4.575  -11.610 1.00 25.19 ? 36  TYR A CG  1 
ATOM   409  C  CD1 . TYR A 1 56  ? -2.910  -3.841  -11.340 1.00 24.16 ? 36  TYR A CD1 1 
ATOM   410  C  CD2 . TYR A 1 56  ? -4.301  -4.977  -12.928 1.00 24.60 ? 36  TYR A CD2 1 
ATOM   411  C  CE1 . TYR A 1 56  ? -2.007  -3.515  -12.355 1.00 25.87 ? 36  TYR A CE1 1 
ATOM   412  C  CE2 . TYR A 1 56  ? -3.403  -4.653  -13.950 1.00 26.44 ? 36  TYR A CE2 1 
ATOM   413  C  CZ  . TYR A 1 56  ? -2.261  -3.924  -13.656 1.00 27.40 ? 36  TYR A CZ  1 
ATOM   414  O  OH  . TYR A 1 56  ? -1.374  -3.608  -14.663 1.00 27.56 ? 36  TYR A OH  1 
ATOM   415  N  N   . GLY A 1 57  ? -5.102  -2.057  -9.620  1.00 21.49 ? 37  GLY A N   1 
ATOM   416  C  CA  . GLY A 1 57  ? -4.548  -0.723  -9.630  1.00 19.04 ? 37  GLY A CA  1 
ATOM   417  C  C   . GLY A 1 57  ? -3.300  -0.764  -8.773  1.00 18.55 ? 37  GLY A C   1 
ATOM   418  O  O   . GLY A 1 57  ? -3.203  -1.590  -7.861  1.00 17.95 ? 37  GLY A O   1 
ATOM   419  N  N   . ILE A 1 58  ? -2.338  0.099   -9.074  1.00 18.61 ? 38  ILE A N   1 
ATOM   420  C  CA  . ILE A 1 58  ? -1.104  0.170   -8.304  1.00 18.94 ? 38  ILE A CA  1 
ATOM   421  C  C   . ILE A 1 58  ? -0.724  1.627   -8.090  1.00 18.94 ? 38  ILE A C   1 
ATOM   422  O  O   . ILE A 1 58  ? -0.779  2.430   -9.019  1.00 19.36 ? 38  ILE A O   1 
ATOM   423  C  CB  . ILE A 1 58  ? 0.086   -0.492  -9.030  1.00 21.71 ? 38  ILE A CB  1 
ATOM   424  C  CG1 . ILE A 1 58  ? -0.255  -1.923  -9.432  1.00 22.93 ? 38  ILE A CG1 1 
ATOM   425  C  CG2 . ILE A 1 58  ? 1.309   -0.484  -8.113  1.00 21.26 ? 38  ILE A CG2 1 
ATOM   426  C  CD1 . ILE A 1 58  ? 0.829   -2.589  -10.264 1.00 24.90 ? 38  ILE A CD1 1 
ATOM   427  N  N   . GLY A 1 59  ? -0.336  1.951   -6.861  1.00 17.05 ? 39  GLY A N   1 
ATOM   428  C  CA  . GLY A 1 59  ? 0.090   3.297   -6.520  1.00 16.19 ? 39  GLY A CA  1 
ATOM   429  C  C   . GLY A 1 59  ? 1.486   3.191   -5.933  1.00 17.35 ? 39  GLY A C   1 
ATOM   430  O  O   . GLY A 1 59  ? 1.772   2.248   -5.199  1.00 16.10 ? 39  GLY A O   1 
ATOM   431  N  N   . PHE A 1 60  ? 2.355   4.147   -6.251  1.00 17.32 ? 40  PHE A N   1 
ATOM   432  C  CA  . PHE A 1 60  ? 3.736   4.128   -5.761  1.00 16.80 ? 40  PHE A CA  1 
ATOM   433  C  C   . PHE A 1 60  ? 4.175   5.533   -5.355  1.00 16.31 ? 40  PHE A C   1 
ATOM   434  O  O   . PHE A 1 60  ? 4.020   6.482   -6.118  1.00 17.79 ? 40  PHE A O   1 
ATOM   435  C  CB  . PHE A 1 60  ? 4.663   3.585   -6.857  1.00 15.82 ? 40  PHE A CB  1 
ATOM   436  C  CG  . PHE A 1 60  ? 6.128   3.633   -6.500  1.00 19.65 ? 40  PHE A CG  1 
ATOM   437  C  CD1 . PHE A 1 60  ? 6.635   2.851   -5.467  1.00 21.74 ? 40  PHE A CD1 1 
ATOM   438  C  CD2 . PHE A 1 60  ? 6.996   4.472   -7.193  1.00 18.19 ? 40  PHE A CD2 1 
ATOM   439  C  CE1 . PHE A 1 60  ? 7.994   2.903   -5.128  1.00 21.96 ? 40  PHE A CE1 1 
ATOM   440  C  CE2 . PHE A 1 60  ? 8.351   4.534   -6.864  1.00 20.45 ? 40  PHE A CE2 1 
ATOM   441  C  CZ  . PHE A 1 60  ? 8.851   3.749   -5.828  1.00 20.65 ? 40  PHE A CZ  1 
ATOM   442  N  N   . SER A 1 61  ? 4.733   5.658   -4.156  1.00 15.91 ? 41  SER A N   1 
ATOM   443  C  CA  . SER A 1 61  ? 5.171   6.953   -3.650  1.00 16.71 ? 41  SER A CA  1 
ATOM   444  C  C   . SER A 1 61  ? 6.652   7.202   -3.960  1.00 15.83 ? 41  SER A C   1 
ATOM   445  O  O   . SER A 1 61  ? 7.533   6.785   -3.211  1.00 15.79 ? 41  SER A O   1 
ATOM   446  C  CB  . SER A 1 61  ? 4.925   7.018   -2.135  1.00 16.07 ? 41  SER A CB  1 
ATOM   447  O  OG  . SER A 1 61  ? 4.785   8.353   -1.665  1.00 15.52 ? 41  SER A OG  1 
ATOM   448  N  N   . GLU A 1 62  ? 6.924   7.873   -5.072  1.00 15.42 ? 42  GLU A N   1 
ATOM   449  C  CA  . GLU A 1 62  ? 8.303   8.183   -5.447  1.00 16.40 ? 42  GLU A CA  1 
ATOM   450  C  C   . GLU A 1 62  ? 8.899   9.005   -4.295  1.00 16.93 ? 42  GLU A C   1 
ATOM   451  O  O   . GLU A 1 62  ? 8.336   10.028  -3.907  1.00 16.93 ? 42  GLU A O   1 
ATOM   452  C  CB  . GLU A 1 62  ? 8.302   8.960   -6.767  1.00 17.17 ? 42  GLU A CB  1 
ATOM   453  C  CG  . GLU A 1 62  ? 9.672   9.372   -7.256  1.00 18.88 ? 42  GLU A CG  1 
ATOM   454  C  CD  . GLU A 1 62  ? 9.628   9.959   -8.656  1.00 20.42 ? 42  GLU A CD  1 
ATOM   455  O  OE1 . GLU A 1 62  ? 8.566   10.475  -9.054  1.00 18.63 ? 42  GLU A OE1 1 
ATOM   456  O  OE2 . GLU A 1 62  ? 10.659  9.910   -9.351  1.00 23.69 ? 42  GLU A OE2 1 
ATOM   457  N  N   . ALA A 1 63  ? 10.033  8.555   -3.754  1.00 15.73 ? 43  ALA A N   1 
ATOM   458  C  CA  . ALA A 1 63  ? 10.656  9.196   -2.589  1.00 15.59 ? 43  ALA A CA  1 
ATOM   459  C  C   . ALA A 1 63  ? 11.684  10.303  -2.817  1.00 17.73 ? 43  ALA A C   1 
ATOM   460  O  O   . ALA A 1 63  ? 12.114  10.956  -1.863  1.00 18.08 ? 43  ALA A O   1 
ATOM   461  C  CB  . ALA A 1 63  ? 11.265  8.113   -1.686  1.00 13.75 ? 43  ALA A CB  1 
ATOM   462  N  N   . SER A 1 64  ? 12.089  10.500  -4.067  1.00 19.84 ? 44  SER A N   1 
ATOM   463  C  CA  . SER A 1 64  ? 13.061  11.531  -4.412  1.00 21.76 ? 44  SER A CA  1 
ATOM   464  C  C   . SER A 1 64  ? 12.809  11.966  -5.847  1.00 21.94 ? 44  SER A C   1 
ATOM   465  O  O   . SER A 1 64  ? 11.836  11.544  -6.467  1.00 21.15 ? 44  SER A O   1 
ATOM   466  C  CB  . SER A 1 64  ? 14.482  10.983  -4.286  1.00 23.21 ? 44  SER A CB  1 
ATOM   467  O  OG  . SER A 1 64  ? 14.686  9.915   -5.198  1.00 25.80 ? 44  SER A OG  1 
ATOM   468  N  N   . GLY A 1 65  ? 13.696  12.800  -6.380  1.00 25.46 ? 45  GLY A N   1 
ATOM   469  C  CA  . GLY A 1 65  ? 13.521  13.267  -7.741  1.00 23.86 ? 45  GLY A CA  1 
ATOM   470  C  C   . GLY A 1 65  ? 12.221  14.033  -7.881  1.00 22.75 ? 45  GLY A C   1 
ATOM   471  O  O   . GLY A 1 65  ? 11.998  15.006  -7.167  1.00 23.99 ? 45  GLY A O   1 
ATOM   472  N  N   . ASP A 1 66  ? 11.359  13.590  -8.792  1.00 22.65 ? 46  ASP A N   1 
ATOM   473  C  CA  . ASP A 1 66  ? 10.078  14.251  -9.016  1.00 20.83 ? 46  ASP A CA  1 
ATOM   474  C  C   . ASP A 1 66  ? 9.132   14.124  -7.823  1.00 19.38 ? 46  ASP A C   1 
ATOM   475  O  O   . ASP A 1 66  ? 8.218   14.929  -7.671  1.00 19.26 ? 46  ASP A O   1 
ATOM   476  C  CB  . ASP A 1 66  ? 9.395   13.683  -10.263 1.00 20.68 ? 46  ASP A CB  1 
ATOM   477  C  CG  . ASP A 1 66  ? 10.178  13.949  -11.536 1.00 24.09 ? 46  ASP A CG  1 
ATOM   478  O  OD1 . ASP A 1 66  ? 11.214  14.644  -11.469 1.00 23.89 ? 46  ASP A OD1 1 
ATOM   479  O  OD2 . ASP A 1 66  ? 9.754   13.463  -12.606 1.00 24.60 ? 46  ASP A OD2 1 
ATOM   480  N  N   . ARG A 1 67  ? 9.349   13.109  -6.989  1.00 17.65 ? 47  ARG A N   1 
ATOM   481  C  CA  . ARG A 1 67  ? 8.512   12.883  -5.807  1.00 17.57 ? 47  ARG A CA  1 
ATOM   482  C  C   . ARG A 1 67  ? 7.024   12.821  -6.153  1.00 17.57 ? 47  ARG A C   1 
ATOM   483  O  O   . ARG A 1 67  ? 6.180   13.335  -5.417  1.00 18.27 ? 47  ARG A O   1 
ATOM   484  C  CB  . ARG A 1 67  ? 8.748   13.989  -4.774  1.00 18.55 ? 47  ARG A CB  1 
ATOM   485  C  CG  . ARG A 1 67  ? 10.144  13.975  -4.159  1.00 18.05 ? 47  ARG A CG  1 
ATOM   486  C  CD  . ARG A 1 67  ? 10.397  15.215  -3.312  1.00 18.89 ? 47  ARG A CD  1 
ATOM   487  N  NE  . ARG A 1 67  ? 9.402   15.390  -2.257  1.00 21.00 ? 47  ARG A NE  1 
ATOM   488  C  CZ  . ARG A 1 67  ? 9.388   16.420  -1.414  1.00 23.49 ? 47  ARG A CZ  1 
ATOM   489  N  NH1 . ARG A 1 67  ? 10.317  17.365  -1.507  1.00 24.58 ? 47  ARG A NH1 1 
ATOM   490  N  NH2 . ARG A 1 67  ? 8.451   16.511  -0.478  1.00 18.47 ? 47  ARG A NH2 1 
ATOM   491  N  N   . LEU A 1 68  ? 6.703   12.181  -7.270  1.00 17.71 ? 48  LEU A N   1 
ATOM   492  C  CA  . LEU A 1 68  ? 5.314   12.074  -7.692  1.00 18.23 ? 48  LEU A CA  1 
ATOM   493  C  C   . LEU A 1 68  ? 4.682   10.735  -7.334  1.00 18.20 ? 48  LEU A C   1 
ATOM   494  O  O   . LEU A 1 68  ? 5.369   9.729   -7.209  1.00 19.51 ? 48  LEU A O   1 
ATOM   495  C  CB  . LEU A 1 68  ? 5.214   12.270  -9.209  1.00 18.50 ? 48  LEU A CB  1 
ATOM   496  C  CG  . LEU A 1 68  ? 5.617   13.637  -9.767  1.00 18.86 ? 48  LEU A CG  1 
ATOM   497  C  CD1 . LEU A 1 68  ? 5.563   13.602  -11.295 1.00 19.20 ? 48  LEU A CD1 1 
ATOM   498  C  CD2 . LEU A 1 68  ? 4.680   14.700  -9.212  1.00 16.26 ? 48  LEU A CD2 1 
ATOM   499  N  N   . ILE A 1 69  ? 3.367   10.740  -7.153  1.00 18.80 ? 49  ILE A N   1 
ATOM   500  C  CA  . ILE A 1 69  ? 2.645   9.508   -6.891  1.00 18.52 ? 49  ILE A CA  1 
ATOM   501  C  C   . ILE A 1 69  ? 2.552   8.907   -8.289  1.00 19.83 ? 49  ILE A C   1 
ATOM   502  O  O   . ILE A 1 69  ? 2.081   9.566   -9.222  1.00 20.62 ? 49  ILE A O   1 
ATOM   503  C  CB  . ILE A 1 69  ? 1.224   9.776   -6.338  1.00 18.50 ? 49  ILE A CB  1 
ATOM   504  C  CG1 . ILE A 1 69  ? 1.322   10.346  -4.917  1.00 18.56 ? 49  ILE A CG1 1 
ATOM   505  C  CG2 . ILE A 1 69  ? 0.401   8.490   -6.354  1.00 19.09 ? 49  ILE A CG2 1 
ATOM   506  C  CD1 . ILE A 1 69  ? -0.024  10.586  -4.242  1.00 17.79 ? 49  ILE A CD1 1 
ATOM   507  N  N   . ARG A 1 70  ? 3.032   7.680   -8.435  1.00 19.28 ? 50  ARG A N   1 
ATOM   508  C  CA  . ARG A 1 70  ? 3.030   6.988   -9.720  1.00 20.74 ? 50  ARG A CA  1 
ATOM   509  C  C   . ARG A 1 70  ? 1.963   5.899   -9.696  1.00 19.82 ? 50  ARG A C   1 
ATOM   510  O  O   . ARG A 1 70  ? 1.654   5.352   -8.638  1.00 21.40 ? 50  ARG A O   1 
ATOM   511  C  CB  . ARG A 1 70  ? 4.407   6.366   -9.965  1.00 19.12 ? 50  ARG A CB  1 
ATOM   512  C  CG  . ARG A 1 70  ? 5.565   7.353   -9.845  1.00 23.13 ? 50  ARG A CG  1 
ATOM   513  C  CD  . ARG A 1 70  ? 5.577   8.343   -10.999 1.00 21.75 ? 50  ARG A CD  1 
ATOM   514  N  NE  . ARG A 1 70  ? 6.712   9.260   -10.933 1.00 23.56 ? 50  ARG A NE  1 
ATOM   515  C  CZ  . ARG A 1 70  ? 7.134   9.995   -11.958 1.00 23.29 ? 50  ARG A CZ  1 
ATOM   516  N  NH1 . ARG A 1 70  ? 6.519   9.914   -13.131 1.00 20.65 ? 50  ARG A NH1 1 
ATOM   517  N  NH2 . ARG A 1 70  ? 8.161   10.821  -11.812 1.00 21.68 ? 50  ARG A NH2 1 
ATOM   518  N  N   . TYR A 1 71  ? 1.406   5.568   -10.857 1.00 18.73 ? 51  TYR A N   1 
ATOM   519  C  CA  . TYR A 1 71  ? 0.358   4.559   -10.889 1.00 18.78 ? 51  TYR A CA  1 
ATOM   520  C  C   . TYR A 1 71  ? 0.260   3.786   -12.195 1.00 19.35 ? 51  TYR A C   1 
ATOM   521  O  O   . TYR A 1 71  ? 0.827   4.175   -13.213 1.00 18.11 ? 51  TYR A O   1 
ATOM   522  C  CB  . TYR A 1 71  ? -0.992  5.219   -10.588 1.00 20.30 ? 51  TYR A CB  1 
ATOM   523  C  CG  . TYR A 1 71  ? -1.442  6.192   -11.660 1.00 21.22 ? 51  TYR A CG  1 
ATOM   524  C  CD1 . TYR A 1 71  ? -2.109  5.744   -12.801 1.00 24.79 ? 51  TYR A CD1 1 
ATOM   525  C  CD2 . TYR A 1 71  ? -1.168  7.555   -11.550 1.00 22.54 ? 51  TYR A CD2 1 
ATOM   526  C  CE1 . TYR A 1 71  ? -2.490  6.634   -13.813 1.00 25.44 ? 51  TYR A CE1 1 
ATOM   527  C  CE2 . TYR A 1 71  ? -1.545  8.449   -12.555 1.00 24.64 ? 51  TYR A CE2 1 
ATOM   528  C  CZ  . TYR A 1 71  ? -2.203  7.981   -13.679 1.00 26.33 ? 51  TYR A CZ  1 
ATOM   529  O  OH  . TYR A 1 71  ? -2.574  8.860   -14.673 1.00 30.54 ? 51  TYR A OH  1 
ATOM   530  N  N   . ASP A 1 72  ? -0.479  2.683   -12.138 1.00 20.24 ? 52  ASP A N   1 
ATOM   531  C  CA  . ASP A 1 72  ? -0.721  1.814   -13.282 1.00 22.29 ? 52  ASP A CA  1 
ATOM   532  C  C   . ASP A 1 72  ? -1.946  0.984   -12.909 1.00 22.34 ? 52  ASP A C   1 
ATOM   533  O  O   . ASP A 1 72  ? -2.346  0.954   -11.745 1.00 21.66 ? 52  ASP A O   1 
ATOM   534  C  CB  . ASP A 1 72  ? 0.475   0.889   -13.543 1.00 24.97 ? 52  ASP A CB  1 
ATOM   535  C  CG  . ASP A 1 72  ? 1.433   1.439   -14.593 1.00 32.31 ? 52  ASP A CG  1 
ATOM   536  O  OD1 . ASP A 1 72  ? 0.987   1.714   -15.726 1.00 32.63 ? 52  ASP A OD1 1 
ATOM   537  O  OD2 . ASP A 1 72  ? 2.638   1.589   -14.292 1.00 32.42 ? 52  ASP A OD2 1 
ATOM   538  N  N   . GLY A 1 73  ? -2.540  0.317   -13.890 1.00 22.27 ? 53  GLY A N   1 
ATOM   539  C  CA  . GLY A 1 73  ? -3.714  -0.492  -13.615 1.00 24.15 ? 53  GLY A CA  1 
ATOM   540  C  C   . GLY A 1 73  ? -4.645  -0.561  -14.807 1.00 27.53 ? 53  GLY A C   1 
ATOM   541  O  O   . GLY A 1 73  ? -4.370  0.039   -15.846 1.00 28.03 ? 53  GLY A O   1 
ATOM   542  N  N   . ASN A 1 74  ? -5.746  -1.292  -14.660 1.00 27.55 ? 54  ASN A N   1 
ATOM   543  C  CA  . ASN A 1 74  ? -6.714  -1.434  -15.743 1.00 28.86 ? 54  ASN A CA  1 
ATOM   544  C  C   . ASN A 1 74  ? -8.131  -1.129  -15.270 1.00 30.34 ? 54  ASN A C   1 
ATOM   545  O  O   . ASN A 1 74  ? -9.105  -1.475  -15.933 1.00 31.29 ? 54  ASN A O   1 
ATOM   546  C  CB  . ASN A 1 74  ? -6.664  -2.853  -16.315 1.00 27.99 ? 54  ASN A CB  1 
ATOM   547  C  CG  . ASN A 1 74  ? -7.016  -3.910  -15.286 1.00 27.53 ? 54  ASN A CG  1 
ATOM   548  O  OD1 . ASN A 1 74  ? -7.498  -3.598  -14.195 1.00 26.71 ? 54  ASN A OD1 1 
ATOM   549  N  ND2 . ASN A 1 74  ? -6.783  -5.171  -15.632 1.00 27.03 ? 54  ASN A ND2 1 
ATOM   550  N  N   . ASP A 1 75  ? -8.237  -0.488  -14.112 1.00 30.64 ? 55  ASP A N   1 
ATOM   551  C  CA  . ASP A 1 75  ? -9.530  -0.130  -13.547 1.00 32.20 ? 55  ASP A CA  1 
ATOM   552  C  C   . ASP A 1 75  ? -9.408  1.248   -12.915 1.00 33.82 ? 55  ASP A C   1 
ATOM   553  O  O   . ASP A 1 75  ? -8.641  1.442   -11.971 1.00 33.05 ? 55  ASP A O   1 
ATOM   554  C  CB  . ASP A 1 75  ? -9.952  -1.166  -12.500 1.00 32.03 ? 55  ASP A CB  1 
ATOM   555  C  CG  . ASP A 1 75  ? -11.315 -0.877  -11.906 1.00 32.97 ? 55  ASP A CG  1 
ATOM   556  O  OD1 . ASP A 1 75  ? -11.436 0.077   -11.110 1.00 33.53 ? 55  ASP A OD1 1 
ATOM   557  O  OD2 . ASP A 1 75  ? -12.271 -1.605  -12.239 1.00 36.82 ? 55  ASP A OD2 1 
ATOM   558  N  N   . ASP A 1 76  ? -10.163 2.205   -13.442 1.00 33.94 ? 56  ASP A N   1 
ATOM   559  C  CA  . ASP A 1 76  ? -10.122 3.576   -12.947 1.00 34.50 ? 56  ASP A CA  1 
ATOM   560  C  C   . ASP A 1 76  ? -10.439 3.726   -11.466 1.00 32.69 ? 56  ASP A C   1 
ATOM   561  O  O   . ASP A 1 76  ? -9.770  4.484   -10.766 1.00 32.70 ? 56  ASP A O   1 
ATOM   562  C  CB  . ASP A 1 76  ? -11.063 4.463   -13.767 1.00 38.99 ? 56  ASP A CB  1 
ATOM   563  C  CG  . ASP A 1 76  ? -10.543 4.714   -15.168 1.00 43.15 ? 56  ASP A CG  1 
ATOM   564  O  OD1 . ASP A 1 76  ? -9.362  5.092   -15.300 1.00 47.23 ? 56  ASP A OD1 1 
ATOM   565  O  OD2 . ASP A 1 76  ? -11.313 4.539   -16.136 1.00 48.19 ? 56  ASP A OD2 1 
ATOM   566  N  N   . ASP A 1 77  ? -11.455 3.014   -10.990 1.00 30.65 ? 57  ASP A N   1 
ATOM   567  C  CA  . ASP A 1 77  ? -11.831 3.099   -9.586  1.00 29.99 ? 57  ASP A CA  1 
ATOM   568  C  C   . ASP A 1 77  ? -10.730 2.579   -8.669  1.00 27.11 ? 57  ASP A C   1 
ATOM   569  O  O   . ASP A 1 77  ? -10.464 3.166   -7.621  1.00 26.13 ? 57  ASP A O   1 
ATOM   570  C  CB  . ASP A 1 77  ? -13.122 2.320   -9.325  1.00 32.49 ? 57  ASP A CB  1 
ATOM   571  C  CG  . ASP A 1 77  ? -14.299 2.862   -10.111 1.00 37.80 ? 57  ASP A CG  1 
ATOM   572  O  OD1 . ASP A 1 77  ? -14.525 4.091   -10.075 1.00 38.70 ? 57  ASP A OD1 1 
ATOM   573  O  OD2 . ASP A 1 77  ? -15.000 2.059   -10.762 1.00 42.82 ? 57  ASP A OD2 1 
ATOM   574  N  N   . LEU A 1 78  ? -10.094 1.478   -9.057  1.00 25.37 ? 58  LEU A N   1 
ATOM   575  C  CA  . LEU A 1 78  ? -9.021  0.908   -8.245  1.00 22.61 ? 58  LEU A CA  1 
ATOM   576  C  C   . LEU A 1 78  ? -7.777  1.790   -8.290  1.00 22.98 ? 58  LEU A C   1 
ATOM   577  O  O   . LEU A 1 78  ? -7.099  1.980   -7.276  1.00 20.49 ? 58  LEU A O   1 
ATOM   578  C  CB  . LEU A 1 78  ? -8.677  -0.504  -8.720  1.00 23.03 ? 58  LEU A CB  1 
ATOM   579  C  CG  . LEU A 1 78  ? -9.806  -1.533  -8.622  1.00 23.67 ? 58  LEU A CG  1 
ATOM   580  C  CD1 . LEU A 1 78  ? -9.275  -2.910  -8.994  1.00 23.43 ? 58  LEU A CD1 1 
ATOM   581  C  CD2 . LEU A 1 78  ? -10.367 -1.549  -7.211  1.00 23.66 ? 58  LEU A CD2 1 
ATOM   582  N  N   . VAL A 1 79  ? -7.472  2.322   -9.469  1.00 21.30 ? 59  VAL A N   1 
ATOM   583  C  CA  . VAL A 1 79  ? -6.316  3.192   -9.616  1.00 21.30 ? 59  VAL A CA  1 
ATOM   584  C  C   . VAL A 1 79  ? -6.498  4.446   -8.764  1.00 21.74 ? 59  VAL A C   1 
ATOM   585  O  O   . VAL A 1 79  ? -5.577  4.861   -8.067  1.00 20.62 ? 59  VAL A O   1 
ATOM   586  C  CB  . VAL A 1 79  ? -6.100  3.607   -11.093 1.00 22.71 ? 59  VAL A CB  1 
ATOM   587  C  CG1 . VAL A 1 79  ? -5.026  4.683   -11.178 1.00 20.14 ? 59  VAL A CG1 1 
ATOM   588  C  CG2 . VAL A 1 79  ? -5.688  2.397   -11.920 1.00 22.83 ? 59  VAL A CG2 1 
ATOM   589  N  N   . LYS A 1 80  ? -7.687  5.042   -8.813  1.00 21.30 ? 60  LYS A N   1 
ATOM   590  C  CA  . LYS A 1 80  ? -7.963  6.246   -8.035  1.00 23.02 ? 60  LYS A CA  1 
ATOM   591  C  C   . LYS A 1 80  ? -7.861  5.974   -6.539  1.00 21.52 ? 60  LYS A C   1 
ATOM   592  O  O   . LYS A 1 80  ? -7.406  6.822   -5.777  1.00 21.82 ? 60  LYS A O   1 
ATOM   593  C  CB  . LYS A 1 80  ? -9.356  6.795   -8.360  1.00 26.01 ? 60  LYS A CB  1 
ATOM   594  C  CG  . LYS A 1 80  ? -9.473  7.365   -9.763  1.00 30.90 ? 60  LYS A CG  1 
ATOM   595  C  CD  . LYS A 1 80  ? -10.878 7.873   -10.042 1.00 35.17 ? 60  LYS A CD  1 
ATOM   596  C  CE  . LYS A 1 80  ? -11.016 8.295   -11.492 1.00 37.52 ? 60  LYS A CE  1 
ATOM   597  N  NZ  . LYS A 1 80  ? -9.965  9.275   -11.870 1.00 39.20 ? 60  LYS A NZ  1 
ATOM   598  N  N   . ALA A 1 81  ? -8.295  4.791   -6.120  1.00 20.98 ? 61  ALA A N   1 
ATOM   599  C  CA  . ALA A 1 81  ? -8.226  4.429   -4.711  1.00 19.29 ? 61  ALA A CA  1 
ATOM   600  C  C   . ALA A 1 81  ? -6.762  4.275   -4.299  1.00 18.09 ? 61  ALA A C   1 
ATOM   601  O  O   . ALA A 1 81  ? -6.383  4.680   -3.201  1.00 19.06 ? 61  ALA A O   1 
ATOM   602  C  CB  . ALA A 1 81  ? -8.988  3.132   -4.459  1.00 18.73 ? 61  ALA A CB  1 
ATOM   603  N  N   . CYS A 1 82  ? -5.942  3.694   -5.175  1.00 18.22 ? 62  CYS A N   1 
ATOM   604  C  CA  . CYS A 1 82  ? -4.515  3.516   -4.881  1.00 17.72 ? 62  CYS A CA  1 
ATOM   605  C  C   . CYS A 1 82  ? -3.819  4.862   -4.743  1.00 17.55 ? 62  CYS A C   1 
ATOM   606  O  O   . CYS A 1 82  ? -2.972  5.052   -3.873  1.00 17.43 ? 62  CYS A O   1 
ATOM   607  C  CB  . CYS A 1 82  ? -3.819  2.709   -5.981  1.00 16.18 ? 62  CYS A CB  1 
ATOM   608  S  SG  . CYS A 1 82  ? -4.199  0.951   -5.972  1.00 17.28 ? 62  CYS A SG  1 
ATOM   609  N  N   . ILE A 1 83  ? -4.166  5.794   -5.623  1.00 18.42 ? 63  ILE A N   1 
ATOM   610  C  CA  . ILE A 1 83  ? -3.577  7.124   -5.577  1.00 18.32 ? 63  ILE A CA  1 
ATOM   611  C  C   . ILE A 1 83  ? -3.958  7.801   -4.266  1.00 18.97 ? 63  ILE A C   1 
ATOM   612  O  O   . ILE A 1 83  ? -3.107  8.371   -3.583  1.00 18.21 ? 63  ILE A O   1 
ATOM   613  C  CB  . ILE A 1 83  ? -4.061  7.987   -6.773  1.00 18.76 ? 63  ILE A CB  1 
ATOM   614  C  CG1 . ILE A 1 83  ? -3.468  7.440   -8.075  1.00 19.55 ? 63  ILE A CG1 1 
ATOM   615  C  CG2 . ILE A 1 83  ? -3.654  9.442   -6.573  1.00 20.02 ? 63  ILE A CG2 1 
ATOM   616  C  CD1 . ILE A 1 83  ? -4.044  8.062   -9.336  1.00 20.47 ? 63  ILE A CD1 1 
ATOM   617  N  N   . GLU A 1 84  ? -5.238  7.730   -3.910  1.00 18.01 ? 64  GLU A N   1 
ATOM   618  C  CA  . GLU A 1 84  ? -5.712  8.346   -2.675  1.00 17.05 ? 64  GLU A CA  1 
ATOM   619  C  C   . GLU A 1 84  ? -5.021  7.733   -1.454  1.00 17.54 ? 64  GLU A C   1 
ATOM   620  O  O   . GLU A 1 84  ? -4.641  8.447   -0.527  1.00 17.24 ? 64  GLU A O   1 
ATOM   621  C  CB  . GLU A 1 84  ? -7.236  8.187   -2.565  1.00 18.87 ? 64  GLU A CB  1 
ATOM   622  C  CG  . GLU A 1 84  ? -7.866  8.669   -1.249  1.00 18.80 ? 64  GLU A CG  1 
ATOM   623  C  CD  . GLU A 1 84  ? -7.649  10.147  -0.959  1.00 22.17 ? 64  GLU A CD  1 
ATOM   624  O  OE1 . GLU A 1 84  ? -7.256  10.899  -1.875  1.00 23.16 ? 64  GLU A OE1 1 
ATOM   625  O  OE2 . GLU A 1 84  ? -7.888  10.561  0.195   1.00 20.48 ? 64  GLU A OE2 1 
ATOM   626  N  N   . ASN A 1 85  ? -4.857  6.414   -1.452  1.00 17.05 ? 65  ASN A N   1 
ATOM   627  C  CA  . ASN A 1 85  ? -4.208  5.751   -0.327  1.00 16.36 ? 65  ASN A CA  1 
ATOM   628  C  C   . ASN A 1 85  ? -2.751  6.172   -0.185  1.00 15.70 ? 65  ASN A C   1 
ATOM   629  O  O   . ASN A 1 85  ? -2.275  6.386   0.926   1.00 16.55 ? 65  ASN A O   1 
ATOM   630  C  CB  . ASN A 1 85  ? -4.316  4.231   -0.457  1.00 15.81 ? 65  ASN A CB  1 
ATOM   631  C  CG  . ASN A 1 85  ? -5.727  3.735   -0.214  1.00 17.17 ? 65  ASN A CG  1 
ATOM   632  O  OD1 . ASN A 1 85  ? -6.478  4.340   0.551   1.00 16.75 ? 65  ASN A OD1 1 
ATOM   633  N  ND2 . ASN A 1 85  ? -6.091  2.625   -0.849  1.00 15.32 ? 65  ASN A ND2 1 
ATOM   634  N  N   . ILE A 1 86  ? -2.047  6.290   -1.308  1.00 16.34 ? 66  ILE A N   1 
ATOM   635  C  CA  . ILE A 1 86  ? -0.650  6.717   -1.283  1.00 15.09 ? 66  ILE A CA  1 
ATOM   636  C  C   . ILE A 1 86  ? -0.592  8.140   -0.732  1.00 15.48 ? 66  ILE A C   1 
ATOM   637  O  O   . ILE A 1 86  ? 0.291   8.477   0.056   1.00 16.72 ? 66  ILE A O   1 
ATOM   638  C  CB  . ILE A 1 86  ? -0.023  6.692   -2.702  1.00 14.27 ? 66  ILE A CB  1 
ATOM   639  C  CG1 . ILE A 1 86  ? 0.185   5.245   -3.156  1.00 13.49 ? 66  ILE A CG1 1 
ATOM   640  C  CG2 . ILE A 1 86  ? 1.318   7.439   -2.710  1.00 14.80 ? 66  ILE A CG2 1 
ATOM   641  C  CD1 . ILE A 1 86  ? 1.182   4.471   -2.299  1.00 15.84 ? 66  ILE A CD1 1 
ATOM   642  N  N   . ARG A 1 87  ? -1.547  8.971   -1.144  1.00 15.68 ? 67  ARG A N   1 
ATOM   643  C  CA  . ARG A 1 87  ? -1.601  10.356  -0.678  1.00 15.40 ? 67  ARG A CA  1 
ATOM   644  C  C   . ARG A 1 87  ? -1.820  10.428  0.829   1.00 16.41 ? 67  ARG A C   1 
ATOM   645  O  O   . ARG A 1 87  ? -1.184  11.224  1.521   1.00 17.02 ? 67  ARG A O   1 
ATOM   646  C  CB  . ARG A 1 87  ? -2.734  11.119  -1.382  1.00 17.98 ? 67  ARG A CB  1 
ATOM   647  C  CG  . ARG A 1 87  ? -2.809  12.600  -0.994  1.00 20.50 ? 67  ARG A CG  1 
ATOM   648  C  CD  . ARG A 1 87  ? -4.117  13.249  -1.446  1.00 22.57 ? 67  ARG A CD  1 
ATOM   649  N  NE  . ARG A 1 87  ? -5.258  12.852  -0.620  1.00 24.14 ? 67  ARG A NE  1 
ATOM   650  C  CZ  . ARG A 1 87  ? -5.460  13.249  0.634   1.00 24.69 ? 67  ARG A CZ  1 
ATOM   651  N  NH1 . ARG A 1 87  ? -4.601  14.066  1.226   1.00 25.53 ? 67  ARG A NH1 1 
ATOM   652  N  NH2 . ARG A 1 87  ? -6.522  12.819  1.304   1.00 24.11 ? 67  ARG A NH2 1 
ATOM   653  N  N   . ARG A 1 88  ? -2.727  9.600   1.338   1.00 15.53 ? 68  ARG A N   1 
ATOM   654  C  CA  . ARG A 1 88  ? -3.021  9.597   2.766   1.00 16.95 ? 68  ARG A CA  1 
ATOM   655  C  C   . ARG A 1 88  ? -1.819  9.177   3.604   1.00 17.97 ? 68  ARG A C   1 
ATOM   656  O  O   . ARG A 1 88  ? -1.572  9.741   4.666   1.00 17.10 ? 68  ARG A O   1 
ATOM   657  C  CB  . ARG A 1 88  ? -4.199  8.669   3.065   1.00 18.34 ? 68  ARG A CB  1 
ATOM   658  C  CG  . ARG A 1 88  ? -5.503  9.111   2.411   1.00 19.23 ? 68  ARG A CG  1 
ATOM   659  C  CD  . ARG A 1 88  ? -6.664  8.231   2.832   1.00 21.42 ? 68  ARG A CD  1 
ATOM   660  N  NE  . ARG A 1 88  ? -7.922  8.698   2.247   1.00 21.20 ? 68  ARG A NE  1 
ATOM   661  C  CZ  . ARG A 1 88  ? -9.123  8.228   2.571   1.00 24.14 ? 68  ARG A CZ  1 
ATOM   662  N  NH1 . ARG A 1 88  ? -9.238  7.268   3.481   1.00 19.61 ? 68  ARG A NH1 1 
ATOM   663  N  NH2 . ARG A 1 88  ? -10.211 8.724   1.989   1.00 20.89 ? 68  ARG A NH2 1 
ATOM   664  N  N   . ILE A 1 89  ? -1.085  8.178   3.126   1.00 16.39 ? 69  ILE A N   1 
ATOM   665  C  CA  . ILE A 1 89  ? 0.092   7.682   3.837   1.00 16.15 ? 69  ILE A CA  1 
ATOM   666  C  C   . ILE A 1 89  ? 1.232   8.693   3.766   1.00 16.07 ? 69  ILE A C   1 
ATOM   667  O  O   . ILE A 1 89  ? 1.903   8.962   4.765   1.00 15.67 ? 69  ILE A O   1 
ATOM   668  C  CB  . ILE A 1 89  ? 0.544   6.327   3.246   1.00 15.19 ? 69  ILE A CB  1 
ATOM   669  C  CG1 . ILE A 1 89  ? -0.566  5.289   3.468   1.00 16.12 ? 69  ILE A CG1 1 
ATOM   670  C  CG2 . ILE A 1 89  ? 1.847   5.874   3.902   1.00 15.84 ? 69  ILE A CG2 1 
ATOM   671  C  CD1 . ILE A 1 89  ? -0.354  3.969   2.746   1.00 17.70 ? 69  ILE A CD1 1 
ATOM   672  N  N   . SER A 1 90  ? 1.450   9.240   2.573   1.00 17.17 ? 70  SER A N   1 
ATOM   673  C  CA  . SER A 1 90  ? 2.484   10.244  2.337   1.00 18.49 ? 70  SER A CA  1 
ATOM   674  C  C   . SER A 1 90  ? 3.877   9.847   2.832   1.00 19.09 ? 70  SER A C   1 
ATOM   675  O  O   . SER A 1 90  ? 4.599   10.671  3.404   1.00 18.09 ? 70  SER A O   1 
ATOM   676  C  CB  . SER A 1 90  ? 2.064   11.568  2.984   1.00 20.34 ? 70  SER A CB  1 
ATOM   677  O  OG  . SER A 1 90  ? 2.818   12.648  2.476   1.00 23.01 ? 70  SER A OG  1 
ATOM   678  N  N   . ALA A 1 91  ? 4.250   8.589   2.602   1.00 17.40 ? 71  ALA A N   1 
ATOM   679  C  CA  . ALA A 1 91  ? 5.558   8.080   3.010   1.00 14.78 ? 71  ALA A CA  1 
ATOM   680  C  C   . ALA A 1 91  ? 6.342   7.564   1.807   1.00 14.48 ? 71  ALA A C   1 
ATOM   681  O  O   . ALA A 1 91  ? 5.860   6.726   1.046   1.00 14.03 ? 71  ALA A O   1 
ATOM   682  C  CB  . ALA A 1 91  ? 5.393   6.955   4.047   1.00 15.41 ? 71  ALA A CB  1 
ATOM   683  N  N   . GLY A 1 92  ? 7.560   8.066   1.645   1.00 15.01 ? 72  GLY A N   1 
ATOM   684  C  CA  . GLY A 1 92  ? 8.388   7.643   0.533   1.00 13.56 ? 72  GLY A CA  1 
ATOM   685  C  C   . GLY A 1 92  ? 8.558   6.140   0.419   1.00 14.94 ? 72  GLY A C   1 
ATOM   686  O  O   . GLY A 1 92  ? 8.710   5.439   1.424   1.00 12.89 ? 72  GLY A O   1 
ATOM   687  N  N   . HIS A 1 93  ? 8.520   5.663   -0.823  1.00 14.30 ? 73  HIS A N   1 
ATOM   688  C  CA  . HIS A 1 93  ? 8.684   4.255   -1.171  1.00 16.55 ? 73  HIS A CA  1 
ATOM   689  C  C   . HIS A 1 93  ? 7.567   3.305   -0.761  1.00 16.65 ? 73  HIS A C   1 
ATOM   690  O  O   . HIS A 1 93  ? 7.742   2.086   -0.749  1.00 17.74 ? 73  HIS A O   1 
ATOM   691  C  CB  . HIS A 1 93  ? 10.048  3.759   -0.682  1.00 15.87 ? 73  HIS A CB  1 
ATOM   692  C  CG  . HIS A 1 93  ? 11.183  4.237   -1.535  1.00 22.26 ? 73  HIS A CG  1 
ATOM   693  N  ND1 . HIS A 1 93  ? 12.500  4.185   -1.135  1.00 23.79 ? 73  HIS A ND1 1 
ATOM   694  C  CD2 . HIS A 1 93  ? 11.191  4.772   -2.781  1.00 23.69 ? 73  HIS A CD2 1 
ATOM   695  C  CE1 . HIS A 1 93  ? 13.271  4.667   -2.093  1.00 25.04 ? 73  HIS A CE1 1 
ATOM   696  N  NE2 . HIS A 1 93  ? 12.501  5.029   -3.104  1.00 25.96 ? 73  HIS A NE2 1 
ATOM   697  N  N   . THR A 1 94  ? 6.410   3.868   -0.438  1.00 15.43 ? 74  THR A N   1 
ATOM   698  C  CA  . THR A 1 94  ? 5.260   3.054   -0.095  1.00 15.13 ? 74  THR A CA  1 
ATOM   699  C  C   . THR A 1 94  ? 4.608   2.666   -1.422  1.00 15.17 ? 74  THR A C   1 
ATOM   700  O  O   . THR A 1 94  ? 4.661   3.432   -2.393  1.00 14.97 ? 74  THR A O   1 
ATOM   701  C  CB  . THR A 1 94  ? 4.195   3.853   0.690   1.00 14.56 ? 74  THR A CB  1 
ATOM   702  O  OG1 . THR A 1 94  ? 4.763   4.391   1.892   1.00 14.74 ? 74  THR A OG1 1 
ATOM   703  C  CG2 . THR A 1 94  ? 3.009   2.955   1.032   1.00 15.92 ? 74  THR A CG2 1 
ATOM   704  N  N   . PHE A 1 95  ? 4.033   1.470   -1.482  1.00 13.44 ? 75  PHE A N   1 
ATOM   705  C  CA  . PHE A 1 95  ? 3.290   1.072   -2.666  1.00 14.08 ? 75  PHE A CA  1 
ATOM   706  C  C   . PHE A 1 95  ? 1.974   0.478   -2.183  1.00 14.75 ? 75  PHE A C   1 
ATOM   707  O  O   . PHE A 1 95  ? 1.900   -0.092  -1.088  1.00 13.36 ? 75  PHE A O   1 
ATOM   708  C  CB  . PHE A 1 95  ? 4.081   0.102   -3.573  1.00 13.49 ? 75  PHE A CB  1 
ATOM   709  C  CG  . PHE A 1 95  ? 4.372   -1.245  -2.967  1.00 14.56 ? 75  PHE A CG  1 
ATOM   710  C  CD1 . PHE A 1 95  ? 3.419   -2.260  -2.992  1.00 13.94 ? 75  PHE A CD1 1 
ATOM   711  C  CD2 . PHE A 1 95  ? 5.627   -1.519  -2.439  1.00 14.42 ? 75  PHE A CD2 1 
ATOM   712  C  CE1 . PHE A 1 95  ? 3.714   -3.531  -2.507  1.00 15.57 ? 75  PHE A CE1 1 
ATOM   713  C  CE2 . PHE A 1 95  ? 5.935   -2.792  -1.950  1.00 15.99 ? 75  PHE A CE2 1 
ATOM   714  C  CZ  . PHE A 1 95  ? 4.978   -3.798  -1.984  1.00 15.26 ? 75  PHE A CZ  1 
ATOM   715  N  N   . VAL A 1 96  ? 0.925   0.679   -2.972  1.00 14.02 ? 76  VAL A N   1 
ATOM   716  C  CA  . VAL A 1 96  ? -0.404  0.186   -2.644  1.00 13.96 ? 76  VAL A CA  1 
ATOM   717  C  C   . VAL A 1 96  ? -0.964  -0.503  -3.874  1.00 15.51 ? 76  VAL A C   1 
ATOM   718  O  O   . VAL A 1 96  ? -0.955  0.063   -4.965  1.00 15.26 ? 76  VAL A O   1 
ATOM   719  C  CB  . VAL A 1 96  ? -1.372  1.340   -2.261  1.00 13.70 ? 76  VAL A CB  1 
ATOM   720  C  CG1 . VAL A 1 96  ? -2.781  0.791   -2.063  1.00 13.88 ? 76  VAL A CG1 1 
ATOM   721  C  CG2 . VAL A 1 96  ? -0.894  2.036   -0.984  1.00 13.44 ? 76  VAL A CG2 1 
ATOM   722  N  N   . ILE A 1 97  ? -1.438  -1.729  -3.696  1.00 15.47 ? 77  ILE A N   1 
ATOM   723  C  CA  . ILE A 1 97  ? -2.016  -2.486  -4.796  1.00 15.16 ? 77  ILE A CA  1 
ATOM   724  C  C   . ILE A 1 97  ? -3.432  -2.898  -4.405  1.00 16.34 ? 77  ILE A C   1 
ATOM   725  O  O   . ILE A 1 97  ? -3.673  -3.310  -3.274  1.00 14.96 ? 77  ILE A O   1 
ATOM   726  C  CB  . ILE A 1 97  ? -1.188  -3.761  -5.097  1.00 16.43 ? 77  ILE A CB  1 
ATOM   727  C  CG1 . ILE A 1 97  ? 0.226   -3.382  -5.539  1.00 17.52 ? 77  ILE A CG1 1 
ATOM   728  C  CG2 . ILE A 1 97  ? -1.872  -4.586  -6.183  1.00 18.01 ? 77  ILE A CG2 1 
ATOM   729  C  CD1 . ILE A 1 97  ? 1.190   -4.565  -5.581  1.00 20.42 ? 77  ILE A CD1 1 
ATOM   730  N  N   . LEU A 1 98  ? -4.372  -2.748  -5.333  1.00 16.17 ? 78  LEU A N   1 
ATOM   731  C  CA  . LEU A 1 98  ? -5.756  -3.143  -5.094  1.00 18.12 ? 78  LEU A CA  1 
ATOM   732  C  C   . LEU A 1 98  ? -6.128  -4.103  -6.210  1.00 18.77 ? 78  LEU A C   1 
ATOM   733  O  O   . LEU A 1 98  ? -5.919  -3.803  -7.382  1.00 19.03 ? 78  LEU A O   1 
ATOM   734  C  CB  . LEU A 1 98  ? -6.687  -1.928  -5.106  1.00 17.60 ? 78  LEU A CB  1 
ATOM   735  C  CG  . LEU A 1 98  ? -6.718  -1.095  -3.822  1.00 16.95 ? 78  LEU A CG  1 
ATOM   736  C  CD1 . LEU A 1 98  ? -7.516  0.175   -4.045  1.00 16.98 ? 78  LEU A CD1 1 
ATOM   737  C  CD2 . LEU A 1 98  ? -7.330  -1.917  -2.699  1.00 16.25 ? 78  LEU A CD2 1 
ATOM   738  N  N   . ILE A 1 99  ? -6.661  -5.264  -5.843  1.00 21.65 ? 79  ILE A N   1 
ATOM   739  C  CA  . ILE A 1 99  ? -7.038  -6.271  -6.827  1.00 21.81 ? 79  ILE A CA  1 
ATOM   740  C  C   . ILE A 1 99  ? -8.456  -6.760  -6.587  1.00 22.49 ? 79  ILE A C   1 
ATOM   741  O  O   . ILE A 1 99  ? -8.836  -7.066  -5.463  1.00 19.02 ? 79  ILE A O   1 
ATOM   742  C  CB  . ILE A 1 99  ? -6.094  -7.492  -6.773  1.00 23.00 ? 79  ILE A CB  1 
ATOM   743  C  CG1 . ILE A 1 99  ? -4.645  -7.039  -6.945  1.00 22.25 ? 79  ILE A CG1 1 
ATOM   744  C  CG2 . ILE A 1 99  ? -6.465  -8.480  -7.880  1.00 22.71 ? 79  ILE A CG2 1 
ATOM   745  C  CD1 . ILE A 1 99  ? -3.620  -8.116  -6.645  1.00 24.12 ? 79  ILE A CD1 1 
ATOM   746  N  N   . ARG A 1 100 ? -9.231  -6.838  -7.658  1.00 25.73 ? 80  ARG A N   1 
ATOM   747  C  CA  . ARG A 1 100 ? -10.610 -7.293  -7.578  1.00 29.87 ? 80  ARG A CA  1 
ATOM   748  C  C   . ARG A 1 100 ? -10.840 -8.356  -8.649  1.00 31.19 ? 80  ARG A C   1 
ATOM   749  O  O   . ARG A 1 100 ? -10.177 -8.355  -9.685  1.00 29.95 ? 80  ARG A O   1 
ATOM   750  C  CB  . ARG A 1 100 ? -11.551 -6.103  -7.794  1.00 33.63 ? 80  ARG A CB  1 
ATOM   751  C  CG  . ARG A 1 100 ? -13.018 -6.456  -7.879  1.00 39.55 ? 80  ARG A CG  1 
ATOM   752  C  CD  . ARG A 1 100 ? -13.846 -5.234  -8.259  1.00 44.17 ? 80  ARG A CD  1 
ATOM   753  N  NE  . ARG A 1 100 ? -13.959 -4.264  -7.174  1.00 47.84 ? 80  ARG A NE  1 
ATOM   754  C  CZ  . ARG A 1 100 ? -14.549 -3.079  -7.298  1.00 49.57 ? 80  ARG A CZ  1 
ATOM   755  N  NH1 . ARG A 1 100 ? -15.066 -2.721  -8.464  1.00 52.54 ? 80  ARG A NH1 1 
ATOM   756  N  NH2 . ARG A 1 100 ? -14.640 -2.262  -6.259  1.00 48.70 ? 80  ARG A NH2 1 
ATOM   757  N  N   . ASN A 1 101 ? -11.767 -9.272  -8.391  1.00 33.02 ? 81  ASN A N   1 
ATOM   758  C  CA  . ASN A 1 101 ? -12.079 -10.327 -9.349  1.00 35.98 ? 81  ASN A CA  1 
ATOM   759  C  C   . ASN A 1 101 ? -10.884 -11.234 -9.624  1.00 35.37 ? 81  ASN A C   1 
ATOM   760  O  O   . ASN A 1 101 ? -10.599 -11.567 -10.775 1.00 36.55 ? 81  ASN A O   1 
ATOM   761  C  CB  . ASN A 1 101 ? -12.565 -9.710  -10.666 1.00 39.63 ? 81  ASN A CB  1 
ATOM   762  C  CG  . ASN A 1 101 ? -13.852 -8.922  -10.503 1.00 43.47 ? 81  ASN A CG  1 
ATOM   763  O  OD1 . ASN A 1 101 ? -14.327 -8.290  -11.446 1.00 46.16 ? 81  ASN A OD1 1 
ATOM   764  N  ND2 . ASN A 1 101 ? -14.426 -8.961  -9.304  1.00 44.56 ? 81  ASN A ND2 1 
ATOM   765  N  N   . ALA A 1 102 ? -10.185 -11.630 -8.567  1.00 33.13 ? 82  ALA A N   1 
ATOM   766  C  CA  . ALA A 1 102 ? -9.030  -12.506 -8.710  1.00 31.95 ? 82  ALA A CA  1 
ATOM   767  C  C   . ALA A 1 102 ? -9.150  -13.704 -7.773  1.00 31.58 ? 82  ALA A C   1 
ATOM   768  O  O   . ALA A 1 102 ? -9.646  -13.580 -6.650  1.00 30.64 ? 82  ALA A O   1 
ATOM   769  C  CB  . ALA A 1 102 ? -7.750  -11.738 -8.407  1.00 32.37 ? 82  ALA A CB  1 
ATOM   770  N  N   . TYR A 1 103 ? -8.701  -14.866 -8.240  1.00 28.74 ? 83  TYR A N   1 
ATOM   771  C  CA  . TYR A 1 103 ? -8.744  -16.067 -7.417  1.00 28.10 ? 83  TYR A CA  1 
ATOM   772  C  C   . TYR A 1 103 ? -7.724  -15.929 -6.292  1.00 28.50 ? 83  TYR A C   1 
ATOM   773  O  O   . TYR A 1 103 ? -6.771  -15.158 -6.400  1.00 27.15 ? 83  TYR A O   1 
ATOM   774  C  CB  . TYR A 1 103 ? -8.419  -17.309 -8.250  1.00 27.85 ? 83  TYR A CB  1 
ATOM   775  C  CG  . TYR A 1 103 ? -9.590  -17.850 -9.034  1.00 28.10 ? 83  TYR A CG  1 
ATOM   776  C  CD1 . TYR A 1 103 ? -9.944  -17.311 -10.269 1.00 29.15 ? 83  TYR A CD1 1 
ATOM   777  C  CD2 . TYR A 1 103 ? -10.352 -18.906 -8.532  1.00 29.28 ? 83  TYR A CD2 1 
ATOM   778  C  CE1 . TYR A 1 103 ? -11.032 -17.814 -10.987 1.00 30.03 ? 83  TYR A CE1 1 
ATOM   779  C  CE2 . TYR A 1 103 ? -11.437 -19.413 -9.237  1.00 29.73 ? 83  TYR A CE2 1 
ATOM   780  C  CZ  . TYR A 1 103 ? -11.772 -18.866 -10.461 1.00 30.69 ? 83  TYR A CZ  1 
ATOM   781  O  OH  . TYR A 1 103 ? -12.841 -19.383 -11.157 1.00 31.48 ? 83  TYR A OH  1 
ATOM   782  N  N   . PRO A 1 104 ? -7.912  -16.683 -5.198  1.00 28.62 ? 84  PRO A N   1 
ATOM   783  C  CA  . PRO A 1 104 ? -7.016  -16.654 -4.040  1.00 27.96 ? 84  PRO A CA  1 
ATOM   784  C  C   . PRO A 1 104 ? -5.532  -16.831 -4.366  1.00 27.69 ? 84  PRO A C   1 
ATOM   785  O  O   . PRO A 1 104 ? -4.689  -16.074 -3.881  1.00 26.52 ? 84  PRO A O   1 
ATOM   786  C  CB  . PRO A 1 104 ? -7.548  -17.792 -3.170  1.00 28.23 ? 84  PRO A CB  1 
ATOM   787  C  CG  . PRO A 1 104 ? -9.012  -17.770 -3.460  1.00 28.41 ? 84  PRO A CG  1 
ATOM   788  C  CD  . PRO A 1 104 ? -9.044  -17.598 -4.960  1.00 28.54 ? 84  PRO A CD  1 
ATOM   789  N  N   . ILE A 1 105 ? -5.208  -17.826 -5.190  1.00 24.57 ? 85  ILE A N   1 
ATOM   790  C  CA  . ILE A 1 105 ? -3.810  -18.085 -5.522  1.00 25.03 ? 85  ILE A CA  1 
ATOM   791  C  C   . ILE A 1 105 ? -3.131  -16.933 -6.261  1.00 25.17 ? 85  ILE A C   1 
ATOM   792  O  O   . ILE A 1 105 ? -1.932  -16.703 -6.090  1.00 24.05 ? 85  ILE A O   1 
ATOM   793  C  CB  . ILE A 1 105 ? -3.646  -19.380 -6.358  1.00 26.55 ? 85  ILE A CB  1 
ATOM   794  C  CG1 . ILE A 1 105 ? -2.167  -19.770 -6.414  1.00 28.05 ? 85  ILE A CG1 1 
ATOM   795  C  CG2 . ILE A 1 105 ? -4.178  -19.176 -7.774  1.00 25.17 ? 85  ILE A CG2 1 
ATOM   796  C  CD1 . ILE A 1 105 ? -1.544  -20.025 -5.050  1.00 28.40 ? 85  ILE A CD1 1 
ATOM   797  N  N   . ASN A 1 106 ? -3.893  -16.213 -7.078  1.00 23.52 ? 86  ASN A N   1 
ATOM   798  C  CA  . ASN A 1 106 ? -3.337  -15.091 -7.826  1.00 24.78 ? 86  ASN A CA  1 
ATOM   799  C  C   . ASN A 1 106 ? -2.984  -13.955 -6.874  1.00 24.24 ? 86  ASN A C   1 
ATOM   800  O  O   . ASN A 1 106 ? -1.959  -13.291 -7.034  1.00 23.08 ? 86  ASN A O   1 
ATOM   801  C  CB  . ASN A 1 106 ? -4.336  -14.611 -8.880  1.00 25.56 ? 86  ASN A CB  1 
ATOM   802  C  CG  . ASN A 1 106 ? -4.645  -15.680 -9.911  1.00 28.63 ? 86  ASN A CG  1 
ATOM   803  O  OD1 . ASN A 1 106 ? -5.229  -16.715 -9.592  1.00 27.26 ? 86  ASN A OD1 1 
ATOM   804  N  ND2 . ASN A 1 106 ? -4.244  -15.437 -11.153 1.00 27.30 ? 86  ASN A ND2 1 
ATOM   805  N  N   . ILE A 1 107 ? -3.840  -13.741 -5.881  1.00 24.94 ? 87  ILE A N   1 
ATOM   806  C  CA  . ILE A 1 107 ? -3.616  -12.704 -4.884  1.00 26.15 ? 87  ILE A CA  1 
ATOM   807  C  C   . ILE A 1 107 ? -2.377  -13.063 -4.063  1.00 25.37 ? 87  ILE A C   1 
ATOM   808  O  O   . ILE A 1 107 ? -1.493  -12.233 -3.862  1.00 24.62 ? 87  ILE A O   1 
ATOM   809  C  CB  . ILE A 1 107 ? -4.829  -12.574 -3.934  1.00 28.60 ? 87  ILE A CB  1 
ATOM   810  C  CG1 . ILE A 1 107 ? -6.068  -12.134 -4.720  1.00 29.21 ? 87  ILE A CG1 1 
ATOM   811  C  CG2 . ILE A 1 107 ? -4.521  -11.583 -2.829  1.00 31.08 ? 87  ILE A CG2 1 
ATOM   812  C  CD1 . ILE A 1 107 ? -5.908  -10.806 -5.434  1.00 32.29 ? 87  ILE A CD1 1 
ATOM   813  N  N   . LEU A 1 108 ? -2.316  -14.308 -3.604  1.00 25.04 ? 88  LEU A N   1 
ATOM   814  C  CA  . LEU A 1 108 ? -1.184  -14.779 -2.812  1.00 25.45 ? 88  LEU A CA  1 
ATOM   815  C  C   . LEU A 1 108 ? 0.121   -14.661 -3.594  1.00 24.44 ? 88  LEU A C   1 
ATOM   816  O  O   . LEU A 1 108 ? 1.139   -14.243 -3.046  1.00 24.30 ? 88  LEU A O   1 
ATOM   817  C  CB  . LEU A 1 108 ? -1.389  -16.236 -2.395  1.00 27.55 ? 88  LEU A CB  1 
ATOM   818  C  CG  . LEU A 1 108 ? -2.605  -16.561 -1.527  1.00 30.46 ? 88  LEU A CG  1 
ATOM   819  C  CD1 . LEU A 1 108 ? -2.649  -18.061 -1.264  1.00 31.88 ? 88  LEU A CD1 1 
ATOM   820  C  CD2 . LEU A 1 108 ? -2.533  -15.793 -0.215  1.00 31.00 ? 88  LEU A CD2 1 
ATOM   821  N  N   . ASN A 1 109 ? 0.093   -15.036 -4.870  1.00 23.03 ? 89  ASN A N   1 
ATOM   822  C  CA  . ASN A 1 109 ? 1.296   -14.955 -5.694  1.00 23.88 ? 89  ASN A CA  1 
ATOM   823  C  C   . ASN A 1 109 ? 1.722   -13.508 -5.918  1.00 22.75 ? 89  ASN A C   1 
ATOM   824  O  O   . ASN A 1 109 ? 2.911   -13.211 -5.988  1.00 24.62 ? 89  ASN A O   1 
ATOM   825  C  CB  . ASN A 1 109 ? 1.085   -15.649 -7.043  1.00 24.76 ? 89  ASN A CB  1 
ATOM   826  C  CG  . ASN A 1 109 ? 1.126   -17.160 -6.928  1.00 27.70 ? 89  ASN A CG  1 
ATOM   827  O  OD1 . ASN A 1 109 ? 1.792   -17.706 -6.047  1.00 26.44 ? 89  ASN A OD1 1 
ATOM   828  N  ND2 . ASN A 1 109 ? 0.431   -17.845 -7.829  1.00 26.72 ? 89  ASN A ND2 1 
ATOM   829  N  N   . ALA A 1 110 ? 0.748   -12.613 -6.035  1.00 22.67 ? 90  ALA A N   1 
ATOM   830  C  CA  . ALA A 1 110 ? 1.053   -11.200 -6.224  1.00 23.83 ? 90  ALA A CA  1 
ATOM   831  C  C   . ALA A 1 110 ? 1.845   -10.722 -5.007  1.00 24.70 ? 90  ALA A C   1 
ATOM   832  O  O   . ALA A 1 110 ? 2.827   -9.985  -5.136  1.00 23.77 ? 90  ALA A O   1 
ATOM   833  C  CB  . ALA A 1 110 ? -0.236  -10.400 -6.360  1.00 24.59 ? 90  ALA A CB  1 
ATOM   834  N  N   . VAL A 1 111 ? 1.417   -11.155 -3.823  1.00 23.31 ? 91  VAL A N   1 
ATOM   835  C  CA  . VAL A 1 111 ? 2.092   -10.768 -2.588  1.00 23.71 ? 91  VAL A CA  1 
ATOM   836  C  C   . VAL A 1 111 ? 3.501   -11.347 -2.550  1.00 23.89 ? 91  VAL A C   1 
ATOM   837  O  O   . VAL A 1 111 ? 4.460   -10.638 -2.237  1.00 22.13 ? 91  VAL A O   1 
ATOM   838  C  CB  . VAL A 1 111 ? 1.323   -11.252 -1.340  1.00 26.03 ? 91  VAL A CB  1 
ATOM   839  C  CG1 . VAL A 1 111 ? 2.096   -10.885 -0.078  1.00 29.19 ? 91  VAL A CG1 1 
ATOM   840  C  CG2 . VAL A 1 111 ? -0.056  -10.625 -1.309  1.00 27.24 ? 91  VAL A CG2 1 
ATOM   841  N  N   . LYS A 1 112 ? 3.625   -12.634 -2.870  1.00 23.26 ? 92  LYS A N   1 
ATOM   842  C  CA  . LYS A 1 112 ? 4.930   -13.290 -2.874  1.00 24.29 ? 92  LYS A CA  1 
ATOM   843  C  C   . LYS A 1 112 ? 5.885   -12.562 -3.810  1.00 24.35 ? 92  LYS A C   1 
ATOM   844  O  O   . LYS A 1 112 ? 7.062   -12.386 -3.499  1.00 23.94 ? 92  LYS A O   1 
ATOM   845  C  CB  . LYS A 1 112 ? 4.809   -14.750 -3.330  1.00 26.55 ? 92  LYS A CB  1 
ATOM   846  C  CG  . LYS A 1 112 ? 4.038   -15.660 -2.392  1.00 30.59 ? 92  LYS A CG  1 
ATOM   847  C  CD  . LYS A 1 112 ? 4.005   -17.080 -2.952  1.00 33.56 ? 92  LYS A CD  1 
ATOM   848  C  CE  . LYS A 1 112 ? 3.271   -18.039 -2.031  1.00 37.48 ? 92  LYS A CE  1 
ATOM   849  N  NZ  . LYS A 1 112 ? 3.963   -18.176 -0.720  1.00 40.44 ? 92  LYS A NZ  1 
ATOM   850  N  N   . MET A 1 113 ? 5.378   -12.148 -4.965  1.00 25.54 ? 93  MET A N   1 
ATOM   851  C  CA  . MET A 1 113 ? 6.205   -11.443 -5.934  1.00 27.35 ? 93  MET A CA  1 
ATOM   852  C  C   . MET A 1 113 ? 6.642   -10.085 -5.396  1.00 26.59 ? 93  MET A C   1 
ATOM   853  O  O   . MET A 1 113 ? 7.773   -9.662  -5.622  1.00 26.29 ? 93  MET A O   1 
ATOM   854  C  CB  . MET A 1 113 ? 5.453   -11.274 -7.253  1.00 29.93 ? 93  MET A CB  1 
ATOM   855  C  CG  . MET A 1 113 ? 5.182   -12.593 -7.970  1.00 32.77 ? 93  MET A CG  1 
ATOM   856  S  SD  . MET A 1 113 ? 6.697   -13.504 -8.358  1.00 37.73 ? 93  MET A SD  1 
ATOM   857  C  CE  . MET A 1 113 ? 6.760   -14.675 -6.996  1.00 36.70 ? 93  MET A CE  1 
ATOM   858  N  N   . CYS A 1 114 ? 5.750   -9.407  -4.681  1.00 25.73 ? 94  CYS A N   1 
ATOM   859  C  CA  . CYS A 1 114 ? 6.091   -8.109  -4.110  1.00 26.09 ? 94  CYS A CA  1 
ATOM   860  C  C   . CYS A 1 114 ? 7.187   -8.286  -3.067  1.00 26.92 ? 94  CYS A C   1 
ATOM   861  O  O   . CYS A 1 114 ? 8.031   -7.410  -2.891  1.00 27.72 ? 94  CYS A O   1 
ATOM   862  C  CB  . CYS A 1 114 ? 4.867   -7.463  -3.463  1.00 25.07 ? 94  CYS A CB  1 
ATOM   863  S  SG  . CYS A 1 114 ? 3.639   -6.852  -4.641  1.00 26.66 ? 94  CYS A SG  1 
ATOM   864  N  N   . GLN A 1 115 ? 7.171   -9.426  -2.380  1.00 26.59 ? 95  GLN A N   1 
ATOM   865  C  CA  . GLN A 1 115 ? 8.171   -9.712  -1.354  1.00 27.71 ? 95  GLN A CA  1 
ATOM   866  C  C   . GLN A 1 115 ? 9.568   -9.839  -1.945  1.00 28.08 ? 95  GLN A C   1 
ATOM   867  O  O   . GLN A 1 115 ? 10.565  -9.724  -1.231  1.00 27.15 ? 95  GLN A O   1 
ATOM   868  C  CB  . GLN A 1 115 ? 7.824   -10.998 -0.605  1.00 27.62 ? 95  GLN A CB  1 
ATOM   869  C  CG  . GLN A 1 115 ? 6.677   -10.866 0.375   1.00 27.35 ? 95  GLN A CG  1 
ATOM   870  C  CD  . GLN A 1 115 ? 6.361   -12.180 1.059   1.00 29.20 ? 95  GLN A CD  1 
ATOM   871  O  OE1 . GLN A 1 115 ? 5.914   -13.129 0.418   1.00 29.71 ? 95  GLN A OE1 1 
ATOM   872  N  NE2 . GLN A 1 115 ? 6.601   -12.245 2.364   1.00 29.24 ? 95  GLN A NE2 1 
ATOM   873  N  N   . GLU A 1 116 ? 9.641   -10.082 -3.248  1.00 28.16 ? 96  GLU A N   1 
ATOM   874  C  CA  . GLU A 1 116 ? 10.931  -10.211 -3.915  1.00 28.86 ? 96  GLU A CA  1 
ATOM   875  C  C   . GLU A 1 116 ? 11.582  -8.847  -4.130  1.00 28.94 ? 96  GLU A C   1 
ATOM   876  O  O   . GLU A 1 116 ? 12.798  -8.748  -4.288  1.00 29.53 ? 96  GLU A O   1 
ATOM   877  C  CB  . GLU A 1 116 ? 10.764  -10.914 -5.263  1.00 31.19 ? 96  GLU A CB  1 
ATOM   878  C  CG  . GLU A 1 116 ? 10.624  -12.424 -5.163  1.00 34.97 ? 96  GLU A CG  1 
ATOM   879  C  CD  . GLU A 1 116 ? 10.451  -13.083 -6.518  1.00 38.44 ? 96  GLU A CD  1 
ATOM   880  O  OE1 . GLU A 1 116 ? 11.015  -12.566 -7.506  1.00 38.86 ? 96  GLU A OE1 1 
ATOM   881  O  OE2 . GLU A 1 116 ? 9.761   -14.123 -6.591  1.00 39.68 ? 96  GLU A OE2 1 
ATOM   882  N  N   . VAL A 1 117 ? 10.768  -7.798  -4.130  1.00 26.64 ? 97  VAL A N   1 
ATOM   883  C  CA  . VAL A 1 117 ? 11.269  -6.446  -4.343  1.00 24.65 ? 97  VAL A CA  1 
ATOM   884  C  C   . VAL A 1 117 ? 10.830  -5.480  -3.246  1.00 23.64 ? 97  VAL A C   1 
ATOM   885  O  O   . VAL A 1 117 ? 10.949  -4.263  -3.398  1.00 22.55 ? 97  VAL A O   1 
ATOM   886  C  CB  . VAL A 1 117 ? 10.788  -5.893  -5.700  1.00 26.90 ? 97  VAL A CB  1 
ATOM   887  C  CG1 . VAL A 1 117 ? 11.379  -6.718  -6.840  1.00 29.04 ? 97  VAL A CG1 1 
ATOM   888  C  CG2 . VAL A 1 117 ? 9.268   -5.918  -5.758  1.00 26.57 ? 97  VAL A CG2 1 
ATOM   889  N  N   . GLY A 1 118 ? 10.316  -6.016  -2.144  1.00 21.20 ? 98  GLY A N   1 
ATOM   890  C  CA  . GLY A 1 118 ? 9.883   -5.148  -1.064  1.00 19.44 ? 98  GLY A CA  1 
ATOM   891  C  C   . GLY A 1 118 ? 9.444   -5.869  0.190   1.00 19.18 ? 98  GLY A C   1 
ATOM   892  O  O   . GLY A 1 118 ? 9.537   -7.093  0.291   1.00 19.01 ? 98  GLY A O   1 
ATOM   893  N  N   . SER A 1 119 ? 8.967   -5.091  1.154   1.00 16.67 ? 99  SER A N   1 
ATOM   894  C  CA  . SER A 1 119 ? 8.495   -5.619  2.422   1.00 16.53 ? 99  SER A CA  1 
ATOM   895  C  C   . SER A 1 119 ? 6.994   -5.383  2.475   1.00 15.66 ? 99  SER A C   1 
ATOM   896  O  O   . SER A 1 119 ? 6.505   -4.402  1.924   1.00 16.66 ? 99  SER A O   1 
ATOM   897  C  CB  . SER A 1 119 ? 9.188   -4.894  3.576   1.00 18.11 ? 99  SER A CB  1 
ATOM   898  O  OG  . SER A 1 119 ? 10.585  -5.118  3.518   1.00 21.11 ? 99  SER A OG  1 
ATOM   899  N  N   . ILE A 1 120 ? 6.262   -6.277  3.130   1.00 14.81 ? 100 ILE A N   1 
ATOM   900  C  CA  . ILE A 1 120 ? 4.809   -6.143  3.200   1.00 14.19 ? 100 ILE A CA  1 
ATOM   901  C  C   . ILE A 1 120 ? 4.333   -5.539  4.521   1.00 14.51 ? 100 ILE A C   1 
ATOM   902  O  O   . ILE A 1 120 ? 4.744   -5.982  5.590   1.00 17.03 ? 100 ILE A O   1 
ATOM   903  C  CB  . ILE A 1 120 ? 4.124   -7.527  3.009   1.00 14.55 ? 100 ILE A CB  1 
ATOM   904  C  CG1 . ILE A 1 120 ? 4.589   -8.169  1.694   1.00 13.43 ? 100 ILE A CG1 1 
ATOM   905  C  CG2 . ILE A 1 120 ? 2.601   -7.369  3.027   1.00 16.03 ? 100 ILE A CG2 1 
ATOM   906  C  CD1 . ILE A 1 120 ? 4.378   -7.311  0.460   1.00 15.28 ? 100 ILE A CD1 1 
ATOM   907  N  N   . PHE A 1 121 ? 3.470   -4.525  4.436   1.00 12.11 ? 101 PHE A N   1 
ATOM   908  C  CA  . PHE A 1 121 ? 2.905   -3.881  5.623   1.00 13.27 ? 101 PHE A CA  1 
ATOM   909  C  C   . PHE A 1 121 ? 1.527   -4.485  5.884   1.00 13.88 ? 101 PHE A C   1 
ATOM   910  O  O   . PHE A 1 121 ? 1.144   -4.716  7.030   1.00 14.12 ? 101 PHE A O   1 
ATOM   911  C  CB  . PHE A 1 121 ? 2.747   -2.372  5.410   1.00 12.86 ? 101 PHE A CB  1 
ATOM   912  C  CG  . PHE A 1 121 ? 4.046   -1.611  5.412   1.00 13.22 ? 101 PHE A CG  1 
ATOM   913  C  CD1 . PHE A 1 121 ? 4.292   -0.636  4.449   1.00 12.95 ? 101 PHE A CD1 1 
ATOM   914  C  CD2 . PHE A 1 121 ? 5.010   -1.846  6.386   1.00 14.78 ? 101 PHE A CD2 1 
ATOM   915  C  CE1 . PHE A 1 121 ? 5.483   0.094   4.458   1.00 12.32 ? 101 PHE A CE1 1 
ATOM   916  C  CE2 . PHE A 1 121 ? 6.202   -1.120  6.402   1.00 16.01 ? 101 PHE A CE2 1 
ATOM   917  C  CZ  . PHE A 1 121 ? 6.436   -0.150  5.438   1.00 12.43 ? 101 PHE A CZ  1 
ATOM   918  N  N   . ALA A 1 122 ? 0.790   -4.729  4.803   1.00 13.07 ? 102 ALA A N   1 
ATOM   919  C  CA  . ALA A 1 122 ? -0.548  -5.314  4.888   1.00 12.96 ? 102 ALA A CA  1 
ATOM   920  C  C   . ALA A 1 122 ? -0.905  -6.066  3.610   1.00 12.79 ? 102 ALA A C   1 
ATOM   921  O  O   . ALA A 1 122 ? -0.422  -5.749  2.532   1.00 12.77 ? 102 ALA A O   1 
ATOM   922  C  CB  . ALA A 1 122 ? -1.584  -4.230  5.143   1.00 11.99 ? 102 ALA A CB  1 
ATOM   923  N  N   . ALA A 1 123 ? -1.765  -7.065  3.757   1.00 13.73 ? 103 ALA A N   1 
ATOM   924  C  CA  . ALA A 1 123 ? -2.233  -7.887  2.646   1.00 14.55 ? 103 ALA A CA  1 
ATOM   925  C  C   . ALA A 1 123 ? -3.543  -8.416  3.201   1.00 14.56 ? 103 ALA A C   1 
ATOM   926  O  O   . ALA A 1 123 ? -3.554  -9.380  3.965   1.00 15.41 ? 103 ALA A O   1 
ATOM   927  C  CB  . ALA A 1 123 ? -1.248  -9.024  2.388   1.00 15.40 ? 103 ALA A CB  1 
ATOM   928  N  N   . THR A 1 124 ? -4.653  -7.787  2.826   1.00 16.24 ? 104 THR A N   1 
ATOM   929  C  CA  . THR A 1 124 ? -5.928  -8.187  3.401   1.00 17.10 ? 104 THR A CA  1 
ATOM   930  C  C   . THR A 1 124 ? -7.128  -7.647  2.635   1.00 17.92 ? 104 THR A C   1 
ATOM   931  O  O   . THR A 1 124 ? -6.987  -6.827  1.733   1.00 18.35 ? 104 THR A O   1 
ATOM   932  C  CB  . THR A 1 124 ? -6.014  -7.650  4.856   1.00 17.76 ? 104 THR A CB  1 
ATOM   933  O  OG1 . THR A 1 124 ? -7.227  -8.082  5.478   1.00 17.45 ? 104 THR A OG1 1 
ATOM   934  C  CG2 . THR A 1 124 ? -5.978  -6.113  4.853   1.00 15.63 ? 104 THR A CG2 1 
ATOM   935  N  N   . ALA A 1 125 ? -8.308  -8.120  3.020   1.00 19.19 ? 105 ALA A N   1 
ATOM   936  C  CA  . ALA A 1 125 ? -9.559  -7.673  2.427   1.00 19.19 ? 105 ALA A CA  1 
ATOM   937  C  C   . ALA A 1 125 ? -10.326 -6.939  3.524   1.00 19.22 ? 105 ALA A C   1 
ATOM   938  O  O   . ALA A 1 125 ? -11.341 -6.290  3.265   1.00 20.04 ? 105 ALA A O   1 
ATOM   939  C  CB  . ALA A 1 125 ? -10.366 -8.869  1.928   1.00 21.87 ? 105 ALA A CB  1 
ATOM   940  N  N   . ASN A 1 126 ? -9.819  -7.038  4.751   1.00 18.37 ? 106 ASN A N   1 
ATOM   941  C  CA  . ASN A 1 126 ? -10.435 -6.403  5.920   1.00 20.01 ? 106 ASN A CA  1 
ATOM   942  C  C   . ASN A 1 126 ? -10.244 -4.894  5.950   1.00 20.35 ? 106 ASN A C   1 
ATOM   943  O  O   . ASN A 1 126 ? -9.346  -4.356  5.293   1.00 19.12 ? 106 ASN A O   1 
ATOM   944  C  CB  . ASN A 1 126 ? -9.810  -6.930  7.216   1.00 21.32 ? 106 ASN A CB  1 
ATOM   945  C  CG  . ASN A 1 126 ? -9.999  -8.410  7.410   1.00 23.92 ? 106 ASN A CG  1 
ATOM   946  O  OD1 . ASN A 1 126 ? -9.145  -9.076  7.998   1.00 24.80 ? 106 ASN A OD1 1 
ATOM   947  N  ND2 . ASN A 1 126 ? -11.122 -8.937  6.941   1.00 19.31 ? 106 ASN A ND2 1 
ATOM   948  N  N   . PRO A 1 127 ? -11.088 -4.189  6.722   1.00 19.64 ? 107 PRO A N   1 
ATOM   949  C  CA  . PRO A 1 127 ? -10.950 -2.737  6.821   1.00 19.44 ? 107 PRO A CA  1 
ATOM   950  C  C   . PRO A 1 127 ? -9.521  -2.561  7.320   1.00 20.42 ? 107 PRO A C   1 
ATOM   951  O  O   . PRO A 1 127 ? -9.059  -3.334  8.167   1.00 18.15 ? 107 PRO A O   1 
ATOM   952  C  CB  . PRO A 1 127 ? -11.987 -2.371  7.873   1.00 20.40 ? 107 PRO A CB  1 
ATOM   953  C  CG  . PRO A 1 127 ? -13.074 -3.357  7.596   1.00 20.07 ? 107 PRO A CG  1 
ATOM   954  C  CD  . PRO A 1 127 ? -12.302 -4.649  7.423   1.00 20.95 ? 107 PRO A CD  1 
ATOM   955  N  N   . LEU A 1 128 ? -8.824  -1.557  6.812   1.00 18.50 ? 108 LEU A N   1 
ATOM   956  C  CA  . LEU A 1 128 ? -7.428  -1.378  7.181   1.00 18.68 ? 108 LEU A CA  1 
ATOM   957  C  C   . LEU A 1 128 ? -7.023  0.050   7.493   1.00 18.77 ? 108 LEU A C   1 
ATOM   958  O  O   . LEU A 1 128 ? -7.387  0.984   6.782   1.00 18.29 ? 108 LEU A O   1 
ATOM   959  C  CB  . LEU A 1 128 ? -6.561  -1.910  6.041   1.00 18.27 ? 108 LEU A CB  1 
ATOM   960  C  CG  . LEU A 1 128 ? -5.045  -1.766  6.136   1.00 18.20 ? 108 LEU A CG  1 
ATOM   961  C  CD1 . LEU A 1 128 ? -4.512  -2.714  7.195   1.00 16.04 ? 108 LEU A CD1 1 
ATOM   962  C  CD2 . LEU A 1 128 ? -4.428  -2.065  4.779   1.00 16.55 ? 108 LEU A CD2 1 
ATOM   963  N  N   . GLN A 1 129 ? -6.241  0.194   8.555   1.00 17.68 ? 109 GLN A N   1 
ATOM   964  C  CA  . GLN A 1 129 ? -5.740  1.485   8.997   1.00 19.19 ? 109 GLN A CA  1 
ATOM   965  C  C   . GLN A 1 129 ? -4.212  1.412   9.016   1.00 18.28 ? 109 GLN A C   1 
ATOM   966  O  O   . GLN A 1 129 ? -3.635  0.428   9.476   1.00 18.50 ? 109 GLN A O   1 
ATOM   967  C  CB  . GLN A 1 129 ? -6.293  1.779   10.392  1.00 21.76 ? 109 GLN A CB  1 
ATOM   968  C  CG  . GLN A 1 129 ? -5.953  3.129   10.968  1.00 28.69 ? 109 GLN A CG  1 
ATOM   969  C  CD  . GLN A 1 129 ? -6.940  3.539   12.051  1.00 30.25 ? 109 GLN A CD  1 
ATOM   970  O  OE1 . GLN A 1 129 ? -7.472  2.698   12.773  1.00 29.90 ? 109 GLN A OE1 1 
ATOM   971  N  NE2 . GLN A 1 129 ? -7.185  4.838   12.167  1.00 36.10 ? 109 GLN A NE2 1 
ATOM   972  N  N   . ILE A 1 130 ? -3.558  2.444   8.496   1.00 16.54 ? 110 ILE A N   1 
ATOM   973  C  CA  . ILE A 1 130 ? -2.105  2.473   8.467   1.00 16.86 ? 110 ILE A CA  1 
ATOM   974  C  C   . ILE A 1 130 ? -1.634  3.448   9.532   1.00 17.99 ? 110 ILE A C   1 
ATOM   975  O  O   . ILE A 1 130 ? -2.089  4.591   9.581   1.00 19.06 ? 110 ILE A O   1 
ATOM   976  C  CB  . ILE A 1 130 ? -1.565  2.941   7.086   1.00 15.25 ? 110 ILE A CB  1 
ATOM   977  C  CG1 . ILE A 1 130 ? -2.189  2.106   5.959   1.00 15.92 ? 110 ILE A CG1 1 
ATOM   978  C  CG2 . ILE A 1 130 ? -0.040  2.823   7.052   1.00 14.52 ? 110 ILE A CG2 1 
ATOM   979  C  CD1 . ILE A 1 130 ? -1.843  0.625   6.002   1.00 14.86 ? 110 ILE A CD1 1 
ATOM   980  N  N   . ILE A 1 131 ? -0.744  2.988   10.405  1.00 17.55 ? 111 ILE A N   1 
ATOM   981  C  CA  . ILE A 1 131 ? -0.216  3.851   11.446  1.00 17.09 ? 111 ILE A CA  1 
ATOM   982  C  C   . ILE A 1 131 ? 1.009   4.532   10.855  1.00 18.02 ? 111 ILE A C   1 
ATOM   983  O  O   . ILE A 1 131 ? 1.961   3.874   10.427  1.00 16.25 ? 111 ILE A O   1 
ATOM   984  C  CB  . ILE A 1 131 ? 0.165   3.045   12.708  1.00 18.01 ? 111 ILE A CB  1 
ATOM   985  C  CG1 . ILE A 1 131 ? -1.048  2.240   13.189  1.00 15.46 ? 111 ILE A CG1 1 
ATOM   986  C  CG2 . ILE A 1 131 ? 0.635   3.980   13.804  1.00 19.77 ? 111 ILE A CG2 1 
ATOM   987  C  CD1 . ILE A 1 131 ? -2.324  3.061   13.330  1.00 20.24 ? 111 ILE A CD1 1 
ATOM   988  N  N   . VAL A 1 132 ? 0.972   5.857   10.824  1.00 18.82 ? 112 VAL A N   1 
ATOM   989  C  CA  . VAL A 1 132 ? 2.053   6.632   10.246  1.00 21.04 ? 112 VAL A CA  1 
ATOM   990  C  C   . VAL A 1 132 ? 2.697   7.588   11.237  1.00 21.87 ? 112 VAL A C   1 
ATOM   991  O  O   . VAL A 1 132 ? 2.059   8.065   12.180  1.00 22.76 ? 112 VAL A O   1 
ATOM   992  C  CB  . VAL A 1 132 ? 1.535   7.445   9.035   1.00 22.99 ? 112 VAL A CB  1 
ATOM   993  C  CG1 . VAL A 1 132 ? 2.658   8.249   8.423   1.00 24.51 ? 112 VAL A CG1 1 
ATOM   994  C  CG2 . VAL A 1 132 ? 0.933   6.505   7.998   1.00 23.44 ? 112 VAL A CG2 1 
ATOM   995  N  N   . TYR A 1 133 ? 3.981   7.844   11.018  1.00 21.34 ? 113 TYR A N   1 
ATOM   996  C  CA  . TYR A 1 133 ? 4.744   8.762   11.844  1.00 20.77 ? 113 TYR A CA  1 
ATOM   997  C  C   . TYR A 1 133 ? 5.101   9.930   10.935  1.00 20.87 ? 113 TYR A C   1 
ATOM   998  O  O   . TYR A 1 133 ? 5.604   9.732   9.829   1.00 17.49 ? 113 TYR A O   1 
ATOM   999  C  CB  . TYR A 1 133 ? 6.025   8.102   12.342  1.00 23.47 ? 113 TYR A CB  1 
ATOM   1000 C  CG  . TYR A 1 133 ? 6.894   9.019   13.171  1.00 26.50 ? 113 TYR A CG  1 
ATOM   1001 C  CD1 . TYR A 1 133 ? 6.849   8.986   14.561  1.00 29.45 ? 113 TYR A CD1 1 
ATOM   1002 C  CD2 . TYR A 1 133 ? 7.750   9.935   12.561  1.00 27.45 ? 113 TYR A CD2 1 
ATOM   1003 C  CE1 . TYR A 1 133 ? 7.640   9.844   15.328  1.00 31.85 ? 113 TYR A CE1 1 
ATOM   1004 C  CE2 . TYR A 1 133 ? 8.540   10.798  13.314  1.00 31.39 ? 113 TYR A CE2 1 
ATOM   1005 C  CZ  . TYR A 1 133 ? 8.479   10.745  14.695  1.00 30.76 ? 113 TYR A CZ  1 
ATOM   1006 O  OH  . TYR A 1 133 ? 9.253   11.599  15.440  1.00 35.52 ? 113 TYR A OH  1 
ATOM   1007 N  N   . LYS A 1 134 ? 4.835   11.145  11.395  1.00 20.59 ? 114 LYS A N   1 
ATOM   1008 C  CA  . LYS A 1 134 ? 5.144   12.322  10.600  1.00 25.42 ? 114 LYS A CA  1 
ATOM   1009 C  C   . LYS A 1 134 ? 6.537   12.828  10.955  1.00 25.72 ? 114 LYS A C   1 
ATOM   1010 O  O   . LYS A 1 134 ? 6.796   13.226  12.093  1.00 23.92 ? 114 LYS A O   1 
ATOM   1011 C  CB  . LYS A 1 134 ? 4.102   13.413  10.847  1.00 26.38 ? 114 LYS A CB  1 
ATOM   1012 C  CG  . LYS A 1 134 ? 4.264   14.635  9.963   1.00 32.11 ? 114 LYS A CG  1 
ATOM   1013 C  CD  . LYS A 1 134 ? 3.153   15.634  10.223  1.00 36.10 ? 114 LYS A CD  1 
ATOM   1014 C  CE  . LYS A 1 134 ? 3.326   16.888  9.384   1.00 38.98 ? 114 LYS A CE  1 
ATOM   1015 N  NZ  . LYS A 1 134 ? 2.237   17.867  9.655   1.00 42.74 ? 114 LYS A NZ  1 
ATOM   1016 N  N   . GLY A 1 135 ? 7.437   12.788  9.978   1.00 26.76 ? 115 GLY A N   1 
ATOM   1017 C  CA  . GLY A 1 135 ? 8.797   13.241  10.206  1.00 29.96 ? 115 GLY A CA  1 
ATOM   1018 C  C   . GLY A 1 135 ? 9.093   14.542  9.488   1.00 30.67 ? 115 GLY A C   1 
ATOM   1019 O  O   . GLY A 1 135 ? 8.181   15.255  9.076   1.00 31.03 ? 115 GLY A O   1 
ATOM   1020 N  N   . GLU A 1 136 ? 10.374  14.846  9.329   1.00 33.28 ? 116 GLU A N   1 
ATOM   1021 C  CA  . GLU A 1 136 ? 10.790  16.073  8.657   1.00 35.58 ? 116 GLU A CA  1 
ATOM   1022 C  C   . GLU A 1 136 ? 10.489  16.108  7.169   1.00 34.14 ? 116 GLU A C   1 
ATOM   1023 O  O   . GLU A 1 136 ? 9.697   16.923  6.704   1.00 35.34 ? 116 GLU A O   1 
ATOM   1024 C  CB  . GLU A 1 136 ? 12.290  16.298  8.847   1.00 38.37 ? 116 GLU A CB  1 
ATOM   1025 C  CG  . GLU A 1 136 ? 12.620  17.204  9.997   1.00 41.73 ? 116 GLU A CG  1 
ATOM   1026 C  CD  . GLU A 1 136 ? 11.873  18.522  9.926   1.00 43.60 ? 116 GLU A CD  1 
ATOM   1027 O  OE1 . GLU A 1 136 ? 12.003  19.245  8.912   1.00 42.85 ? 116 GLU A OE1 1 
ATOM   1028 O  OE2 . GLU A 1 136 ? 11.153  18.836  10.893  1.00 43.23 ? 116 GLU A OE2 1 
ATOM   1029 N  N   . ARG A 1 137 ? 11.137  15.215  6.430   1.00 33.10 ? 117 ARG A N   1 
ATOM   1030 C  CA  . ARG A 1 137 ? 10.983  15.147  4.983   1.00 29.89 ? 117 ARG A CA  1 
ATOM   1031 C  C   . ARG A 1 137 ? 9.665   14.526  4.543   1.00 25.50 ? 117 ARG A C   1 
ATOM   1032 O  O   . ARG A 1 137 ? 9.183   14.784  3.443   1.00 22.88 ? 117 ARG A O   1 
ATOM   1033 C  CB  . ARG A 1 137 ? 12.145  14.353  4.384   1.00 31.92 ? 117 ARG A CB  1 
ATOM   1034 C  CG  . ARG A 1 137 ? 13.522  14.837  4.817   1.00 36.78 ? 117 ARG A CG  1 
ATOM   1035 C  CD  . ARG A 1 137 ? 14.605  13.927  4.262   1.00 40.55 ? 117 ARG A CD  1 
ATOM   1036 N  NE  . ARG A 1 137 ? 15.891  14.095  4.939   1.00 46.11 ? 117 ARG A NE  1 
ATOM   1037 C  CZ  . ARG A 1 137 ? 16.667  15.168  4.837   1.00 48.24 ? 117 ARG A CZ  1 
ATOM   1038 N  NH1 . ARG A 1 137 ? 16.295  16.191  4.080   1.00 51.15 ? 117 ARG A NH1 1 
ATOM   1039 N  NH2 . ARG A 1 137 ? 17.821  15.218  5.489   1.00 49.94 ? 117 ARG A NH2 1 
ATOM   1040 N  N   . GLY A 1 138 ? 9.087   13.700  5.403   1.00 23.61 ? 118 GLY A N   1 
ATOM   1041 C  CA  . GLY A 1 138 ? 7.837   13.050  5.063   1.00 22.55 ? 118 GLY A CA  1 
ATOM   1042 C  C   . GLY A 1 138 ? 7.440   12.071  6.145   1.00 20.87 ? 118 GLY A C   1 
ATOM   1043 O  O   . GLY A 1 138 ? 7.930   12.152  7.270   1.00 20.14 ? 118 GLY A O   1 
ATOM   1044 N  N   . ASN A 1 139 ? 6.559   11.136  5.809   1.00 19.68 ? 119 ASN A N   1 
ATOM   1045 C  CA  . ASN A 1 139 ? 6.107   10.166  6.791   1.00 17.56 ? 119 ASN A CA  1 
ATOM   1046 C  C   . ASN A 1 139 ? 6.794   8.809   6.690   1.00 15.87 ? 119 ASN A C   1 
ATOM   1047 O  O   . ASN A 1 139 ? 7.531   8.523   5.748   1.00 15.19 ? 119 ASN A O   1 
ATOM   1048 C  CB  . ASN A 1 139 ? 4.591   9.967   6.684   1.00 17.79 ? 119 ASN A CB  1 
ATOM   1049 C  CG  . ASN A 1 139 ? 3.807   11.242  6.952   1.00 22.14 ? 119 ASN A CG  1 
ATOM   1050 O  OD1 . ASN A 1 139 ? 4.323   12.197  7.535   1.00 21.91 ? 119 ASN A OD1 1 
ATOM   1051 N  ND2 . ASN A 1 139 ? 2.546   11.254  6.539   1.00 20.33 ? 119 ASN A ND2 1 
ATOM   1052 N  N   . GLY A 1 140 ? 6.534   7.984   7.695   1.00 15.97 ? 120 GLY A N   1 
ATOM   1053 C  CA  . GLY A 1 140 ? 7.082   6.645   7.754   1.00 14.37 ? 120 GLY A CA  1 
ATOM   1054 C  C   . GLY A 1 140 ? 5.985   5.727   8.245   1.00 14.41 ? 120 GLY A C   1 
ATOM   1055 O  O   . GLY A 1 140 ? 5.224   6.091   9.143   1.00 14.74 ? 120 GLY A O   1 
ATOM   1056 N  N   . VAL A 1 141 ? 5.885   4.542   7.653   1.00 13.64 ? 121 VAL A N   1 
ATOM   1057 C  CA  . VAL A 1 141 ? 4.863   3.580   8.049   1.00 12.64 ? 121 VAL A CA  1 
ATOM   1058 C  C   . VAL A 1 141 ? 5.345   2.753   9.238   1.00 12.60 ? 121 VAL A C   1 
ATOM   1059 O  O   . VAL A 1 141 ? 6.369   2.074   9.153   1.00 14.47 ? 121 VAL A O   1 
ATOM   1060 C  CB  . VAL A 1 141 ? 4.520   2.643   6.875   1.00 13.70 ? 121 VAL A CB  1 
ATOM   1061 C  CG1 . VAL A 1 141 ? 3.511   1.596   7.316   1.00 11.82 ? 121 VAL A CG1 1 
ATOM   1062 C  CG2 . VAL A 1 141 ? 3.966   3.466   5.714   1.00 13.21 ? 121 VAL A CG2 1 
ATOM   1063 N  N   . LEU A 1 142 ? 4.596   2.806   10.338  1.00 13.29 ? 122 LEU A N   1 
ATOM   1064 C  CA  . LEU A 1 142 ? 4.964   2.086   11.554  1.00 14.51 ? 122 LEU A CA  1 
ATOM   1065 C  C   . LEU A 1 142 ? 4.244   0.759   11.748  1.00 13.40 ? 122 LEU A C   1 
ATOM   1066 O  O   . LEU A 1 142 ? 4.669   -0.063  12.550  1.00 13.35 ? 122 LEU A O   1 
ATOM   1067 C  CB  . LEU A 1 142 ? 4.698   2.958   12.786  1.00 14.94 ? 122 LEU A CB  1 
ATOM   1068 C  CG  . LEU A 1 142 ? 5.271   4.378   12.811  1.00 14.79 ? 122 LEU A CG  1 
ATOM   1069 C  CD1 . LEU A 1 142 ? 5.062   4.948   14.212  1.00 17.50 ? 122 LEU A CD1 1 
ATOM   1070 C  CD2 . LEU A 1 142 ? 6.753   4.372   12.458  1.00 14.05 ? 122 LEU A CD2 1 
ATOM   1071 N  N   . GLY A 1 143 ? 3.138   0.558   11.040  1.00 14.49 ? 123 GLY A N   1 
ATOM   1072 C  CA  . GLY A 1 143 ? 2.402   -0.682  11.197  1.00 14.11 ? 123 GLY A CA  1 
ATOM   1073 C  C   . GLY A 1 143 ? 0.989   -0.517  10.692  1.00 14.31 ? 123 GLY A C   1 
ATOM   1074 O  O   . GLY A 1 143 ? 0.645   0.523   10.138  1.00 14.23 ? 123 GLY A O   1 
ATOM   1075 N  N   . VAL A 1 144 ? 0.167   -1.538  10.881  1.00 13.71 ? 124 VAL A N   1 
ATOM   1076 C  CA  . VAL A 1 144 ? -1.203  -1.478  10.404  1.00 13.59 ? 124 VAL A CA  1 
ATOM   1077 C  C   . VAL A 1 144 ? -2.182  -2.112  11.378  1.00 13.77 ? 124 VAL A C   1 
ATOM   1078 O  O   . VAL A 1 144 ? -1.796  -2.900  12.240  1.00 16.01 ? 124 VAL A O   1 
ATOM   1079 C  CB  . VAL A 1 144 ? -1.348  -2.214  9.045   1.00 14.30 ? 124 VAL A CB  1 
ATOM   1080 C  CG1 . VAL A 1 144 ? -0.263  -1.759  8.076   1.00 14.55 ? 124 VAL A CG1 1 
ATOM   1081 C  CG2 . VAL A 1 144 ? -1.266  -3.720  9.255   1.00 11.93 ? 124 VAL A CG2 1 
ATOM   1082 N  N   . ILE A 1 145 ? -3.452  -1.737  11.239  1.00 14.08 ? 125 ILE A N   1 
ATOM   1083 C  CA  . ILE A 1 145 ? -4.527  -2.313  12.038  1.00 15.16 ? 125 ILE A CA  1 
ATOM   1084 C  C   . ILE A 1 145 ? -5.329  -3.070  10.993  1.00 14.05 ? 125 ILE A C   1 
ATOM   1085 O  O   . ILE A 1 145 ? -6.108  -2.470  10.245  1.00 13.60 ? 125 ILE A O   1 
ATOM   1086 C  CB  . ILE A 1 145 ? -5.451  -1.255  12.660  1.00 16.38 ? 125 ILE A CB  1 
ATOM   1087 C  CG1 . ILE A 1 145 ? -4.636  -0.185  13.385  1.00 18.09 ? 125 ILE A CG1 1 
ATOM   1088 C  CG2 . ILE A 1 145 ? -6.413  -1.942  13.637  1.00 17.34 ? 125 ILE A CG2 1 
ATOM   1089 C  CD1 . ILE A 1 145 ? -3.951  -0.668  14.628  1.00 25.05 ? 125 ILE A CD1 1 
ATOM   1090 N  N   . ASP A 1 146 ? -5.114  -4.379  10.932  1.00 14.68 ? 126 ASP A N   1 
ATOM   1091 C  CA  . ASP A 1 146 ? -5.780  -5.233  9.961   1.00 15.62 ? 126 ASP A CA  1 
ATOM   1092 C  C   . ASP A 1 146 ? -6.971  -5.917  10.623  1.00 15.84 ? 126 ASP A C   1 
ATOM   1093 O  O   . ASP A 1 146 ? -6.805  -6.836  11.415  1.00 14.41 ? 126 ASP A O   1 
ATOM   1094 C  CB  . ASP A 1 146 ? -4.789  -6.284  9.447   1.00 16.49 ? 126 ASP A CB  1 
ATOM   1095 C  CG  . ASP A 1 146 ? -5.363  -7.150  8.338   1.00 17.62 ? 126 ASP A CG  1 
ATOM   1096 O  OD1 . ASP A 1 146 ? -6.597  -7.129  8.121   1.00 18.44 ? 126 ASP A OD1 1 
ATOM   1097 O  OD2 . ASP A 1 146 ? -4.569  -7.866  7.688   1.00 16.41 ? 126 ASP A OD2 1 
ATOM   1098 N  N   . GLY A 1 147 ? -8.172  -5.460  10.300  1.00 17.00 ? 127 GLY A N   1 
ATOM   1099 C  CA  . GLY A 1 147 ? -9.343  -6.066  10.898  1.00 18.29 ? 127 GLY A CA  1 
ATOM   1100 C  C   . GLY A 1 147 ? -9.463  -5.751  12.376  1.00 18.91 ? 127 GLY A C   1 
ATOM   1101 O  O   . GLY A 1 147 ? -8.980  -4.717  12.847  1.00 19.03 ? 127 GLY A O   1 
ATOM   1102 N  N   . TYR A 1 148 ? -10.066 -6.675  13.118  1.00 17.78 ? 128 TYR A N   1 
ATOM   1103 C  CA  . TYR A 1 148 ? -10.311 -6.478  14.542  1.00 18.76 ? 128 TYR A CA  1 
ATOM   1104 C  C   . TYR A 1 148 ? -9.506  -7.318  15.519  1.00 17.86 ? 128 TYR A C   1 
ATOM   1105 O  O   . TYR A 1 148 ? -8.850  -8.286  15.149  1.00 18.27 ? 128 TYR A O   1 
ATOM   1106 C  CB  . TYR A 1 148 ? -11.788 -6.745  14.850  1.00 21.60 ? 128 TYR A CB  1 
ATOM   1107 C  CG  . TYR A 1 148 ? -12.758 -6.017  13.958  1.00 26.43 ? 128 TYR A CG  1 
ATOM   1108 C  CD1 . TYR A 1 148 ? -12.935 -6.396  12.627  1.00 27.87 ? 128 TYR A CD1 1 
ATOM   1109 C  CD2 . TYR A 1 148 ? -13.490 -4.934  14.441  1.00 28.86 ? 128 TYR A CD2 1 
ATOM   1110 C  CE1 . TYR A 1 148 ? -13.818 -5.711  11.798  1.00 30.64 ? 128 TYR A CE1 1 
ATOM   1111 C  CE2 . TYR A 1 148 ? -14.372 -4.244  13.621  1.00 31.56 ? 128 TYR A CE2 1 
ATOM   1112 C  CZ  . TYR A 1 148 ? -14.530 -4.635  12.302  1.00 31.57 ? 128 TYR A CZ  1 
ATOM   1113 O  OH  . TYR A 1 148 ? -15.392 -3.940  11.485  1.00 35.04 ? 128 TYR A OH  1 
ATOM   1114 N  N   . SER A 1 149 ? -9.605  -6.929  16.786  1.00 17.39 ? 129 SER A N   1 
ATOM   1115 C  CA  . SER A 1 149 ? -8.975  -7.638  17.886  1.00 16.47 ? 129 SER A CA  1 
ATOM   1116 C  C   . SER A 1 149 ? -9.845  -8.878  18.106  1.00 18.41 ? 129 SER A C   1 
ATOM   1117 O  O   . SER A 1 149 ? -11.029 -8.887  17.745  1.00 16.98 ? 129 SER A O   1 
ATOM   1118 C  CB  . SER A 1 149 ? -8.987  -6.761  19.137  1.00 20.19 ? 129 SER A CB  1 
ATOM   1119 O  OG  . SER A 1 149 ? -10.292 -6.264  19.371  1.00 25.36 ? 129 SER A OG  1 
ATOM   1120 N  N   . PRO A 1 150 ? -9.275  -9.943  18.690  1.00 17.23 ? 130 PRO A N   1 
ATOM   1121 C  CA  . PRO A 1 150 ? -10.047 -11.165 18.932  1.00 18.52 ? 130 PRO A CA  1 
ATOM   1122 C  C   . PRO A 1 150 ? -11.057 -10.982 20.070  1.00 19.64 ? 130 PRO A C   1 
ATOM   1123 O  O   . PRO A 1 150 ? -10.827 -10.194 20.990  1.00 20.12 ? 130 PRO A O   1 
ATOM   1124 C  CB  . PRO A 1 150 ? -8.967  -12.191 19.258  1.00 16.66 ? 130 PRO A CB  1 
ATOM   1125 C  CG  . PRO A 1 150 ? -7.932  -11.364 19.961  1.00 17.03 ? 130 PRO A CG  1 
ATOM   1126 C  CD  . PRO A 1 150 ? -7.875  -10.103 19.127  1.00 18.23 ? 130 PRO A CD  1 
ATOM   1127 N  N   . VAL A 1 151 ? -12.168 -11.709 20.003  1.00 20.28 ? 131 VAL A N   1 
ATOM   1128 C  CA  . VAL A 1 151 ? -13.212 -11.599 21.019  1.00 20.52 ? 131 VAL A CA  1 
ATOM   1129 C  C   . VAL A 1 151 ? -13.295 -12.814 21.933  1.00 22.67 ? 131 VAL A C   1 
ATOM   1130 O  O   . VAL A 1 151 ? -14.107 -12.847 22.858  1.00 21.65 ? 131 VAL A O   1 
ATOM   1131 C  CB  . VAL A 1 151 ? -14.596 -11.385 20.374  1.00 21.19 ? 131 VAL A CB  1 
ATOM   1132 C  CG1 . VAL A 1 151 ? -14.584 -10.129 19.520  1.00 20.76 ? 131 VAL A CG1 1 
ATOM   1133 C  CG2 . VAL A 1 151 ? -14.975 -12.598 19.542  1.00 21.14 ? 131 VAL A CG2 1 
ATOM   1134 N  N   . GLY A 1 152 ? -12.457 -13.810 21.671  1.00 20.72 ? 132 GLY A N   1 
ATOM   1135 C  CA  . GLY A 1 152 ? -12.452 -15.010 22.485  1.00 22.01 ? 132 GLY A CA  1 
ATOM   1136 C  C   . GLY A 1 152 ? -11.459 -16.027 21.963  1.00 21.81 ? 132 GLY A C   1 
ATOM   1137 O  O   . GLY A 1 152 ? -10.659 -15.724 21.074  1.00 19.61 ? 132 GLY A O   1 
ATOM   1138 N  N   . VAL A 1 153 ? -11.509 -17.232 22.522  1.00 22.65 ? 133 VAL A N   1 
ATOM   1139 C  CA  . VAL A 1 153 ? -10.623 -18.320 22.116  1.00 22.61 ? 133 VAL A CA  1 
ATOM   1140 C  C   . VAL A 1 153 ? -11.484 -19.468 21.608  1.00 24.52 ? 133 VAL A C   1 
ATOM   1141 O  O   . VAL A 1 153 ? -12.499 -19.805 22.223  1.00 24.05 ? 133 VAL A O   1 
ATOM   1142 C  CB  . VAL A 1 153 ? -9.771  -18.830 23.304  1.00 23.02 ? 133 VAL A CB  1 
ATOM   1143 C  CG1 . VAL A 1 153 ? -8.838  -19.939 22.839  1.00 22.88 ? 133 VAL A CG1 1 
ATOM   1144 C  CG2 . VAL A 1 153 ? -8.978  -17.685 23.909  1.00 24.91 ? 133 VAL A CG2 1 
ATOM   1145 N  N   . GLU A 1 154 ? -11.084 -20.071 20.493  1.00 24.00 ? 134 GLU A N   1 
ATOM   1146 C  CA  . GLU A 1 154 ? -11.847 -21.174 19.923  1.00 26.63 ? 134 GLU A CA  1 
ATOM   1147 C  C   . GLU A 1 154 ? -11.942 -22.349 20.895  1.00 29.32 ? 134 GLU A C   1 
ATOM   1148 O  O   . GLU A 1 154 ? -11.061 -22.554 21.730  1.00 28.75 ? 134 GLU A O   1 
ATOM   1149 C  CB  . GLU A 1 154 ? -11.216 -21.638 18.609  1.00 25.18 ? 134 GLU A CB  1 
ATOM   1150 C  CG  . GLU A 1 154 ? -9.934  -22.433 18.771  1.00 24.19 ? 134 GLU A CG  1 
ATOM   1151 C  CD  . GLU A 1 154 ? -9.372  -22.891 17.443  1.00 23.42 ? 134 GLU A CD  1 
ATOM   1152 O  OE1 . GLU A 1 154 ? -10.163 -23.073 16.493  1.00 24.34 ? 134 GLU A OE1 1 
ATOM   1153 O  OE2 . GLU A 1 154 ? -8.145  -23.081 17.349  1.00 21.94 ? 134 GLU A OE2 1 
ATOM   1154 N  N   . SER A 1 155 ? -13.022 -23.117 20.780  1.00 33.28 ? 135 SER A N   1 
ATOM   1155 C  CA  . SER A 1 155 ? -13.242 -24.270 21.644  1.00 38.48 ? 135 SER A CA  1 
ATOM   1156 C  C   . SER A 1 155 ? -12.712 -25.538 20.986  1.00 40.79 ? 135 SER A C   1 
ATOM   1157 O  O   . SER A 1 155 ? -13.518 -26.475 20.800  1.00 43.64 ? 135 SER A O   1 
ATOM   1158 C  CB  . SER A 1 155 ? -14.738 -24.434 21.937  1.00 39.44 ? 135 SER A CB  1 
ATOM   1159 O  OG  . SER A 1 155 ? -15.275 -23.269 22.539  1.00 42.30 ? 135 SER A OG  1 
HETATM 1160 NA NA  . NA  B 2 .   ? 6.732   -1.076  12.321  0.33 56.83 ? 522 NA  A NA  1 
HETATM 1161 O  O   . HOH C 3 .   ? 13.682  11.095  5.132   1.00 29.04 ? 523 HOH A O   1 
HETATM 1162 O  O   . HOH C 3 .   ? 5.054   -3.084  9.654   1.00 19.01 ? 524 HOH A O   1 
HETATM 1163 O  O   . HOH C 3 .   ? 6.918   9.855   -1.652  1.00 18.13 ? 525 HOH A O   1 
HETATM 1164 O  O   . HOH C 3 .   ? 8.767   9.994   3.445   1.00 14.16 ? 526 HOH A O   1 
HETATM 1165 O  O   . HOH C 3 .   ? 4.309   10.269  -15.803 1.00 22.28 ? 527 HOH A O   1 
HETATM 1166 O  O   . HOH C 3 .   ? 7.410   -8.444  4.383   1.00 21.90 ? 528 HOH A O   1 
HETATM 1167 O  O   . HOH C 3 .   ? 9.930   -11.817 -14.759 1.00 67.57 ? 529 HOH A O   1 
HETATM 1168 O  O   . HOH C 3 .   ? 2.921   7.442   0.451   1.00 16.42 ? 530 HOH A O   1 
HETATM 1169 O  O   . HOH C 3 .   ? -3.815  11.050  9.099   1.00 65.68 ? 531 HOH A O   1 
HETATM 1170 O  O   . HOH C 3 .   ? 7.307   5.614   -12.106 1.00 14.41 ? 532 HOH A O   1 
HETATM 1171 O  O   . HOH C 3 .   ? 9.146   6.337   4.226   1.00 15.21 ? 533 HOH A O   1 
HETATM 1172 O  O   . HOH C 3 .   ? 19.919  15.823  1.744   1.00 67.52 ? 534 HOH A O   1 
HETATM 1173 O  O   . HOH C 3 .   ? 7.706   16.978  -9.385  1.00 27.22 ? 535 HOH A O   1 
HETATM 1174 O  O   . HOH C 3 .   ? 8.683   17.149  2.534   1.00 39.90 ? 536 HOH A O   1 
HETATM 1175 O  O   . HOH C 3 .   ? 2.687   -4.619  9.329   1.00 18.45 ? 537 HOH A O   1 
HETATM 1176 O  O   . HOH C 3 .   ? 4.385   -6.618  8.365   1.00 23.39 ? 538 HOH A O   1 
HETATM 1177 O  O   . HOH C 3 .   ? 6.576   -0.802  9.883   1.00 11.61 ? 539 HOH A O   1 
HETATM 1178 O  O   . HOH C 3 .   ? 6.298   17.410  -11.633 1.00 33.68 ? 540 HOH A O   1 
HETATM 1179 O  O   . HOH C 3 .   ? -1.302  7.034   12.032  1.00 26.23 ? 541 HOH A O   1 
HETATM 1180 O  O   . HOH C 3 .   ? 16.493  13.348  -6.368  1.00 53.54 ? 542 HOH A O   1 
HETATM 1181 O  O   . HOH C 3 .   ? -12.902 1.345   2.243   1.00 32.05 ? 543 HOH A O   1 
HETATM 1182 O  O   . HOH C 3 .   ? -12.644 -0.810  4.241   1.00 28.09 ? 544 HOH A O   1 
HETATM 1183 O  O   . HOH C 3 .   ? -7.667  -14.472 -10.910 1.00 31.83 ? 545 HOH A O   1 
HETATM 1184 O  O   . HOH C 3 .   ? 3.469   -14.060 1.155   1.00 24.57 ? 546 HOH A O   1 
HETATM 1185 O  O   . HOH C 3 .   ? -10.280 0.362   5.398   1.00 20.39 ? 547 HOH A O   1 
HETATM 1186 O  O   . HOH C 3 .   ? 11.684  6.761   -5.617  1.00 25.07 ? 548 HOH A O   1 
HETATM 1187 O  O   . HOH C 3 .   ? -5.322  -15.090 -1.432  1.00 45.76 ? 549 HOH A O   1 
HETATM 1188 O  O   . HOH C 3 .   ? 7.745   20.015  8.795   1.00 64.80 ? 550 HOH A O   1 
HETATM 1189 O  O   . HOH C 3 .   ? 12.174  1.691   -3.628  1.00 28.56 ? 551 HOH A O   1 
HETATM 1190 O  O   . HOH C 3 .   ? 13.862  7.482   -4.311  1.00 28.14 ? 552 HOH A O   1 
HETATM 1191 O  O   . HOH C 3 .   ? -7.555  9.523   -6.173  1.00 22.78 ? 553 HOH A O   1 
HETATM 1192 O  O   . HOH C 3 .   ? 8.980   7.031   -10.152 1.00 31.21 ? 554 HOH A O   1 
HETATM 1193 O  O   . HOH C 3 .   ? 6.117   17.691  20.405  1.00 63.57 ? 555 HOH A O   1 
HETATM 1194 O  O   . HOH C 3 .   ? 0.732   12.897  0.570   1.00 34.00 ? 556 HOH A O   1 
HETATM 1195 O  O   . HOH C 3 .   ? 12.230  11.502  -10.363 1.00 42.33 ? 557 HOH A O   1 
HETATM 1196 O  O   . HOH C 3 .   ? -12.002 1.408   -15.500 1.00 34.81 ? 558 HOH A O   1 
HETATM 1197 O  O   . HOH C 3 .   ? 1.182   -15.063 -0.036  1.00 35.09 ? 559 HOH A O   1 
HETATM 1198 O  O   . HOH C 3 .   ? -10.876 1.392   7.865   1.00 34.46 ? 560 HOH A O   1 
HETATM 1199 O  O   . HOH C 3 .   ? -12.534 -5.979  0.707   1.00 29.43 ? 561 HOH A O   1 
HETATM 1200 O  O   . HOH C 3 .   ? 1.515   -4.044  11.765  1.00 15.01 ? 562 HOH A O   1 
HETATM 1201 O  O   . HOH C 3 .   ? -13.985 -8.492  0.744   1.00 42.39 ? 563 HOH A O   1 
HETATM 1202 O  O   . HOH C 3 .   ? -10.664 -11.068 5.399   1.00 41.49 ? 564 HOH A O   1 
HETATM 1203 O  O   . HOH C 3 .   ? -2.277  14.682  13.918  1.00 66.46 ? 565 HOH A O   1 
HETATM 1204 O  O   . HOH C 3 .   ? -1.610  -18.129 -11.920 1.00 60.11 ? 566 HOH A O   1 
HETATM 1205 O  O   . HOH C 3 .   ? 9.071   -7.777  6.560   0.33 49.35 ? 567 HOH A O   1 
HETATM 1206 O  O   . HOH C 3 .   ? -6.846  11.374  -4.437  1.00 30.79 ? 568 HOH A O   1 
HETATM 1207 O  O   . HOH C 3 .   ? 7.373   -5.110  6.609   1.00 29.33 ? 569 HOH A O   1 
HETATM 1208 O  O   . HOH C 3 .   ? -7.985  8.502   7.102   1.00 29.08 ? 570 HOH A O   1 
HETATM 1209 O  O   . HOH C 3 .   ? -10.383 5.750   13.599  1.00 60.14 ? 571 HOH A O   1 
HETATM 1210 O  O   . HOH C 3 .   ? -9.130  0.246   13.020  1.00 31.48 ? 572 HOH A O   1 
HETATM 1211 O  O   . HOH C 3 .   ? -6.304  10.177  5.936   1.00 54.24 ? 573 HOH A O   1 
HETATM 1212 O  O   . HOH C 3 .   ? 1.127   14.981  -1.478  1.00 39.68 ? 574 HOH A O   1 
HETATM 1213 O  O   . HOH C 3 .   ? 2.706   15.010  18.208  1.00 63.31 ? 575 HOH A O   1 
HETATM 1214 O  O   . HOH C 3 .   ? 18.672  16.725  8.035   1.00 59.77 ? 576 HOH A O   1 
HETATM 1215 O  O   . HOH C 3 .   ? 11.730  1.870   -16.588 1.00 57.79 ? 577 HOH A O   1 
HETATM 1216 O  O   . HOH C 3 .   ? -10.336 9.425   -5.183  1.00 36.24 ? 578 HOH A O   1 
HETATM 1217 O  O   . HOH C 3 .   ? 7.632   14.082  -14.081 1.00 48.66 ? 579 HOH A O   1 
HETATM 1218 O  O   . HOH C 3 .   ? 14.507  16.353  -9.364  1.00 56.34 ? 580 HOH A O   1 
HETATM 1219 O  O   . HOH C 3 .   ? 4.818   -0.648  -16.332 1.00 44.22 ? 581 HOH A O   1 
HETATM 1220 O  O   . HOH C 3 .   ? 4.757   16.619  0.125   1.00 31.20 ? 582 HOH A O   1 
HETATM 1221 O  O   . HOH C 3 .   ? -13.973 -3.440  1.048   1.00 31.28 ? 583 HOH A O   1 
HETATM 1222 O  O   . HOH C 3 .   ? 13.524  1.739   -1.210  1.00 32.45 ? 584 HOH A O   1 
HETATM 1223 O  O   . HOH C 3 .   ? 9.324   -15.762 -4.518  1.00 41.17 ? 585 HOH A O   1 
HETATM 1224 O  O   . HOH C 3 .   ? -14.879 2.449   0.205   1.00 61.20 ? 586 HOH A O   1 
HETATM 1225 O  O   . HOH C 3 .   ? 0.836   13.550  16.996  1.00 52.36 ? 587 HOH A O   1 
HETATM 1226 O  O   . HOH C 3 .   ? 13.538  13.275  -12.298 1.00 33.31 ? 588 HOH A O   1 
HETATM 1227 O  O   . HOH C 3 .   ? -6.111  -12.567 -11.911 1.00 38.09 ? 589 HOH A O   1 
HETATM 1228 O  O   . HOH C 3 .   ? -13.154 -18.265 -13.283 1.00 30.62 ? 590 HOH A O   1 
HETATM 1229 O  O   . HOH C 3 .   ? -5.368  12.530  -8.605  1.00 41.38 ? 591 HOH A O   1 
HETATM 1230 O  O   . HOH C 3 .   ? 7.887   3.933   5.589   1.00 14.37 ? 592 HOH A O   1 
HETATM 1231 O  O   . HOH C 3 .   ? 18.621  19.217  7.023   1.00 54.98 ? 593 HOH A O   1 
HETATM 1232 O  O   . HOH C 3 .   ? 8.872   17.476  20.398  1.00 64.52 ? 594 HOH A O   1 
HETATM 1233 O  O   . HOH C 3 .   ? -16.499 -5.019  1.102   1.00 64.85 ? 595 HOH A O   1 
HETATM 1234 O  O   . HOH C 3 .   ? 10.872  16.744  12.735  1.00 60.48 ? 596 HOH A O   1 
HETATM 1235 O  O   . HOH C 3 .   ? 17.067  4.510   -3.350  1.00 37.26 ? 597 HOH A O   1 
HETATM 1236 O  O   . HOH C 3 .   ? 8.500   -3.910  -17.444 1.00 54.88 ? 598 HOH A O   1 
HETATM 1237 O  O   . HOH C 3 .   ? 0.726   10.807  18.794  1.00 58.61 ? 599 HOH A O   1 
HETATM 1238 O  O   . HOH C 3 .   ? -13.008 7.886   2.384   1.00 38.28 ? 600 HOH A O   1 
HETATM 1239 O  O   . HOH C 3 .   ? -9.440  -16.451 -14.419 1.00 53.93 ? 601 HOH A O   1 
HETATM 1240 O  O   . HOH C 3 .   ? 7.149   3.589   2.950   1.00 15.38 ? 602 HOH A O   1 
HETATM 1241 O  O   . HOH C 3 .   ? 7.660   16.346  18.113  1.00 50.06 ? 603 HOH A O   1 
HETATM 1242 O  O   . HOH C 3 .   ? 11.203  13.265  13.866  1.00 31.37 ? 604 HOH A O   1 
HETATM 1243 O  O   . HOH C 3 .   ? -11.863 6.351   4.285   1.00 31.25 ? 605 HOH A O   1 
HETATM 1244 O  O   . HOH C 3 .   ? 4.593   10.926  18.867  1.00 52.26 ? 606 HOH A O   1 
HETATM 1245 O  O   . HOH C 3 .   ? -11.966 4.821   -6.155  1.00 33.98 ? 607 HOH A O   1 
HETATM 1246 O  O   . HOH C 3 .   ? -0.845  -16.459 -9.910  1.00 37.01 ? 608 HOH A O   1 
HETATM 1247 O  O   . HOH C 3 .   ? 0.793   14.749  13.118  1.00 65.33 ? 609 HOH A O   1 
HETATM 1248 O  O   . HOH C 3 .   ? 5.711   19.058  -0.080  1.00 47.34 ? 610 HOH A O   1 
HETATM 1249 O  O   . HOH C 3 .   ? -13.707 -8.204  6.545   1.00 34.36 ? 611 HOH A O   1 
HETATM 1250 O  O   . HOH C 3 .   ? 13.051  -1.506  -14.208 1.00 70.03 ? 612 HOH A O   1 
HETATM 1251 O  O   . HOH C 3 .   ? -11.405 -27.050 23.080  1.00 65.61 ? 613 HOH A O   1 
HETATM 1252 O  O   . HOH C 3 .   ? 12.008  16.814  -10.393 1.00 36.13 ? 614 HOH A O   1 
HETATM 1253 O  O   . HOH C 3 .   ? 2.542   17.062  1.700   1.00 50.10 ? 615 HOH A O   1 
HETATM 1254 O  O   . HOH C 3 .   ? -13.692 -17.588 24.322  1.00 35.43 ? 616 HOH A O   1 
HETATM 1255 O  O   . HOH C 3 .   ? 6.801   19.819  -12.326 1.00 33.15 ? 617 HOH A O   1 
HETATM 1256 O  O   . HOH C 3 .   ? -7.283  12.347  8.432   1.00 55.48 ? 618 HOH A O   1 
HETATM 1257 O  O   . HOH C 3 .   ? -2.097  -8.326  -16.406 1.00 53.43 ? 619 HOH A O   1 
HETATM 1258 O  O   . HOH C 3 .   ? -13.086 -15.620 -12.574 1.00 54.57 ? 620 HOH A O   1 
HETATM 1259 O  O   . HOH C 3 .   ? -1.603  13.190  3.989   1.00 55.82 ? 621 HOH A O   1 
HETATM 1260 O  O   . HOH C 3 .   ? -12.053 3.646   4.321   1.00 38.89 ? 622 HOH A O   1 
HETATM 1261 O  O   . HOH C 3 .   ? 17.185  20.238  15.595  1.00 62.73 ? 623 HOH A O   1 
HETATM 1262 O  O   . HOH C 3 .   ? 12.775  8.457   -8.550  1.00 44.95 ? 624 HOH A O   1 
HETATM 1263 O  O   . HOH C 3 .   ? 10.188  -15.561 -9.263  1.00 51.50 ? 625 HOH A O   1 
HETATM 1264 O  O   . HOH C 3 .   ? -7.047  10.328  -8.968  1.00 35.63 ? 626 HOH A O   1 
HETATM 1265 O  O   . HOH C 3 .   ? 8.758   -14.083 -2.517  1.00 28.54 ? 627 HOH A O   1 
HETATM 1266 O  O   . HOH C 3 .   ? 4.941   -17.432 -6.550  1.00 50.02 ? 628 HOH A O   1 
HETATM 1267 O  O   . HOH C 3 .   ? 3.206   14.721  4.121   1.00 41.68 ? 629 HOH A O   1 
HETATM 1268 O  O   . HOH C 3 .   ? -10.266 11.907  0.791   1.00 49.19 ? 630 HOH A O   1 
HETATM 1269 O  O   . HOH C 3 .   ? -12.842 -3.648  3.611   1.00 42.64 ? 631 HOH A O   1 
HETATM 1270 O  O   . HOH C 3 .   ? 15.775  14.304  -10.520 1.00 69.84 ? 632 HOH A O   1 
HETATM 1271 O  O   . HOH C 3 .   ? 20.394  0.663   -6.900  1.00 52.15 ? 633 HOH A O   1 
HETATM 1272 O  O   . HOH C 3 .   ? 17.626  1.625   -8.267  1.00 61.84 ? 634 HOH A O   1 
HETATM 1273 O  O   . HOH C 3 .   ? 6.362   17.779  11.071  1.00 31.29 ? 635 HOH A O   1 
HETATM 1274 O  O   . HOH C 3 .   ? -13.444 -1.082  -9.661  1.00 56.42 ? 636 HOH A O   1 
HETATM 1275 O  O   . HOH C 3 .   ? -1.130  0.804   -16.235 1.00 35.36 ? 637 HOH A O   1 
HETATM 1276 O  O   . HOH C 3 .   ? -13.603 -4.043  -10.936 1.00 50.54 ? 638 HOH A O   1 
HETATM 1277 O  O   . HOH C 3 .   ? -12.585 -9.667  -5.656  1.00 52.68 ? 639 HOH A O   1 
HETATM 1278 O  O   . HOH C 3 .   ? 9.948   18.330  -9.459  1.00 34.79 ? 640 HOH A O   1 
HETATM 1279 O  O   . HOH C 3 .   ? 6.673   -4.978  9.044   1.00 52.35 ? 641 HOH A O   1 
HETATM 1280 O  O   . HOH C 3 .   ? -5.180  -5.568  -18.464 1.00 43.02 ? 642 HOH A O   1 
HETATM 1281 O  O   . HOH C 3 .   ? 13.474  0.735   -10.150 1.00 43.71 ? 643 HOH A O   1 
HETATM 1282 O  O   . HOH C 3 .   ? 10.950  -13.008 -1.456  1.00 38.07 ? 644 HOH A O   1 
HETATM 1283 O  O   . HOH C 3 .   ? 13.776  19.819  6.982   1.00 37.21 ? 645 HOH A O   1 
HETATM 1284 O  O   . HOH C 3 .   ? -16.899 0.381   -3.428  1.00 35.38 ? 646 HOH A O   1 
HETATM 1285 O  O   . HOH C 3 .   ? -10.146 -10.861 -5.887  1.00 47.91 ? 647 HOH A O   1 
HETATM 1286 O  O   . HOH C 3 .   ? 0.064   19.070  10.631  1.00 67.63 ? 648 HOH A O   1 
HETATM 1287 O  O   . HOH C 3 .   ? 9.577   20.147  -11.444 1.00 47.58 ? 649 HOH A O   1 
HETATM 1288 O  O   . HOH C 3 .   ? 0.004   13.246  6.167   1.00 47.72 ? 650 HOH A O   1 
HETATM 1289 O  O   . HOH C 3 .   ? 18.927  3.463   -5.461  1.00 61.23 ? 651 HOH A O   1 
HETATM 1290 O  O   . HOH C 3 .   ? 9.645   -9.266  1.998   1.00 37.39 ? 652 HOH A O   1 
HETATM 1291 O  O   . HOH C 3 .   ? 4.202   13.055  -15.144 1.00 46.71 ? 653 HOH A O   1 
HETATM 1292 O  O   . HOH C 3 .   ? -14.782 -15.088 -10.593 1.00 62.91 ? 654 HOH A O   1 
HETATM 1293 O  O   . HOH C 3 .   ? 11.395  -10.237 -11.891 1.00 60.32 ? 655 HOH A O   1 
HETATM 1294 O  O   . HOH C 3 .   ? 2.155   20.543  9.883   1.00 66.41 ? 656 HOH A O   1 
HETATM 1295 O  O   . HOH C 3 .   ? 7.603   -15.327 -0.186  1.00 43.25 ? 657 HOH A O   1 
HETATM 1296 O  O   . HOH C 3 .   ? -8.545  13.532  -2.325  1.00 46.85 ? 658 HOH A O   1 
HETATM 1297 O  O   . HOH C 3 .   ? -11.731 -11.738 -2.869  1.00 60.95 ? 659 HOH A O   1 
HETATM 1298 O  O   . HOH C 3 .   ? -10.111 -13.592 -12.749 1.00 57.23 ? 660 HOH A O   1 
HETATM 1299 O  O   . HOH C 3 .   ? 15.622  -1.112  -12.974 1.00 59.99 ? 661 HOH A O   1 
HETATM 1300 O  O   . HOH C 3 .   ? -10.369 -3.527  20.479  1.00 46.94 ? 662 HOH A O   1 
HETATM 1301 O  O   . HOH C 3 .   ? -15.350 0.408   -7.903  1.00 70.44 ? 663 HOH A O   1 
HETATM 1302 O  O   . HOH C 3 .   ? -10.516 -29.385 20.860  1.00 50.14 ? 664 HOH A O   1 
HETATM 1303 O  O   . HOH C 3 .   ? -2.503  -15.637 -13.958 1.00 68.48 ? 665 HOH A O   1 
HETATM 1304 O  O   . HOH C 3 .   ? -10.973 6.795   -4.138  1.00 45.57 ? 666 HOH A O   1 
HETATM 1305 O  O   . HOH C 3 .   ? 9.009   18.145  11.620  1.00 68.66 ? 667 HOH A O   1 
HETATM 1306 O  O   . HOH C 3 .   ? -12.850 -15.037 -8.731  1.00 44.98 ? 668 HOH A O   1 
HETATM 1307 O  O   . HOH C 3 .   ? -3.847  10.456  6.465   1.00 51.14 ? 669 HOH A O   1 
HETATM 1308 O  O   . HOH C 3 .   ? 2.519   14.160  15.028  1.00 49.09 ? 670 HOH A O   1 
HETATM 1309 O  O   . HOH C 3 .   ? -11.814 -8.971  -14.594 1.00 55.57 ? 671 HOH A O   1 
HETATM 1310 O  O   . HOH C 3 .   ? -14.836 -0.115  5.686   1.00 44.51 ? 672 HOH A O   1 
HETATM 1311 O  O   . HOH C 3 .   ? -12.464 -10.019 -1.095  1.00 52.49 ? 673 HOH A O   1 
HETATM 1312 O  O   . HOH C 3 .   ? -13.925 5.987   -0.007  1.00 43.34 ? 674 HOH A O   1 
HETATM 1313 O  O   . HOH C 3 .   ? 13.744  0.934   -14.798 1.00 60.48 ? 675 HOH A O   1 
HETATM 1314 O  O   . HOH C 3 .   ? -12.622 -1.219  -15.508 1.00 61.26 ? 676 HOH A O   1 
HETATM 1315 O  O   . HOH C 3 .   ? -12.456 9.613   -6.845  1.00 52.44 ? 677 HOH A O   1 
HETATM 1316 O  O   . HOH C 3 .   ? 4.112   -9.473  -18.240 1.00 64.71 ? 678 HOH A O   1 
HETATM 1317 O  O   . HOH C 3 .   ? -12.996 7.115   -2.259  1.00 50.39 ? 679 HOH A O   1 
HETATM 1318 O  O   . HOH C 3 .   ? -13.200 9.463   5.110   1.00 66.48 ? 680 HOH A O   1 
HETATM 1319 O  O   . HOH C 3 .   ? -13.140 6.606   -7.824  1.00 47.22 ? 681 HOH A O   1 
HETATM 1320 O  O   . HOH C 3 .   ? 9.523   -6.249  -12.385 1.00 48.95 ? 682 HOH A O   1 
HETATM 1321 O  O   . HOH C 3 .   ? -15.277 -7.404  9.135   1.00 43.99 ? 683 HOH A O   1 
HETATM 1322 O  O   . HOH C 3 .   ? 17.207  15.874  -6.641  1.00 67.43 ? 684 HOH A O   1 
HETATM 1323 O  O   . HOH C 3 .   ? -10.363 -23.967 23.827  1.00 68.33 ? 685 HOH A O   1 
HETATM 1324 O  O   . HOH C 3 .   ? 10.323  18.047  -6.326  1.00 57.35 ? 686 HOH A O   1 
HETATM 1325 O  O   . HOH C 3 .   ? 4.513   -11.004 -13.961 1.00 48.86 ? 687 HOH A O   1 
HETATM 1326 O  O   . HOH C 3 .   ? -0.496  -1.632  -17.571 1.00 46.86 ? 688 HOH A O   1 
HETATM 1327 O  O   . HOH C 3 .   ? 14.645  1.670   -12.276 1.00 63.12 ? 689 HOH A O   1 
HETATM 1328 O  O   . HOH C 3 .   ? 21.737  3.927   -5.790  1.00 65.09 ? 690 HOH A O   1 
HETATM 1329 O  O   . HOH C 3 .   ? -15.703 -8.746  11.424  1.00 50.12 ? 691 HOH A O   1 
HETATM 1330 O  O   . HOH C 3 .   ? 4.548   14.765  6.450   1.00 54.56 ? 692 HOH A O   1 
HETATM 1331 O  O   . HOH C 3 .   ? -2.307  8.693   9.790   1.00 56.99 ? 693 HOH A O   1 
HETATM 1332 O  O   . HOH C 3 .   ? 15.736  18.213  7.842   1.00 44.71 ? 694 HOH A O   1 
HETATM 1333 O  O   . HOH C 3 .   ? -11.445 9.174   -1.682  1.00 59.13 ? 695 HOH A O   1 
HETATM 1334 O  O   . HOH C 3 .   ? 9.030   -8.625  -13.669 1.00 63.59 ? 696 HOH A O   1 
HETATM 1335 O  O   . HOH C 3 .   ? 9.272   -18.317 -6.564  1.00 56.38 ? 697 HOH A O   1 
HETATM 1336 O  O   . HOH C 3 .   ? -7.073  -16.574 -12.993 1.00 49.07 ? 698 HOH A O   1 
HETATM 1337 O  O   . HOH C 3 .   ? -16.279 -10.891 -2.992  1.00 54.77 ? 699 HOH A O   1 
HETATM 1338 O  O   . HOH C 3 .   ? 10.890  21.272  -13.517 1.00 64.48 ? 700 HOH A O   1 
HETATM 1339 O  O   . HOH C 3 .   ? 14.403  10.821  -11.437 1.00 48.01 ? 701 HOH A O   1 
HETATM 1340 O  O   . HOH C 3 .   ? 3.529   17.196  -12.284 1.00 52.98 ? 702 HOH A O   1 
HETATM 1341 O  O   . HOH C 3 .   ? -5.561  -15.539 -14.840 1.00 48.20 ? 703 HOH A O   1 
HETATM 1342 O  O   . HOH C 3 .   ? -14.452 9.276   -3.196  1.00 52.66 ? 704 HOH A O   1 
HETATM 1343 O  O   . HOH C 3 .   ? -9.138  -7.964  -16.953 1.00 50.21 ? 705 HOH A O   1 
HETATM 1344 O  O   . HOH C 3 .   ? 2.035   -19.799 -4.428  1.00 56.22 ? 706 HOH A O   1 
HETATM 1345 O  O   . HOH C 3 .   ? -13.716 4.179   -4.201  1.00 60.64 ? 707 HOH A O   1 
HETATM 1346 O  O   . HOH C 3 .   ? 15.775  12.155  6.625   1.00 67.53 ? 708 HOH A O   1 
HETATM 1347 O  O   . HOH C 3 .   ? 3.097   20.581  1.487   1.00 68.32 ? 709 HOH A O   1 
HETATM 1348 O  O   . HOH C 3 .   ? -7.606  9.427   10.176  1.00 62.79 ? 710 HOH A O   1 
HETATM 1349 O  O   . HOH C 3 .   ? 2.404   20.816  17.546  1.00 52.48 ? 711 HOH A O   1 
HETATM 1350 O  O   . HOH C 3 .   ? 16.060  17.452  15.453  1.00 40.92 ? 712 HOH A O   1 
HETATM 1351 O  O   . HOH C 3 .   ? 6.799   15.791  7.022   1.00 55.38 ? 713 HOH A O   1 
HETATM 1352 O  O   . HOH C 3 .   ? 18.023  15.401  -0.435  1.00 54.99 ? 714 HOH A O   1 
HETATM 1353 O  O   . HOH C 3 .   ? -3.708  7.534   -17.273 1.00 56.18 ? 715 HOH A O   1 
HETATM 1354 O  O   . HOH C 3 .   ? -4.721  -7.955  -15.873 1.00 53.13 ? 716 HOH A O   1 
HETATM 1355 O  O   . HOH C 3 .   ? -14.962 2.711   -2.424  1.00 53.71 ? 717 HOH A O   1 
HETATM 1356 O  O   . HOH C 3 .   ? -13.160 -21.273 24.540  1.00 44.15 ? 718 HOH A O   1 
HETATM 1357 O  O   . HOH C 3 .   ? -13.271 -28.912 22.217  1.00 65.12 ? 719 HOH A O   1 
HETATM 1358 O  O   . HOH C 3 .   ? 9.993   20.469  7.336   1.00 51.53 ? 720 HOH A O   1 
HETATM 1359 O  O   . HOH C 3 .   ? -10.780 11.273  -3.062  1.00 55.15 ? 721 HOH A O   1 
HETATM 1360 O  O   . HOH C 3 .   ? -6.968  -15.644 -17.427 1.00 57.49 ? 722 HOH A O   1 
HETATM 1361 O  O   . HOH C 3 .   ? 1.850   0.420   -18.763 1.00 59.68 ? 723 HOH A O   1 
HETATM 1362 O  O   . HOH C 3 .   ? -14.534 10.367  7.310   1.00 57.05 ? 724 HOH A O   1 
HETATM 1363 O  O   . HOH C 3 .   ? 2.845   14.946  -13.809 1.00 55.00 ? 725 HOH A O   1 
HETATM 1364 O  O   . HOH C 3 .   ? 19.751  19.644  15.213  1.00 59.14 ? 726 HOH A O   1 
HETATM 1365 O  O   . HOH C 3 .   ? 3.148   18.576  19.266  1.00 65.89 ? 727 HOH A O   1 
HETATM 1366 O  O   . HOH C 3 .   ? -14.994 2.236   -5.620  1.00 54.49 ? 728 HOH A O   1 
HETATM 1367 O  O   . HOH C 3 .   ? 8.964   19.866  -4.809  1.00 55.38 ? 729 HOH A O   1 
HETATM 1368 O  O   . HOH C 3 .   ? 12.226  -5.789  -10.685 1.00 60.29 ? 730 HOH A O   1 
HETATM 1369 O  O   . HOH C 3 .   ? 5.393   -17.788 -9.131  1.00 63.86 ? 731 HOH A O   1 
HETATM 1370 O  O   . HOH C 3 .   ? -17.166 -8.091  14.354  1.00 53.13 ? 732 HOH A O   1 
HETATM 1371 O  O   . HOH C 3 .   ? -3.549  3.530   -15.939 1.00 51.57 ? 733 HOH A O   1 
HETATM 1372 O  O   . HOH C 3 .   ? -4.310  -13.870 -13.343 1.00 68.71 ? 734 HOH A O   1 
HETATM 1373 O  O   . HOH C 3 .   ? 5.648   -15.595 -10.796 1.00 58.61 ? 735 HOH A O   1 
HETATM 1374 O  O   . HOH C 3 .   ? 4.992   16.191  18.516  1.00 67.43 ? 736 HOH A O   1 
HETATM 1375 O  O   . HOH C 3 .   ? -14.628 6.654   -5.726  1.00 63.96 ? 737 HOH A O   1 
HETATM 1376 O  O   . HOH C 3 .   ? 14.895  9.869   -8.083  1.00 55.39 ? 738 HOH A O   1 
HETATM 1377 O  O   . HOH C 3 .   ? -4.550  13.041  14.324  1.00 59.74 ? 739 HOH A O   1 
HETATM 1378 O  O   . HOH C 3 .   ? -13.384 4.120   1.884   1.00 63.87 ? 740 HOH A O   1 
HETATM 1379 O  O   . HOH C 3 .   ? -6.562  -8.546  -17.692 1.00 69.99 ? 741 HOH A O   1 
HETATM 1380 O  O   . HOH C 3 .   ? 2.417   -2.367  -19.998 1.00 63.14 ? 742 HOH A O   1 
HETATM 1381 O  O   . HOH C 3 .   ? 0.403   -21.164 -2.019  1.00 63.66 ? 743 HOH A O   1 
HETATM 1382 O  O   . HOH C 3 .   ? -6.350  4.489   -14.853 1.00 57.55 ? 744 HOH A O   1 
HETATM 1383 O  O   . HOH C 3 .   ? -12.363 3.345   12.235  1.00 57.52 ? 745 HOH A O   1 
HETATM 1384 O  O   . HOH C 3 .   ? 7.360   -17.898 -1.678  1.00 60.94 ? 746 HOH A O   1 
HETATM 1385 O  O   . HOH C 3 .   ? 4.126   -21.046 0.120   1.00 45.53 ? 747 HOH A O   1 
HETATM 1386 O  O   . HOH C 3 .   ? -14.511 3.443   5.498   1.00 69.87 ? 748 HOH A O   1 
HETATM 1387 O  O   . HOH C 3 .   ? -0.914  16.410  -0.630  1.00 54.66 ? 749 HOH A O   1 
HETATM 1388 O  O   . HOH C 3 .   ? 0.084   19.121  13.474  1.00 63.67 ? 750 HOH A O   1 
HETATM 1389 O  O   . HOH C 3 .   ? 25.131  16.914  10.715  1.00 70.44 ? 751 HOH A O   1 
HETATM 1390 O  O   . HOH C 3 .   ? -8.685  -22.897 25.617  1.00 54.12 ? 752 HOH A O   1 
HETATM 1391 O  O   . HOH C 3 .   ? 10.856  21.178  -3.511  1.00 65.29 ? 753 HOH A O   1 
HETATM 1392 O  O   . HOH C 3 .   ? 13.531  16.315  -5.413  1.00 59.93 ? 754 HOH A O   1 
HETATM 1393 O  O   . HOH C 3 .   ? 23.637  16.889  8.570   1.00 57.44 ? 755 HOH A O   1 
HETATM 1394 O  O   . HOH C 3 .   ? -16.967 -0.413  -5.934  1.00 62.83 ? 756 HOH A O   1 
HETATM 1395 O  O   . HOH C 3 .   ? -9.395  10.630  5.274   1.00 62.06 ? 757 HOH A O   1 
HETATM 1396 O  O   . HOH C 3 .   ? -15.309 -20.067 25.088  1.00 59.87 ? 758 HOH A O   1 
HETATM 1397 O  O   . HOH C 3 .   ? -14.916 -10.342 -6.578  1.00 64.46 ? 759 HOH A O   1 
HETATM 1398 O  O   . HOH C 3 .   ? 8.079   20.872  -2.526  1.00 63.33 ? 760 HOH A O   1 
# 
